data_2FMU
# 
_entry.id   2FMU 
# 
_audit_conform.dict_name       mmcif_pdbx.dic 
_audit_conform.dict_version    5.379 
_audit_conform.dict_location   http://mmcif.pdb.org/dictionaries/ascii/mmcif_pdbx.dic 
# 
loop_
_database_2.database_id 
_database_2.database_code 
_database_2.pdbx_database_accession 
_database_2.pdbx_DOI 
PDB   2FMU         pdb_00002fmu 10.2210/pdb2fmu/pdb 
RCSB  RCSB036064   ?            ?                   
WWPDB D_1000036064 ?            ?                   
# 
_pdbx_database_related.db_name        TargetDB 
_pdbx_database_related.db_id          358966 
_pdbx_database_related.details        . 
_pdbx_database_related.content_type   unspecified 
# 
_pdbx_database_status.SG_entry                        Y 
_pdbx_database_status.entry_id                        2FMU 
_pdbx_database_status.deposit_site                    RCSB 
_pdbx_database_status.process_site                    RCSB 
_pdbx_database_status.recvd_initial_deposition_date   2006-01-09 
_pdbx_database_status.status_code                     REL 
_pdbx_database_status.status_code_sf                  REL 
_pdbx_database_status.status_code_mr                  ? 
_pdbx_database_status.status_code_cs                  ? 
_pdbx_database_status.pdb_format_compatible           Y 
_pdbx_database_status.methods_development_category    ? 
_pdbx_database_status.status_code_nmr_data            ? 
# 
_audit_author.name           'Joint Center for Structural Genomics (JCSG)' 
_audit_author.pdbx_ordinal   1 
# 
_citation.id                        primary 
_citation.title                     
;Crystal structure of Tat-interacting protein 30 kDa (HIV-1 tat interactive protein 2, 30 kDa Homolog) (Human) (16924205) from Mus musculus at 2.30 A resolution
;
_citation.journal_abbrev            'To be published' 
_citation.journal_volume            ? 
_citation.page_first                ? 
_citation.page_last                 ? 
_citation.year                      ? 
_citation.journal_id_ASTM           ? 
_citation.country                   ? 
_citation.journal_id_ISSN           ? 
_citation.journal_id_CSD            0353 
_citation.book_publisher            ? 
_citation.pdbx_database_id_PubMed   ? 
_citation.pdbx_database_id_DOI      ? 
# 
_citation_author.citation_id        primary 
_citation_author.name               'Joint Center for Structural Genomics (JCSG)' 
_citation_author.ordinal            1 
_citation_author.identifier_ORCID   ? 
# 
_cell.entry_id           2FMU 
_cell.length_a           56.628 
_cell.length_b           56.628 
_cell.length_c           160.860 
_cell.angle_alpha        90.000 
_cell.angle_beta         90.000 
_cell.angle_gamma        90.000 
_cell.pdbx_unique_axis   ? 
_cell.Z_PDB              8 
_cell.length_a_esd       ? 
_cell.length_b_esd       ? 
_cell.length_c_esd       ? 
_cell.angle_alpha_esd    ? 
_cell.angle_beta_esd     ? 
_cell.angle_gamma_esd    ? 
# 
_symmetry.Int_Tables_number                92 
_symmetry.space_group_name_H-M             'P 41 21 2' 
_symmetry.entry_id                         2FMU 
_symmetry.pdbx_full_space_group_name_H-M   ? 
_symmetry.cell_setting                     ? 
_symmetry.space_group_name_Hall            ? 
# 
loop_
_entity.id 
_entity.type 
_entity.src_method 
_entity.pdbx_description 
_entity.formula_weight 
_entity.pdbx_number_of_molecules 
_entity.pdbx_ec 
_entity.pdbx_mutation 
_entity.pdbx_fragment 
_entity.details 
1 polymer     man 'HIV-1 tat interactive protein 2, 30 kDa homolog' 27723.887 1  ? ? ? ? 
2 non-polymer syn 1,2-ETHANEDIOL                                    62.068    1  ? ? ? ? 
3 water       nat water                                             18.015    49 ? ? ? ? 
# 
_entity_poly.entity_id                      1 
_entity_poly.type                           'polypeptide(L)' 
_entity_poly.nstd_linkage                   no 
_entity_poly.nstd_monomer                   no 
_entity_poly.pdbx_seq_one_letter_code       
;MGSDKIHHHHHHLPKLREDFKMQNKSVFILGASGETGKVLLKEILGQNLFSKVTLIGRRKLTFEEEAYKNVNQEVVDFEK
LDVYASAFQGHDVGFCCLGTTRSKAGAEGFVRVDRDYVLKSAELAKAGGCKHFNLLSSRGADKSSSFLYLQVKGEVEAKV
EELKFDRLSVFRPGVLLCDRQESRPGEWLARKFFGSLPDSWASGYAVPVVTVVRAMLNNLVSPSSGQMELLENKAILHLG
KDRDVPKL
;
_entity_poly.pdbx_seq_one_letter_code_can   
;MGSDKIHHHHHHLPKLREDFKMQNKSVFILGASGETGKVLLKEILGQNLFSKVTLIGRRKLTFEEEAYKNVNQEVVDFEK
LDVYASAFQGHDVGFCCLGTTRSKAGAEGFVRVDRDYVLKSAELAKAGGCKHFNLLSSRGADKSSSFLYLQVKGEVEAKV
EELKFDRLSVFRPGVLLCDRQESRPGEWLARKFFGSLPDSWASGYAVPVVTVVRAMLNNLVSPSSGQMELLENKAILHLG
KDRDVPKL
;
_entity_poly.pdbx_strand_id                 A 
_entity_poly.pdbx_target_identifier         358966 
# 
loop_
_entity_poly_seq.entity_id 
_entity_poly_seq.num 
_entity_poly_seq.mon_id 
_entity_poly_seq.hetero 
1 1   MET n 
1 2   GLY n 
1 3   SER n 
1 4   ASP n 
1 5   LYS n 
1 6   ILE n 
1 7   HIS n 
1 8   HIS n 
1 9   HIS n 
1 10  HIS n 
1 11  HIS n 
1 12  HIS n 
1 13  LEU n 
1 14  PRO n 
1 15  LYS n 
1 16  LEU n 
1 17  ARG n 
1 18  GLU n 
1 19  ASP n 
1 20  PHE n 
1 21  LYS n 
1 22  MET n 
1 23  GLN n 
1 24  ASN n 
1 25  LYS n 
1 26  SER n 
1 27  VAL n 
1 28  PHE n 
1 29  ILE n 
1 30  LEU n 
1 31  GLY n 
1 32  ALA n 
1 33  SER n 
1 34  GLY n 
1 35  GLU n 
1 36  THR n 
1 37  GLY n 
1 38  LYS n 
1 39  VAL n 
1 40  LEU n 
1 41  LEU n 
1 42  LYS n 
1 43  GLU n 
1 44  ILE n 
1 45  LEU n 
1 46  GLY n 
1 47  GLN n 
1 48  ASN n 
1 49  LEU n 
1 50  PHE n 
1 51  SER n 
1 52  LYS n 
1 53  VAL n 
1 54  THR n 
1 55  LEU n 
1 56  ILE n 
1 57  GLY n 
1 58  ARG n 
1 59  ARG n 
1 60  LYS n 
1 61  LEU n 
1 62  THR n 
1 63  PHE n 
1 64  GLU n 
1 65  GLU n 
1 66  GLU n 
1 67  ALA n 
1 68  TYR n 
1 69  LYS n 
1 70  ASN n 
1 71  VAL n 
1 72  ASN n 
1 73  GLN n 
1 74  GLU n 
1 75  VAL n 
1 76  VAL n 
1 77  ASP n 
1 78  PHE n 
1 79  GLU n 
1 80  LYS n 
1 81  LEU n 
1 82  ASP n 
1 83  VAL n 
1 84  TYR n 
1 85  ALA n 
1 86  SER n 
1 87  ALA n 
1 88  PHE n 
1 89  GLN n 
1 90  GLY n 
1 91  HIS n 
1 92  ASP n 
1 93  VAL n 
1 94  GLY n 
1 95  PHE n 
1 96  CYS n 
1 97  CYS n 
1 98  LEU n 
1 99  GLY n 
1 100 THR n 
1 101 THR n 
1 102 ARG n 
1 103 SER n 
1 104 LYS n 
1 105 ALA n 
1 106 GLY n 
1 107 ALA n 
1 108 GLU n 
1 109 GLY n 
1 110 PHE n 
1 111 VAL n 
1 112 ARG n 
1 113 VAL n 
1 114 ASP n 
1 115 ARG n 
1 116 ASP n 
1 117 TYR n 
1 118 VAL n 
1 119 LEU n 
1 120 LYS n 
1 121 SER n 
1 122 ALA n 
1 123 GLU n 
1 124 LEU n 
1 125 ALA n 
1 126 LYS n 
1 127 ALA n 
1 128 GLY n 
1 129 GLY n 
1 130 CYS n 
1 131 LYS n 
1 132 HIS n 
1 133 PHE n 
1 134 ASN n 
1 135 LEU n 
1 136 LEU n 
1 137 SER n 
1 138 SER n 
1 139 ARG n 
1 140 GLY n 
1 141 ALA n 
1 142 ASP n 
1 143 LYS n 
1 144 SER n 
1 145 SER n 
1 146 SER n 
1 147 PHE n 
1 148 LEU n 
1 149 TYR n 
1 150 LEU n 
1 151 GLN n 
1 152 VAL n 
1 153 LYS n 
1 154 GLY n 
1 155 GLU n 
1 156 VAL n 
1 157 GLU n 
1 158 ALA n 
1 159 LYS n 
1 160 VAL n 
1 161 GLU n 
1 162 GLU n 
1 163 LEU n 
1 164 LYS n 
1 165 PHE n 
1 166 ASP n 
1 167 ARG n 
1 168 LEU n 
1 169 SER n 
1 170 VAL n 
1 171 PHE n 
1 172 ARG n 
1 173 PRO n 
1 174 GLY n 
1 175 VAL n 
1 176 LEU n 
1 177 LEU n 
1 178 CYS n 
1 179 ASP n 
1 180 ARG n 
1 181 GLN n 
1 182 GLU n 
1 183 SER n 
1 184 ARG n 
1 185 PRO n 
1 186 GLY n 
1 187 GLU n 
1 188 TRP n 
1 189 LEU n 
1 190 ALA n 
1 191 ARG n 
1 192 LYS n 
1 193 PHE n 
1 194 PHE n 
1 195 GLY n 
1 196 SER n 
1 197 LEU n 
1 198 PRO n 
1 199 ASP n 
1 200 SER n 
1 201 TRP n 
1 202 ALA n 
1 203 SER n 
1 204 GLY n 
1 205 TYR n 
1 206 ALA n 
1 207 VAL n 
1 208 PRO n 
1 209 VAL n 
1 210 VAL n 
1 211 THR n 
1 212 VAL n 
1 213 VAL n 
1 214 ARG n 
1 215 ALA n 
1 216 MET n 
1 217 LEU n 
1 218 ASN n 
1 219 ASN n 
1 220 LEU n 
1 221 VAL n 
1 222 SER n 
1 223 PRO n 
1 224 SER n 
1 225 SER n 
1 226 GLY n 
1 227 GLN n 
1 228 MET n 
1 229 GLU n 
1 230 LEU n 
1 231 LEU n 
1 232 GLU n 
1 233 ASN n 
1 234 LYS n 
1 235 ALA n 
1 236 ILE n 
1 237 LEU n 
1 238 HIS n 
1 239 LEU n 
1 240 GLY n 
1 241 LYS n 
1 242 ASP n 
1 243 ARG n 
1 244 ASP n 
1 245 VAL n 
1 246 PRO n 
1 247 LYS n 
1 248 LEU n 
# 
_entity_src_gen.entity_id                          1 
_entity_src_gen.pdbx_src_id                        1 
_entity_src_gen.pdbx_alt_source_flag               sample 
_entity_src_gen.pdbx_seq_type                      ? 
_entity_src_gen.pdbx_beg_seq_num                   ? 
_entity_src_gen.pdbx_end_seq_num                   ? 
_entity_src_gen.gene_src_common_name               'house mouse' 
_entity_src_gen.gene_src_genus                     Mus 
_entity_src_gen.pdbx_gene_src_gene                 16924205 
_entity_src_gen.gene_src_species                   ? 
_entity_src_gen.gene_src_strain                    ? 
_entity_src_gen.gene_src_tissue                    ? 
_entity_src_gen.gene_src_tissue_fraction           ? 
_entity_src_gen.gene_src_details                   ? 
_entity_src_gen.pdbx_gene_src_fragment             ? 
_entity_src_gen.pdbx_gene_src_scientific_name      'Mus musculus' 
_entity_src_gen.pdbx_gene_src_ncbi_taxonomy_id     10090 
_entity_src_gen.pdbx_gene_src_variant              ? 
_entity_src_gen.pdbx_gene_src_cell_line            ? 
_entity_src_gen.pdbx_gene_src_atcc                 ? 
_entity_src_gen.pdbx_gene_src_organ                ? 
_entity_src_gen.pdbx_gene_src_organelle            ? 
_entity_src_gen.pdbx_gene_src_cell                 ? 
_entity_src_gen.pdbx_gene_src_cellular_location    ? 
_entity_src_gen.host_org_common_name               ? 
_entity_src_gen.pdbx_host_org_scientific_name      'Escherichia coli' 
_entity_src_gen.pdbx_host_org_ncbi_taxonomy_id     562 
_entity_src_gen.host_org_genus                     Escherichia 
_entity_src_gen.pdbx_host_org_gene                 ? 
_entity_src_gen.pdbx_host_org_organ                ? 
_entity_src_gen.host_org_species                   ? 
_entity_src_gen.pdbx_host_org_tissue               ? 
_entity_src_gen.pdbx_host_org_tissue_fraction      ? 
_entity_src_gen.pdbx_host_org_strain               ? 
_entity_src_gen.pdbx_host_org_variant              ? 
_entity_src_gen.pdbx_host_org_cell_line            ? 
_entity_src_gen.pdbx_host_org_atcc                 ? 
_entity_src_gen.pdbx_host_org_culture_collection   ? 
_entity_src_gen.pdbx_host_org_cell                 ? 
_entity_src_gen.pdbx_host_org_organelle            ? 
_entity_src_gen.pdbx_host_org_cellular_location    ? 
_entity_src_gen.pdbx_host_org_vector_type          Plasmid 
_entity_src_gen.pdbx_host_org_vector               ? 
_entity_src_gen.host_org_details                   ? 
_entity_src_gen.expression_system_id               ? 
_entity_src_gen.plasmid_name                       ? 
_entity_src_gen.plasmid_details                    ? 
_entity_src_gen.pdbx_description                   ? 
# 
_struct_ref.id                         1 
_struct_ref.db_name                    GB 
_struct_ref.db_code                    AAH17372 
_struct_ref.pdbx_db_accession          16924206 
_struct_ref.entity_id                  1 
_struct_ref.pdbx_seq_one_letter_code   
;LPKLREDFKMQNKSVFILGASGETGKVLLKEILGQNLFSKVTLIGRRKLTFEEEAYKNVNQEVVDFEKLDVYASAFQGHD
VGFCCLGTTRSKAGAEGFVRVDRDYVLKSAELAKAGGCKHFNLLSSRGADKSSSFLYLQVKGEVEAKVEELKFDRLSVFR
PGVLLCDRQESRPGEWLARKFFGSLPDSWASGYAVPVVTVVRAMLNNLVSPSSGQMELLENKAILHLGKDRDVPKL
;
_struct_ref.pdbx_align_begin           7 
_struct_ref.pdbx_db_isoform            ? 
# 
_struct_ref_seq.align_id                      1 
_struct_ref_seq.ref_id                        1 
_struct_ref_seq.pdbx_PDB_id_code              2FMU 
_struct_ref_seq.pdbx_strand_id                A 
_struct_ref_seq.seq_align_beg                 13 
_struct_ref_seq.pdbx_seq_align_beg_ins_code   ? 
_struct_ref_seq.seq_align_end                 248 
_struct_ref_seq.pdbx_seq_align_end_ins_code   ? 
_struct_ref_seq.pdbx_db_accession             16924206 
_struct_ref_seq.db_align_beg                  7 
_struct_ref_seq.pdbx_db_align_beg_ins_code    ? 
_struct_ref_seq.db_align_end                  242 
_struct_ref_seq.pdbx_db_align_end_ins_code    ? 
_struct_ref_seq.pdbx_auth_seq_align_beg       7 
_struct_ref_seq.pdbx_auth_seq_align_end       242 
# 
loop_
_struct_ref_seq_dif.align_id 
_struct_ref_seq_dif.pdbx_pdb_id_code 
_struct_ref_seq_dif.mon_id 
_struct_ref_seq_dif.pdbx_pdb_strand_id 
_struct_ref_seq_dif.seq_num 
_struct_ref_seq_dif.pdbx_pdb_ins_code 
_struct_ref_seq_dif.pdbx_seq_db_name 
_struct_ref_seq_dif.pdbx_seq_db_accession_code 
_struct_ref_seq_dif.db_mon_id 
_struct_ref_seq_dif.pdbx_seq_db_seq_num 
_struct_ref_seq_dif.details 
_struct_ref_seq_dif.pdbx_auth_seq_num 
_struct_ref_seq_dif.pdbx_ordinal 
1 2FMU MET A 1  ? GB 16924206 ? ? 'expression tag' -11 1  
1 2FMU GLY A 2  ? GB 16924206 ? ? 'expression tag' -10 2  
1 2FMU SER A 3  ? GB 16924206 ? ? 'expression tag' -9  3  
1 2FMU ASP A 4  ? GB 16924206 ? ? 'expression tag' -8  4  
1 2FMU LYS A 5  ? GB 16924206 ? ? 'expression tag' -7  5  
1 2FMU ILE A 6  ? GB 16924206 ? ? 'expression tag' -6  6  
1 2FMU HIS A 7  ? GB 16924206 ? ? 'expression tag' -5  7  
1 2FMU HIS A 8  ? GB 16924206 ? ? 'expression tag' -4  8  
1 2FMU HIS A 9  ? GB 16924206 ? ? 'expression tag' -3  9  
1 2FMU HIS A 10 ? GB 16924206 ? ? 'expression tag' -2  10 
1 2FMU HIS A 11 ? GB 16924206 ? ? 'expression tag' -1  11 
1 2FMU HIS A 12 ? GB 16924206 ? ? 'expression tag' 0   12 
# 
loop_
_chem_comp.id 
_chem_comp.type 
_chem_comp.mon_nstd_flag 
_chem_comp.name 
_chem_comp.pdbx_synonyms 
_chem_comp.formula 
_chem_comp.formula_weight 
ALA 'L-peptide linking' y ALANINE         ?                 'C3 H7 N O2'     89.093  
ARG 'L-peptide linking' y ARGININE        ?                 'C6 H15 N4 O2 1' 175.209 
ASN 'L-peptide linking' y ASPARAGINE      ?                 'C4 H8 N2 O3'    132.118 
ASP 'L-peptide linking' y 'ASPARTIC ACID' ?                 'C4 H7 N O4'     133.103 
CYS 'L-peptide linking' y CYSTEINE        ?                 'C3 H7 N O2 S'   121.158 
EDO non-polymer         . 1,2-ETHANEDIOL  'ETHYLENE GLYCOL' 'C2 H6 O2'       62.068  
GLN 'L-peptide linking' y GLUTAMINE       ?                 'C5 H10 N2 O3'   146.144 
GLU 'L-peptide linking' y 'GLUTAMIC ACID' ?                 'C5 H9 N O4'     147.129 
GLY 'peptide linking'   y GLYCINE         ?                 'C2 H5 N O2'     75.067  
HIS 'L-peptide linking' y HISTIDINE       ?                 'C6 H10 N3 O2 1' 156.162 
HOH non-polymer         . WATER           ?                 'H2 O'           18.015  
ILE 'L-peptide linking' y ISOLEUCINE      ?                 'C6 H13 N O2'    131.173 
LEU 'L-peptide linking' y LEUCINE         ?                 'C6 H13 N O2'    131.173 
LYS 'L-peptide linking' y LYSINE          ?                 'C6 H15 N2 O2 1' 147.195 
MET 'L-peptide linking' y METHIONINE      ?                 'C5 H11 N O2 S'  149.211 
PHE 'L-peptide linking' y PHENYLALANINE   ?                 'C9 H11 N O2'    165.189 
PRO 'L-peptide linking' y PROLINE         ?                 'C5 H9 N O2'     115.130 
SER 'L-peptide linking' y SERINE          ?                 'C3 H7 N O3'     105.093 
THR 'L-peptide linking' y THREONINE       ?                 'C4 H9 N O3'     119.119 
TRP 'L-peptide linking' y TRYPTOPHAN      ?                 'C11 H12 N2 O2'  204.225 
TYR 'L-peptide linking' y TYROSINE        ?                 'C9 H11 N O3'    181.189 
VAL 'L-peptide linking' y VALINE          ?                 'C5 H11 N O2'    117.146 
# 
_exptl.crystals_number   1 
_exptl.method            'X-RAY DIFFRACTION' 
_exptl.entry_id          2FMU 
# 
_exptl_crystal.id                    1 
_exptl_crystal.density_percent_sol   47.10 
_exptl_crystal.density_Matthews      2.33 
_exptl_crystal.description           ? 
_exptl_crystal.density_meas          ? 
_exptl_crystal.F_000                 ? 
_exptl_crystal.preparation           ? 
# 
_exptl_crystal_grow.crystal_id      1 
_exptl_crystal_grow.method          'VAPOR DIFFUSION, SITTING DROP, NANODROP' 
_exptl_crystal_grow.pH              9.5 
_exptl_crystal_grow.temp            277 
_exptl_crystal_grow.pdbx_details    
'20.0% PEG-8000, 0.01M spermine tetra-HCl, 0.1M CHES, pH 9.5, VAPOR DIFFUSION, SITTING DROP, NANODROP, temperature 277K' 
_exptl_crystal_grow.temp_details    ? 
_exptl_crystal_grow.pdbx_pH_range   . 
# 
_diffrn.id                     1 
_diffrn.ambient_temp           100 
_diffrn.ambient_temp_details   ? 
_diffrn.crystal_id             1 
# 
_diffrn_detector.diffrn_id              1 
_diffrn_detector.detector               CCD 
_diffrn_detector.type                   'ADSC QUANTUM 210' 
_diffrn_detector.details                'COLLIMATING MIRROR, DCM, TOROIDAL FOCUSING MIRROR' 
_diffrn_detector.pdbx_collection_date   2005-10-11 
# 
_diffrn_radiation.diffrn_id                        1 
_diffrn_radiation.pdbx_monochromatic_or_laue_m_l   M 
_diffrn_radiation.monochromator                    'Double Crystal Si(111)' 
_diffrn_radiation.pdbx_diffrn_protocol             'SINGLE WAVELENGTH' 
_diffrn_radiation.wavelength_id                    1 
_diffrn_radiation.pdbx_scattering_type             x-ray 
# 
_diffrn_radiation_wavelength.id           1 
_diffrn_radiation_wavelength.wavelength   1.01995 
_diffrn_radiation_wavelength.wt           1.0 
# 
_diffrn_source.diffrn_id                   1 
_diffrn_source.source                      SYNCHROTRON 
_diffrn_source.pdbx_synchrotron_beamline   8.3.1 
_diffrn_source.type                        'ALS BEAMLINE 8.3.1' 
_diffrn_source.pdbx_wavelength             1.01995 
_diffrn_source.pdbx_wavelength_list        1.01995 
_diffrn_source.pdbx_synchrotron_site       ALS 
# 
_reflns.entry_id                     2FMU 
_reflns.d_resolution_low             27.97 
_reflns.d_resolution_high            2.30 
_reflns.number_obs                   12397 
_reflns.percent_possible_obs         99.900 
_reflns.pdbx_Rmerge_I_obs            0.072 
_reflns.pdbx_chi_squared             ? 
_reflns.pdbx_redundancy              6.400 
_reflns.pdbx_scaling_rejects         ? 
_reflns.pdbx_netI_over_sigmaI        9.400 
_reflns.pdbx_Rsym_value              0.072 
_reflns.observed_criterion_sigma_F   ? 
_reflns.observed_criterion_sigma_I   ? 
_reflns.number_all                   ? 
_reflns.B_iso_Wilson_estimate        ? 
_reflns.R_free_details               ? 
_reflns.limit_h_max                  ? 
_reflns.limit_h_min                  ? 
_reflns.limit_k_max                  ? 
_reflns.limit_k_min                  ? 
_reflns.limit_l_max                  ? 
_reflns.limit_l_min                  ? 
_reflns.observed_criterion_F_max     ? 
_reflns.observed_criterion_F_min     ? 
_reflns.pdbx_ordinal                 1 
_reflns.pdbx_diffrn_id               1 
# 
loop_
_reflns_shell.d_res_low 
_reflns_shell.d_res_high 
_reflns_shell.number_measured_obs 
_reflns_shell.percent_possible_obs 
_reflns_shell.Rmerge_I_obs 
_reflns_shell.pdbx_chi_squared 
_reflns_shell.pdbx_redundancy 
_reflns_shell.number_unique_obs 
_reflns_shell.meanI_over_sigI_obs 
_reflns_shell.pdbx_Rsym_value 
_reflns_shell.percent_possible_all 
_reflns_shell.number_unique_all 
_reflns_shell.number_measured_all 
_reflns_shell.pdbx_ordinal 
_reflns_shell.pdbx_diffrn_id 
2.36  2.30  915 100.000 0.712 ? 5.800 ? 1.100  0.712 100.0 ? ? 1  1 
2.42  2.36  833 100.000 0.516 ? 6.500 ? 1.500  0.516 ?     ? ? 2  1 
2.49  2.42  856 100.000 0.487 ? 6.700 ? 1.600  0.487 ?     ? ? 3  1 
2.57  2.49  825 100.000 0.366 ? 6.700 ? 2.100  0.366 ?     ? ? 4  1 
2.66  2.57  784 100.000 0.306 ? 6.800 ? 2.500  0.306 ?     ? ? 5  1 
2.75  2.66  778 100.000 0.261 ? 6.500 ? 2.900  0.261 ?     ? ? 6  1 
2.85  2.75  755 100.000 0.179 ? 6.700 ? 4.200  0.179 ?     ? ? 7  1 
2.97  2.85  726 100.000 0.141 ? 6.800 ? 5.300  0.141 ?     ? ? 8  1 
3.10  2.97  692 100.000 0.115 ? 6.700 ? 6.400  0.115 ?     ? ? 9  1 
3.25  3.10  664 100.000 0.1   ? 6.600 ? 7.300  0.1   ?     ? ? 10 1 
3.43  3.25  637 100.000 0.069 ? 6.500 ? 10.200 0.069 ?     ? ? 11 1 
3.64  3.43  608 100.000 0.056 ? 6.400 ? 12.300 0.056 ?     ? ? 12 1 
3.89  3.64  571 100.000 0.049 ? 6.300 ? 13.700 0.049 ?     ? ? 13 1 
4.20  3.89  539 100.000 0.038 ? 6.300 ? 16.500 0.038 ?     ? ? 14 1 
4.60  4.20  505 100.000 0.029 ? 6.400 ? 22.900 0.029 ?     ? ? 15 1 
5.14  4.60  466 100.000 0.032 ? 6.300 ? 19.700 0.032 ?     ? ? 16 1 
5.94  5.14  407 100.000 0.048 ? 6.100 ? 13.200 0.048 ?     ? ? 17 1 
7.27  5.94  367 100.000 0.053 ? 6.000 ? 11.200 0.053 ?     ? ? 18 1 
10.29 7.27  290 100.000 0.022 ? 5.500 ? 27.600 0.022 ?     ? ? 19 1 
27.97 10.29 179 95.600  0.019 ? 4.600 ? 29.900 0.019 ?     ? ? 20 1 
# 
_refine.ls_d_res_high                            2.300 
_refine.ls_d_res_low                             27.97 
_refine.pdbx_ls_sigma_F                          0.00 
_refine.ls_percent_reflns_obs                    99.900 
_refine.ls_number_reflns_obs                     12338 
_refine.pdbx_ls_cross_valid_method               THROUGHOUT 
_refine.pdbx_R_Free_selection_details            RANDOM 
_refine.details                                  
;1. HYDROGENS HAVE BEEN ADDED IN THE RIDING POSITIONS. 2. THE ELECTRON DENSITY FOR RESIDUES 58-61, 95-97 AND 173-192 ARE VERY POOR, THEREFORE THESE RESIDUES ARE NOT INCLUDED IN THE MODEL.
;
_refine.ls_R_factor_all                          ? 
_refine.ls_R_factor_R_work                       0.203 
_refine.ls_R_factor_R_free                       0.265 
_refine.ls_percent_reflns_R_free                 4.800 
_refine.ls_number_reflns_R_free                  595 
_refine.B_iso_mean                               55.187 
_refine.aniso_B[1][1]                            0.310 
_refine.aniso_B[2][2]                            0.310 
_refine.aniso_B[3][3]                            -0.630 
_refine.aniso_B[1][2]                            0.000 
_refine.aniso_B[1][3]                            0.000 
_refine.aniso_B[2][3]                            0.000 
_refine.correlation_coeff_Fo_to_Fc               0.946 
_refine.correlation_coeff_Fo_to_Fc_free          0.916 
_refine.pdbx_overall_ESU_R                       0.268 
_refine.pdbx_overall_ESU_R_Free                  0.232 
_refine.overall_SU_ML                            0.185 
_refine.overall_SU_B                             14.829 
_refine.solvent_model_details                    'BABINET MODEL WITH MASK' 
_refine.pdbx_solvent_vdw_probe_radii             1.200 
_refine.pdbx_solvent_ion_probe_radii             0.800 
_refine.pdbx_solvent_shrinkage_radii             0.800 
_refine.pdbx_method_to_determine_struct          'MOLECULAR REPLACEMENT' 
_refine.pdbx_stereochemistry_target_values       'MAXIMUM LIKELIHOOD' 
_refine.pdbx_starting_model                      'pdb entry 2BKA' 
_refine.entry_id                                 2FMU 
_refine.ls_R_factor_obs                          0.206 
_refine.ls_number_reflns_all                     ? 
_refine.pdbx_ls_sigma_I                          ? 
_refine.ls_redundancy_reflns_obs                 ? 
_refine.pdbx_data_cutoff_high_absF               ? 
_refine.pdbx_data_cutoff_low_absF                ? 
_refine.ls_number_parameters                     ? 
_refine.ls_number_restraints                     ? 
_refine.ls_R_factor_R_free_error                 ? 
_refine.ls_R_factor_R_free_error_details         ? 
_refine.pdbx_isotropic_thermal_model             ? 
_refine.pdbx_stereochem_target_val_spec_case     ? 
_refine.solvent_model_param_bsol                 ? 
_refine.solvent_model_param_ksol                 ? 
_refine.occupancy_max                            ? 
_refine.occupancy_min                            ? 
_refine.pdbx_data_cutoff_high_rms_absF           ? 
_refine.B_iso_min                                ? 
_refine.B_iso_max                                ? 
_refine.overall_SU_R_Cruickshank_DPI             ? 
_refine.overall_SU_R_free                        ? 
_refine.ls_wR_factor_R_free                      ? 
_refine.ls_wR_factor_R_work                      ? 
_refine.overall_FOM_free_R_set                   ? 
_refine.overall_FOM_work_R_set                   ? 
_refine.pdbx_refine_id                           'X-RAY DIFFRACTION' 
_refine.pdbx_TLS_residual_ADP_flag               'LIKELY RESIDUAL' 
_refine.pdbx_diffrn_id                           1 
_refine.pdbx_overall_phase_error                 ? 
_refine.pdbx_overall_SU_R_free_Cruickshank_DPI   ? 
_refine.pdbx_overall_SU_R_Blow_DPI               ? 
_refine.pdbx_overall_SU_R_free_Blow_DPI          ? 
# 
_refine_hist.pdbx_refine_id                   'X-RAY DIFFRACTION' 
_refine_hist.cycle_id                         LAST 
_refine_hist.pdbx_number_atoms_protein        1590 
_refine_hist.pdbx_number_atoms_nucleic_acid   0 
_refine_hist.pdbx_number_atoms_ligand         4 
_refine_hist.number_atoms_solvent             49 
_refine_hist.number_atoms_total               1643 
_refine_hist.d_res_high                       2.300 
_refine_hist.d_res_low                        27.97 
# 
loop_
_refine_ls_restr.type 
_refine_ls_restr.number 
_refine_ls_restr.dev_ideal 
_refine_ls_restr.dev_ideal_target 
_refine_ls_restr.weight 
_refine_ls_restr.pdbx_refine_id 
_refine_ls_restr.pdbx_restraint_function 
r_bond_refined_d         1625 0.016  0.022  ? 'X-RAY DIFFRACTION' ? 
r_bond_other_d           1506 0.001  0.020  ? 'X-RAY DIFFRACTION' ? 
r_angle_refined_deg      2185 1.427  1.963  ? 'X-RAY DIFFRACTION' ? 
r_angle_other_deg        3479 0.786  3.000  ? 'X-RAY DIFFRACTION' ? 
r_dihedral_angle_1_deg   207  5.901  5.000  ? 'X-RAY DIFFRACTION' ? 
r_dihedral_angle_2_deg   69   36.940 23.913 ? 'X-RAY DIFFRACTION' ? 
r_dihedral_angle_3_deg   279  13.713 15.000 ? 'X-RAY DIFFRACTION' ? 
r_dihedral_angle_4_deg   9    19.869 15.000 ? 'X-RAY DIFFRACTION' ? 
r_chiral_restr           248  0.081  0.200  ? 'X-RAY DIFFRACTION' ? 
r_gen_planes_refined     1812 0.005  0.020  ? 'X-RAY DIFFRACTION' ? 
r_gen_planes_other       336  0.001  0.020  ? 'X-RAY DIFFRACTION' ? 
r_nbd_refined            294  0.218  0.200  ? 'X-RAY DIFFRACTION' ? 
r_nbd_other              1396 0.171  0.200  ? 'X-RAY DIFFRACTION' ? 
r_nbtor_refined          761  0.181  0.200  ? 'X-RAY DIFFRACTION' ? 
r_nbtor_other            981  0.083  0.200  ? 'X-RAY DIFFRACTION' ? 
r_xyhbond_nbd_refined    62   0.129  0.200  ? 'X-RAY DIFFRACTION' ? 
r_symmetry_vdw_refined   8    0.135  0.200  ? 'X-RAY DIFFRACTION' ? 
r_symmetry_vdw_other     30   0.234  0.200  ? 'X-RAY DIFFRACTION' ? 
r_symmetry_hbond_refined 3    0.128  0.200  ? 'X-RAY DIFFRACTION' ? 
r_mcbond_it              1123 2.222  3.000  ? 'X-RAY DIFFRACTION' ? 
r_mcbond_other           436  0.475  3.000  ? 'X-RAY DIFFRACTION' ? 
r_mcangle_it             1637 3.282  5.000  ? 'X-RAY DIFFRACTION' ? 
r_scbond_it              649  5.347  8.000  ? 'X-RAY DIFFRACTION' ? 
r_scangle_it             548  7.006  11.000 ? 'X-RAY DIFFRACTION' ? 
# 
_refine_ls_shell.d_res_high                       2.300 
_refine_ls_shell.d_res_low                        2.360 
_refine_ls_shell.pdbx_total_number_of_bins_used   20 
_refine_ls_shell.percent_reflns_obs               100.000 
_refine_ls_shell.number_reflns_R_work             867 
_refine_ls_shell.R_factor_all                     ? 
_refine_ls_shell.R_factor_R_work                  0.233 
_refine_ls_shell.R_factor_R_free                  0.387 
_refine_ls_shell.percent_reflns_R_free            ? 
_refine_ls_shell.number_reflns_R_free             45 
_refine_ls_shell.R_factor_R_free_error            ? 
_refine_ls_shell.number_reflns_all                912 
_refine_ls_shell.number_reflns_obs                ? 
_refine_ls_shell.redundancy_reflns_obs            ? 
_refine_ls_shell.pdbx_refine_id                   'X-RAY DIFFRACTION' 
# 
_struct.entry_id                  2FMU 
_struct.title                     
'Crystal structure of a tat-interacting protein homologue (htatip2, aw111545, cc3, tip30) from mus musculus at 2.30 A resolution' 
_struct.pdbx_model_details        ? 
_struct.pdbx_CASP_flag            ? 
_struct.pdbx_model_type_details   ? 
# 
_struct_keywords.text            
'Structural genomics, Joint Center for Structural Genomics, JCSG, Protein Structure Initiative, PSI-2, unknown function' 
_struct_keywords.pdbx_keywords   'UNKNOWN FUNCTION' 
_struct_keywords.entry_id        2FMU 
# 
loop_
_struct_asym.id 
_struct_asym.pdbx_blank_PDB_chainid_flag 
_struct_asym.pdbx_modified 
_struct_asym.entity_id 
_struct_asym.details 
A N N 1 ? 
B N N 2 ? 
C N N 3 ? 
# 
_struct_biol.id                    1 
_struct_biol.details               
;SIZE EXCLUSION CHROMATOGRAPHY WITH STATIC LIGHT
SCATTERING SUPPORTS THE ASSIGNMENT OF A MONOMER AS
A BIOLOGICALLY SIGNIFICANT OLIGIMERIZATION STATE.
;
_struct_biol.pdbx_parent_biol_id   ? 
# 
loop_
_struct_conf.conf_type_id 
_struct_conf.id 
_struct_conf.pdbx_PDB_helix_id 
_struct_conf.beg_label_comp_id 
_struct_conf.beg_label_asym_id 
_struct_conf.beg_label_seq_id 
_struct_conf.pdbx_beg_PDB_ins_code 
_struct_conf.end_label_comp_id 
_struct_conf.end_label_asym_id 
_struct_conf.end_label_seq_id 
_struct_conf.pdbx_end_PDB_ins_code 
_struct_conf.beg_auth_comp_id 
_struct_conf.beg_auth_asym_id 
_struct_conf.beg_auth_seq_id 
_struct_conf.end_auth_comp_id 
_struct_conf.end_auth_asym_id 
_struct_conf.end_auth_seq_id 
_struct_conf.pdbx_PDB_helix_class 
_struct_conf.details 
_struct_conf.pdbx_PDB_helix_length 
HELX_P HELX_P1 1 HIS A 12  ? GLN A 23  ? HIS A 0   GLN A 17  1 ? 12 
HELX_P HELX_P2 2 GLY A 34  ? ASN A 48  ? GLY A 28  ASN A 42  1 ? 15 
HELX_P HELX_P3 3 ASP A 77  ? GLN A 89  ? ASP A 71  GLN A 83  5 ? 13 
HELX_P HELX_P4 4 GLY A 106 ? ARG A 115 ? GLY A 100 ARG A 109 1 ? 10 
HELX_P HELX_P5 5 ARG A 115 ? GLY A 128 ? ARG A 109 GLY A 122 1 ? 14 
HELX_P HELX_P6 6 PHE A 147 ? LEU A 163 ? PHE A 141 LEU A 157 1 ? 17 
HELX_P HELX_P7 7 SER A 200 ? TYR A 205 ? SER A 194 TYR A 199 1 ? 6  
HELX_P HELX_P8 8 VAL A 209 ? SER A 222 ? VAL A 203 SER A 216 1 ? 14 
HELX_P HELX_P9 9 ASN A 233 ? GLY A 240 ? ASN A 227 GLY A 234 1 ? 8  
# 
_struct_conf_type.id          HELX_P 
_struct_conf_type.criteria    ? 
_struct_conf_type.reference   ? 
# 
loop_
_struct_sheet.id 
_struct_sheet.type 
_struct_sheet.number_strands 
_struct_sheet.details 
A ? 7 ? 
B ? 2 ? 
# 
loop_
_struct_sheet_order.sheet_id 
_struct_sheet_order.range_id_1 
_struct_sheet_order.range_id_2 
_struct_sheet_order.offset 
_struct_sheet_order.sense 
A 1 2 ? parallel 
A 2 3 ? parallel 
A 3 4 ? parallel 
A 4 5 ? parallel 
A 5 6 ? parallel 
A 6 7 ? parallel 
B 1 2 ? parallel 
# 
loop_
_struct_sheet_range.sheet_id 
_struct_sheet_range.id 
_struct_sheet_range.beg_label_comp_id 
_struct_sheet_range.beg_label_asym_id 
_struct_sheet_range.beg_label_seq_id 
_struct_sheet_range.pdbx_beg_PDB_ins_code 
_struct_sheet_range.end_label_comp_id 
_struct_sheet_range.end_label_asym_id 
_struct_sheet_range.end_label_seq_id 
_struct_sheet_range.pdbx_end_PDB_ins_code 
_struct_sheet_range.beg_auth_comp_id 
_struct_sheet_range.beg_auth_asym_id 
_struct_sheet_range.beg_auth_seq_id 
_struct_sheet_range.end_auth_comp_id 
_struct_sheet_range.end_auth_asym_id 
_struct_sheet_range.end_auth_seq_id 
A 1 ASN A 72  ? VAL A 75  ? ASN A 66  VAL A 69  
A 2 LYS A 52  ? GLY A 57  ? LYS A 46  GLY A 51  
A 3 SER A 26  ? LEU A 30  ? SER A 20  LEU A 24  
A 4 VAL A 93  ? CYS A 96  ? VAL A 87  CYS A 90  
A 5 HIS A 132 ? LEU A 136 ? HIS A 126 LEU A 130 
A 6 ARG A 167 ? ARG A 172 ? ARG A 161 ARG A 166 
A 7 MET A 228 ? GLU A 232 ? MET A 222 GLU A 226 
B 1 VAL A 175 ? LEU A 177 ? VAL A 169 LEU A 171 
B 2 ALA A 206 ? PRO A 208 ? ALA A 200 PRO A 202 
# 
loop_
_pdbx_struct_sheet_hbond.sheet_id 
_pdbx_struct_sheet_hbond.range_id_1 
_pdbx_struct_sheet_hbond.range_id_2 
_pdbx_struct_sheet_hbond.range_1_label_atom_id 
_pdbx_struct_sheet_hbond.range_1_label_comp_id 
_pdbx_struct_sheet_hbond.range_1_label_asym_id 
_pdbx_struct_sheet_hbond.range_1_label_seq_id 
_pdbx_struct_sheet_hbond.range_1_PDB_ins_code 
_pdbx_struct_sheet_hbond.range_1_auth_atom_id 
_pdbx_struct_sheet_hbond.range_1_auth_comp_id 
_pdbx_struct_sheet_hbond.range_1_auth_asym_id 
_pdbx_struct_sheet_hbond.range_1_auth_seq_id 
_pdbx_struct_sheet_hbond.range_2_label_atom_id 
_pdbx_struct_sheet_hbond.range_2_label_comp_id 
_pdbx_struct_sheet_hbond.range_2_label_asym_id 
_pdbx_struct_sheet_hbond.range_2_label_seq_id 
_pdbx_struct_sheet_hbond.range_2_PDB_ins_code 
_pdbx_struct_sheet_hbond.range_2_auth_atom_id 
_pdbx_struct_sheet_hbond.range_2_auth_comp_id 
_pdbx_struct_sheet_hbond.range_2_auth_asym_id 
_pdbx_struct_sheet_hbond.range_2_auth_seq_id 
A 1 2 O GLU A 74  ? O GLU A 68  N LEU A 55  ? N LEU A 49  
A 2 3 O LYS A 52  ? O LYS A 46  N VAL A 27  ? N VAL A 21  
A 3 4 N LEU A 30  ? N LEU A 24  O PHE A 95  ? O PHE A 89  
A 4 5 N CYS A 96  ? N CYS A 90  O ASN A 134 ? O ASN A 128 
A 5 6 N LEU A 135 ? N LEU A 129 O SER A 169 ? O SER A 163 
A 6 7 N VAL A 170 ? N VAL A 164 O GLU A 229 ? O GLU A 223 
B 1 2 N LEU A 177 ? N LEU A 171 O VAL A 207 ? O VAL A 201 
# 
_struct_site.id                   AC1 
_struct_site.pdbx_evidence_code   Software 
_struct_site.pdbx_auth_asym_id    A 
_struct_site.pdbx_auth_comp_id    EDO 
_struct_site.pdbx_auth_seq_id     1 
_struct_site.pdbx_auth_ins_code   ? 
_struct_site.pdbx_num_residues    3 
_struct_site.details              'BINDING SITE FOR RESIDUE EDO A 1' 
# 
loop_
_struct_site_gen.id 
_struct_site_gen.site_id 
_struct_site_gen.pdbx_num_res 
_struct_site_gen.label_comp_id 
_struct_site_gen.label_asym_id 
_struct_site_gen.label_seq_id 
_struct_site_gen.pdbx_auth_ins_code 
_struct_site_gen.auth_comp_id 
_struct_site_gen.auth_asym_id 
_struct_site_gen.auth_seq_id 
_struct_site_gen.label_atom_id 
_struct_site_gen.label_alt_id 
_struct_site_gen.symmetry 
_struct_site_gen.details 
1 AC1 3 ARG A 139 ? ARG A 133 . ? 1_555 ? 
2 AC1 3 ASP A 142 ? ASP A 136 . ? 8_554 ? 
3 AC1 3 HOH C .   ? HOH A 263 . ? 8_554 ? 
# 
_atom_sites.entry_id                    2FMU 
_atom_sites.fract_transf_matrix[1][1]   0.01169132 
_atom_sites.fract_transf_matrix[1][2]   -0.00709390 
_atom_sites.fract_transf_matrix[1][3]   0.01117273 
_atom_sites.fract_transf_matrix[2][1]   0.01311185 
_atom_sites.fract_transf_matrix[2][2]   0.00823393 
_atom_sites.fract_transf_matrix[2][3]   -0.00849247 
_atom_sites.fract_transf_matrix[3][1]   -0.00063300 
_atom_sites.fract_transf_matrix[3][2]   0.00490006 
_atom_sites.fract_transf_matrix[3][3]   0.00377357 
_atom_sites.fract_transf_vector[1]      -0.236328 
_atom_sites.fract_transf_vector[2]      -0.048652 
_atom_sites.fract_transf_vector[3]      -0.143402 
# 
loop_
_atom_type.symbol 
C 
N 
O 
S 
# 
loop_
_atom_site.group_PDB 
_atom_site.id 
_atom_site.type_symbol 
_atom_site.label_atom_id 
_atom_site.label_alt_id 
_atom_site.label_comp_id 
_atom_site.label_asym_id 
_atom_site.label_entity_id 
_atom_site.label_seq_id 
_atom_site.pdbx_PDB_ins_code 
_atom_site.Cartn_x 
_atom_site.Cartn_y 
_atom_site.Cartn_z 
_atom_site.occupancy 
_atom_site.B_iso_or_equiv 
_atom_site.pdbx_formal_charge 
_atom_site.auth_seq_id 
_atom_site.auth_comp_id 
_atom_site.auth_asym_id 
_atom_site.auth_atom_id 
_atom_site.pdbx_PDB_model_num 
ATOM   1    N N   . HIS A 1 7   ? 7.546   17.433  -13.907 1.00 91.20  ? -5  HIS A N   1 
ATOM   2    C CA  . HIS A 1 7   ? 7.660   15.966  -14.179 1.00 92.07  ? -5  HIS A CA  1 
ATOM   3    C C   . HIS A 1 7   ? 8.374   15.255  -13.025 1.00 92.58  ? -5  HIS A C   1 
ATOM   4    O O   . HIS A 1 7   ? 7.726   14.719  -12.115 1.00 91.78  ? -5  HIS A O   1 
ATOM   5    N N   . HIS A 1 8   ? 9.708   15.259  -13.073 1.00 92.72  ? -4  HIS A N   1 
ATOM   6    C CA  . HIS A 1 8   ? 10.533  14.771  -11.965 1.00 93.33  ? -4  HIS A CA  1 
ATOM   7    C C   . HIS A 1 8   ? 11.020  15.958  -11.105 1.00 92.39  ? -4  HIS A C   1 
ATOM   8    O O   . HIS A 1 8   ? 12.113  16.492  -11.321 1.00 92.48  ? -4  HIS A O   1 
ATOM   9    C CB  . HIS A 1 8   ? 11.712  13.925  -12.497 1.00 95.27  ? -4  HIS A CB  1 
ATOM   10   C CG  . HIS A 1 8   ? 11.291  12.635  -13.145 1.00 101.44 ? -4  HIS A CG  1 
ATOM   11   N ND1 . HIS A 1 8   ? 10.947  11.510  -12.419 1.00 104.73 ? -4  HIS A ND1 1 
ATOM   12   C CD2 . HIS A 1 8   ? 11.150  12.295  -14.451 1.00 104.51 ? -4  HIS A CD2 1 
ATOM   13   C CE1 . HIS A 1 8   ? 10.616  10.534  -13.248 1.00 98.06  ? -4  HIS A CE1 1 
ATOM   14   N NE2 . HIS A 1 8   ? 10.730  10.984  -14.486 1.00 104.75 ? -4  HIS A NE2 1 
ATOM   15   N N   . HIS A 1 9   ? 10.193  16.369  -10.142 1.00 90.16  ? -3  HIS A N   1 
ATOM   16   C CA  . HIS A 1 9   ? 10.518  17.493  -9.252  1.00 88.29  ? -3  HIS A CA  1 
ATOM   17   C C   . HIS A 1 9   ? 11.639  17.077  -8.274  1.00 87.77  ? -3  HIS A C   1 
ATOM   18   O O   . HIS A 1 9   ? 11.802  15.887  -7.986  1.00 87.35  ? -3  HIS A O   1 
ATOM   19   C CB  . HIS A 1 9   ? 9.265   17.964  -8.475  1.00 87.13  ? -3  HIS A CB  1 
ATOM   20   C CG  . HIS A 1 9   ? 8.164   18.514  -9.342  1.00 84.64  ? -3  HIS A CG  1 
ATOM   21   N ND1 . HIS A 1 9   ? 8.263   19.718  -10.012 1.00 88.54  ? -3  HIS A ND1 1 
ATOM   22   C CD2 . HIS A 1 9   ? 6.931   18.030  -9.631  1.00 83.37  ? -3  HIS A CD2 1 
ATOM   23   C CE1 . HIS A 1 9   ? 7.150   19.943  -10.688 1.00 78.52  ? -3  HIS A CE1 1 
ATOM   24   N NE2 . HIS A 1 9   ? 6.320   18.939  -10.465 1.00 80.72  ? -3  HIS A NE2 1 
ATOM   25   N N   . HIS A 1 10  ? 12.393  18.048  -7.756  1.00 85.47  ? -2  HIS A N   1 
ATOM   26   C CA  . HIS A 1 10  ? 13.552  17.763  -6.884  1.00 83.79  ? -2  HIS A CA  1 
ATOM   27   C C   . HIS A 1 10  ? 13.262  17.696  -5.337  1.00 81.83  ? -2  HIS A C   1 
ATOM   28   O O   . HIS A 1 10  ? 12.947  16.641  -4.778  1.00 78.29  ? -2  HIS A O   1 
ATOM   29   C CB  . HIS A 1 10  ? 14.668  18.793  -7.194  1.00 83.98  ? -2  HIS A CB  1 
ATOM   30   N N   . HIS A 1 11  ? 13.454  18.839  -4.668  1.00 81.58  ? -1  HIS A N   1 
ATOM   31   C CA  . HIS A 1 11  ? 13.133  19.064  -3.245  1.00 77.94  ? -1  HIS A CA  1 
ATOM   32   C C   . HIS A 1 11  ? 12.001  20.126  -3.184  1.00 69.40  ? -1  HIS A C   1 
ATOM   33   O O   . HIS A 1 11  ? 11.962  21.009  -2.326  1.00 61.39  ? -1  HIS A O   1 
ATOM   34   C CB  . HIS A 1 11  ? 14.373  19.540  -2.474  1.00 78.30  ? -1  HIS A CB  1 
ATOM   35   N N   . HIS A 1 12  ? 11.070  19.965  -4.120  1.00 63.62  ? 0   HIS A N   1 
ATOM   36   C CA  . HIS A 1 12  ? 9.805   20.639  -4.101  1.00 59.92  ? 0   HIS A CA  1 
ATOM   37   C C   . HIS A 1 12  ? 8.727   19.729  -3.490  1.00 56.68  ? 0   HIS A C   1 
ATOM   38   O O   . HIS A 1 12  ? 7.533   20.031  -3.566  1.00 54.15  ? 0   HIS A O   1 
ATOM   39   C CB  . HIS A 1 12  ? 9.426   21.002  -5.538  1.00 60.76  ? 0   HIS A CB  1 
ATOM   40   C CG  . HIS A 1 12  ? 10.319  22.027  -6.167  1.00 51.29  ? 0   HIS A CG  1 
ATOM   41   N ND1 . HIS A 1 12  ? 10.504  23.279  -5.623  1.00 53.98  ? 0   HIS A ND1 1 
ATOM   42   C CD2 . HIS A 1 12  ? 11.097  21.973  -7.274  1.00 56.07  ? 0   HIS A CD2 1 
ATOM   43   C CE1 . HIS A 1 12  ? 11.357  23.952  -6.374  1.00 60.54  ? 0   HIS A CE1 1 
ATOM   44   N NE2 . HIS A 1 12  ? 11.737  23.182  -7.380  1.00 54.88  ? 0   HIS A NE2 1 
ATOM   45   N N   . LEU A 1 13  ? 9.153   18.626  -2.874  1.00 54.78  ? 7   LEU A N   1 
ATOM   46   C CA  . LEU A 1 13  ? 8.250   17.690  -2.223  1.00 54.09  ? 7   LEU A CA  1 
ATOM   47   C C   . LEU A 1 13  ? 7.357   18.302  -1.131  1.00 52.49  ? 7   LEU A C   1 
ATOM   48   O O   . LEU A 1 13  ? 6.195   17.928  -1.021  1.00 51.58  ? 7   LEU A O   1 
ATOM   49   C CB  . LEU A 1 13  ? 9.024   16.489  -1.675  1.00 56.59  ? 7   LEU A CB  1 
ATOM   50   C CG  . LEU A 1 13  ? 9.440   15.395  -2.683  1.00 56.80  ? 7   LEU A CG  1 
ATOM   51   C CD1 . LEU A 1 13  ? 10.533  14.535  -2.038  1.00 53.61  ? 7   LEU A CD1 1 
ATOM   52   C CD2 . LEU A 1 13  ? 8.247   14.513  -3.135  1.00 57.00  ? 7   LEU A CD2 1 
ATOM   53   N N   . PRO A 1 14  ? 7.885   19.235  -0.318  1.00 51.99  ? 8   PRO A N   1 
ATOM   54   C CA  . PRO A 1 14  ? 6.984   19.884  0.628   1.00 50.82  ? 8   PRO A CA  1 
ATOM   55   C C   . PRO A 1 14  ? 5.894   20.710  -0.053  1.00 53.00  ? 8   PRO A C   1 
ATOM   56   O O   . PRO A 1 14  ? 4.776   20.859  0.506   1.00 53.01  ? 8   PRO A O   1 
ATOM   57   C CB  . PRO A 1 14  ? 7.928   20.801  1.436   1.00 51.59  ? 8   PRO A CB  1 
ATOM   58   C CG  . PRO A 1 14  ? 9.322   20.255  1.187   1.00 49.85  ? 8   PRO A CG  1 
ATOM   59   C CD  . PRO A 1 14  ? 9.270   19.740  -0.192  1.00 52.85  ? 8   PRO A CD  1 
ATOM   60   N N   . LYS A 1 15  ? 6.226   21.282  -1.220  1.00 51.31  ? 9   LYS A N   1 
ATOM   61   C CA  . LYS A 1 15  ? 5.253   22.067  -1.987  1.00 50.84  ? 9   LYS A CA  1 
ATOM   62   C C   . LYS A 1 15  ? 4.173   21.141  -2.561  1.00 49.15  ? 9   LYS A C   1 
ATOM   63   O O   . LYS A 1 15  ? 3.000   21.499  -2.581  1.00 47.32  ? 9   LYS A O   1 
ATOM   64   C CB  . LYS A 1 15  ? 5.933   22.893  -3.081  1.00 49.72  ? 9   LYS A CB  1 
ATOM   65   C CG  . LYS A 1 15  ? 7.120   23.666  -2.546  1.00 56.05  ? 9   LYS A CG  1 
ATOM   66   C CD  . LYS A 1 15  ? 7.419   24.947  -3.307  1.00 55.16  ? 9   LYS A CD  1 
ATOM   67   C CE  . LYS A 1 15  ? 8.817   25.439  -3.009  1.00 52.05  ? 9   LYS A CE  1 
ATOM   68   N NZ  . LYS A 1 15  ? 8.874   26.944  -2.972  1.00 60.55  ? 9   LYS A NZ  1 
ATOM   69   N N   . LEU A 1 16  ? 4.573   19.939  -2.965  1.00 47.16  ? 10  LEU A N   1 
ATOM   70   C CA  . LEU A 1 16  ? 3.649   18.940  -3.494  1.00 47.74  ? 10  LEU A CA  1 
ATOM   71   C C   . LEU A 1 16  ? 2.792   18.290  -2.403  1.00 49.46  ? 10  LEU A C   1 
ATOM   72   O O   . LEU A 1 16  ? 1.627   17.905  -2.650  1.00 49.15  ? 10  LEU A O   1 
ATOM   73   C CB  . LEU A 1 16  ? 4.437   17.831  -4.198  1.00 47.47  ? 10  LEU A CB  1 
ATOM   74   C CG  . LEU A 1 16  ? 5.201   18.222  -5.468  1.00 49.20  ? 10  LEU A CG  1 
ATOM   75   C CD1 . LEU A 1 16  ? 6.116   17.085  -5.843  1.00 49.66  ? 10  LEU A CD1 1 
ATOM   76   C CD2 . LEU A 1 16  ? 4.262   18.547  -6.633  1.00 47.17  ? 10  LEU A CD2 1 
ATOM   77   N N   . ARG A 1 17  ? 3.372   18.104  -1.216  1.00 47.52  ? 11  ARG A N   1 
ATOM   78   C CA  . ARG A 1 17  ? 2.557   17.728  -0.053  1.00 48.87  ? 11  ARG A CA  1 
ATOM   79   C C   . ARG A 1 17  ? 1.477   18.768  0.226   1.00 45.89  ? 11  ARG A C   1 
ATOM   80   O O   . ARG A 1 17  ? 0.351   18.398  0.468   1.00 42.00  ? 11  ARG A O   1 
ATOM   81   C CB  . ARG A 1 17  ? 3.412   17.490  1.192   1.00 48.89  ? 11  ARG A CB  1 
ATOM   82   C CG  . ARG A 1 17  ? 4.276   16.244  1.040   1.00 51.29  ? 11  ARG A CG  1 
ATOM   83   C CD  . ARG A 1 17  ? 5.461   16.382  1.924   1.00 53.97  ? 11  ARG A CD  1 
ATOM   84   N NE  . ARG A 1 17  ? 6.453   15.339  1.709   1.00 50.79  ? 11  ARG A NE  1 
ATOM   85   C CZ  . ARG A 1 17  ? 7.746   15.494  1.955   1.00 50.52  ? 11  ARG A CZ  1 
ATOM   86   N NH1 . ARG A 1 17  ? 8.203   16.652  2.403   1.00 51.56  ? 11  ARG A NH1 1 
ATOM   87   N NH2 . ARG A 1 17  ? 8.592   14.489  1.732   1.00 48.12  ? 11  ARG A NH2 1 
ATOM   88   N N   . GLU A 1 18  ? 1.813   20.053  0.181   1.00 46.65  ? 12  GLU A N   1 
ATOM   89   C CA  . GLU A 1 18  ? 0.797   21.078  0.419   1.00 49.48  ? 12  GLU A CA  1 
ATOM   90   C C   . GLU A 1 18  ? -0.278  21.067  -0.664  1.00 48.02  ? 12  GLU A C   1 
ATOM   91   O O   . GLU A 1 18  ? -1.461  21.187  -0.354  1.00 52.54  ? 12  GLU A O   1 
ATOM   92   C CB  . GLU A 1 18  ? 1.388   22.489  0.557   1.00 51.25  ? 12  GLU A CB  1 
ATOM   93   C CG  . GLU A 1 18  ? 1.812   22.880  1.979   1.00 63.98  ? 12  GLU A CG  1 
ATOM   94   C CD  . GLU A 1 18  ? 0.736   22.580  3.030   1.00 75.55  ? 12  GLU A CD  1 
ATOM   95   O OE1 . GLU A 1 18  ? -0.451  22.959  2.820   1.00 77.17  ? 12  GLU A OE1 1 
ATOM   96   O OE2 . GLU A 1 18  ? 1.083   21.946  4.061   1.00 82.47  ? 12  GLU A OE2 1 
ATOM   97   N N   . ASP A 1 19  ? 0.115   20.931  -1.923  1.00 45.25  ? 13  ASP A N   1 
ATOM   98   C CA  . ASP A 1 19  ? -0.855  20.796  -3.006  1.00 44.50  ? 13  ASP A CA  1 
ATOM   99   C C   . ASP A 1 19  ? -1.803  19.626  -2.699  1.00 45.64  ? 13  ASP A C   1 
ATOM   100  O O   . ASP A 1 19  ? -3.018  19.723  -2.831  1.00 45.40  ? 13  ASP A O   1 
ATOM   101  C CB  . ASP A 1 19  ? -0.152  20.476  -4.324  1.00 45.03  ? 13  ASP A CB  1 
ATOM   102  C CG  . ASP A 1 19  ? 0.611   21.646  -4.910  1.00 43.93  ? 13  ASP A CG  1 
ATOM   103  O OD1 . ASP A 1 19  ? 0.418   22.793  -4.483  1.00 40.79  ? 13  ASP A OD1 1 
ATOM   104  O OD2 . ASP A 1 19  ? 1.376   21.398  -5.869  1.00 47.36  ? 13  ASP A OD2 1 
ATOM   105  N N   . PHE A 1 20  ? -1.223  18.502  -2.309  1.00 48.18  ? 14  PHE A N   1 
ATOM   106  C CA  . PHE A 1 20  ? -1.996  17.297  -2.059  1.00 50.46  ? 14  PHE A CA  1 
ATOM   107  C C   . PHE A 1 20  ? -3.013  17.524  -0.936  1.00 51.17  ? 14  PHE A C   1 
ATOM   108  O O   . PHE A 1 20  ? -4.192  17.192  -1.096  1.00 50.68  ? 14  PHE A O   1 
ATOM   109  C CB  . PHE A 1 20  ? -1.077  16.098  -1.754  1.00 50.28  ? 14  PHE A CB  1 
ATOM   110  C CG  . PHE A 1 20  ? -1.797  14.789  -1.755  1.00 54.49  ? 14  PHE A CG  1 
ATOM   111  C CD1 . PHE A 1 20  ? -2.064  14.130  -2.955  1.00 62.40  ? 14  PHE A CD1 1 
ATOM   112  C CD2 . PHE A 1 20  ? -2.283  14.240  -0.568  1.00 56.66  ? 14  PHE A CD2 1 
ATOM   113  C CE1 . PHE A 1 20  ? -2.779  12.909  -2.968  1.00 58.07  ? 14  PHE A CE1 1 
ATOM   114  C CE2 . PHE A 1 20  ? -3.003  13.022  -0.575  1.00 56.71  ? 14  PHE A CE2 1 
ATOM   115  C CZ  . PHE A 1 20  ? -3.254  12.366  -1.762  1.00 56.46  ? 14  PHE A CZ  1 
ATOM   116  N N   . LYS A 1 21  ? -2.566  18.121  0.170   1.00 51.52  ? 15  LYS A N   1 
ATOM   117  C CA  . LYS A 1 21  ? -3.451  18.420  1.281   1.00 54.75  ? 15  LYS A CA  1 
ATOM   118  C C   . LYS A 1 21  ? -4.682  19.169  0.827   1.00 57.42  ? 15  LYS A C   1 
ATOM   119  O O   . LYS A 1 21  ? -5.775  18.835  1.275   1.00 60.35  ? 15  LYS A O   1 
ATOM   120  C CB  . LYS A 1 21  ? -2.748  19.265  2.335   1.00 57.44  ? 15  LYS A CB  1 
ATOM   121  C CG  . LYS A 1 21  ? -1.607  18.597  3.121   1.00 60.27  ? 15  LYS A CG  1 
ATOM   122  C CD  . LYS A 1 21  ? -1.201  19.571  4.231   1.00 60.59  ? 15  LYS A CD  1 
ATOM   123  C CE  . LYS A 1 21  ? -0.011  19.129  5.067   1.00 69.69  ? 15  LYS A CE  1 
ATOM   124  N NZ  . LYS A 1 21  ? 0.021   19.872  6.395   1.00 69.71  ? 15  LYS A NZ  1 
ATOM   125  N N   . MET A 1 22  ? -4.512  20.179  -0.053  1.00 58.11  ? 16  MET A N   1 
ATOM   126  C CA  . MET A 1 22  ? -5.608  21.058  -0.458  1.00 57.18  ? 16  MET A CA  1 
ATOM   127  C C   . MET A 1 22  ? -6.681  20.335  -1.294  1.00 56.54  ? 16  MET A C   1 
ATOM   128  O O   . MET A 1 22  ? -7.813  20.785  -1.409  1.00 54.80  ? 16  MET A O   1 
ATOM   129  C CB  . MET A 1 22  ? -5.091  22.394  -1.106  1.00 57.72  ? 16  MET A CB  1 
ATOM   130  C CG  . MET A 1 22  ? -4.459  22.328  -2.520  1.00 63.43  ? 16  MET A CG  1 
ATOM   131  S SD  . MET A 1 22  ? -3.974  23.906  -3.363  1.00 61.69  ? 16  MET A SD  1 
ATOM   132  C CE  . MET A 1 22  ? -2.362  24.283  -2.671  1.00 61.22  ? 16  MET A CE  1 
ATOM   133  N N   . GLN A 1 23  ? -6.359  19.171  -1.821  1.00 60.89  ? 17  GLN A N   1 
ATOM   134  C CA  . GLN A 1 23  ? -7.394  18.308  -2.434  1.00 63.53  ? 17  GLN A CA  1 
ATOM   135  C C   . GLN A 1 23  ? -8.375  17.646  -1.438  1.00 60.52  ? 17  GLN A C   1 
ATOM   136  O O   . GLN A 1 23  ? -9.422  17.176  -1.847  1.00 60.90  ? 17  GLN A O   1 
ATOM   137  C CB  . GLN A 1 23  ? -6.730  17.233  -3.303  1.00 64.02  ? 17  GLN A CB  1 
ATOM   138  C CG  . GLN A 1 23  ? -5.987  17.848  -4.466  1.00 67.65  ? 17  GLN A CG  1 
ATOM   139  C CD  . GLN A 1 23  ? -5.162  16.845  -5.221  1.00 68.63  ? 17  GLN A CD  1 
ATOM   140  O OE1 . GLN A 1 23  ? -4.489  16.005  -4.622  1.00 81.55  ? 17  GLN A OE1 1 
ATOM   141  N NE2 . GLN A 1 23  ? -5.197  16.927  -6.557  1.00 75.42  ? 17  GLN A NE2 1 
ATOM   142  N N   . ASN A 1 24  ? -8.036  17.623  -0.151  1.00 58.95  ? 18  ASN A N   1 
ATOM   143  C CA  . ASN A 1 24  ? -8.894  17.058  0.910   1.00 60.11  ? 18  ASN A CA  1 
ATOM   144  C C   . ASN A 1 24  ? -9.298  15.622  0.602   1.00 57.88  ? 18  ASN A C   1 
ATOM   145  O O   . ASN A 1 24  ? -10.474 15.305  0.428   1.00 54.54  ? 18  ASN A O   1 
ATOM   146  C CB  . ASN A 1 24  ? -10.138 17.941  1.185   1.00 59.94  ? 18  ASN A CB  1 
ATOM   147  C CG  . ASN A 1 24  ? -9.772  19.349  1.725   1.00 62.56  ? 18  ASN A CG  1 
ATOM   148  O OD1 . ASN A 1 24  ? -8.877  19.504  2.567   1.00 68.06  ? 18  ASN A OD1 1 
ATOM   149  N ND2 . ASN A 1 24  ? -10.480 20.367  1.243   1.00 62.31  ? 18  ASN A ND2 1 
ATOM   150  N N   . LYS A 1 25  ? -8.305  14.746  0.521   1.00 58.47  ? 19  LYS A N   1 
ATOM   151  C CA  . LYS A 1 25  ? -8.595  13.364  0.155   1.00 58.69  ? 19  LYS A CA  1 
ATOM   152  C C   . LYS A 1 25  ? -8.755  12.447  1.368   1.00 56.67  ? 19  LYS A C   1 
ATOM   153  O O   . LYS A 1 25  ? -8.319  12.792  2.458   1.00 53.56  ? 19  LYS A O   1 
ATOM   154  C CB  . LYS A 1 25  ? -7.570  12.853  -0.852  1.00 58.75  ? 19  LYS A CB  1 
ATOM   155  C CG  . LYS A 1 25  ? -7.917  13.323  -2.261  1.00 60.57  ? 19  LYS A CG  1 
ATOM   156  C CD  . LYS A 1 25  ? -6.698  13.338  -3.144  1.00 67.70  ? 19  LYS A CD  1 
ATOM   157  C CE  . LYS A 1 25  ? -7.054  13.369  -4.637  1.00 68.11  ? 19  LYS A CE  1 
ATOM   158  N NZ  . LYS A 1 25  ? -5.791  13.258  -5.475  1.00 67.53  ? 19  LYS A NZ  1 
ATOM   159  N N   . SER A 1 26  ? -9.433  11.313  1.145   1.00 54.92  ? 20  SER A N   1 
ATOM   160  C CA  . SER A 1 26  ? -9.537  10.239  2.113   1.00 56.29  ? 20  SER A CA  1 
ATOM   161  C C   . SER A 1 26  ? -8.758  8.954   1.715   1.00 56.63  ? 20  SER A C   1 
ATOM   162  O O   . SER A 1 26  ? -8.622  8.588   0.543   1.00 55.94  ? 20  SER A O   1 
ATOM   163  C CB  . SER A 1 26  ? -11.004 9.886   2.329   1.00 56.38  ? 20  SER A CB  1 
ATOM   164  O OG  . SER A 1 26  ? -11.590 9.502   1.110   1.00 52.36  ? 20  SER A OG  1 
ATOM   165  N N   . VAL A 1 27  ? -8.308  8.239   2.732   1.00 56.23  ? 21  VAL A N   1 
ATOM   166  C CA  . VAL A 1 27  ? -7.477  7.079   2.539   1.00 53.95  ? 21  VAL A CA  1 
ATOM   167  C C   . VAL A 1 27  ? -7.954  5.956   3.439   1.00 54.17  ? 21  VAL A C   1 
ATOM   168  O O   . VAL A 1 27  ? -8.464  6.184   4.543   1.00 52.31  ? 21  VAL A O   1 
ATOM   169  C CB  . VAL A 1 27  ? -5.975  7.399   2.835   1.00 54.31  ? 21  VAL A CB  1 
ATOM   170  C CG1 . VAL A 1 27  ? -5.780  7.750   4.264   1.00 50.30  ? 21  VAL A CG1 1 
ATOM   171  C CG2 . VAL A 1 27  ? -5.048  6.195   2.463   1.00 54.29  ? 21  VAL A CG2 1 
ATOM   172  N N   . PHE A 1 28  ? -7.792  4.733   2.932   1.00 56.69  ? 22  PHE A N   1 
ATOM   173  C CA  . PHE A 1 28  ? -7.927  3.517   3.727   1.00 54.09  ? 22  PHE A CA  1 
ATOM   174  C C   . PHE A 1 28  ? -6.583  2.776   3.715   1.00 53.51  ? 22  PHE A C   1 
ATOM   175  O O   . PHE A 1 28  ? -5.747  2.938   2.794   1.00 50.87  ? 22  PHE A O   1 
ATOM   176  C CB  . PHE A 1 28  ? -9.090  2.638   3.249   1.00 53.08  ? 22  PHE A CB  1 
ATOM   177  C CG  . PHE A 1 28  ? -8.794  1.823   2.022   1.00 51.79  ? 22  PHE A CG  1 
ATOM   178  C CD1 . PHE A 1 28  ? -8.025  0.662   2.089   1.00 58.35  ? 22  PHE A CD1 1 
ATOM   179  C CD2 . PHE A 1 28  ? -9.321  2.191   0.798   1.00 57.19  ? 22  PHE A CD2 1 
ATOM   180  C CE1 . PHE A 1 28  ? -7.778  -0.099  0.939   1.00 59.02  ? 22  PHE A CE1 1 
ATOM   181  C CE2 . PHE A 1 28  ? -9.078  1.448   -0.351  1.00 56.76  ? 22  PHE A CE2 1 
ATOM   182  C CZ  . PHE A 1 28  ? -8.329  0.324   -0.302  1.00 50.61  ? 22  PHE A CZ  1 
ATOM   183  N N   . ILE A 1 29  ? -6.378  2.013   4.776   1.00 52.61  ? 23  ILE A N   1 
ATOM   184  C CA  . ILE A 1 29  ? -5.181  1.243   4.973   1.00 57.26  ? 23  ILE A CA  1 
ATOM   185  C C   . ILE A 1 29  ? -5.538  -0.159  5.422   1.00 57.39  ? 23  ILE A C   1 
ATOM   186  O O   . ILE A 1 29  ? -6.303  -0.348  6.381   1.00 55.55  ? 23  ILE A O   1 
ATOM   187  C CB  . ILE A 1 29  ? -4.259  1.858   6.076   1.00 58.61  ? 23  ILE A CB  1 
ATOM   188  C CG1 . ILE A 1 29  ? -3.881  3.304   5.702   1.00 61.81  ? 23  ILE A CG1 1 
ATOM   189  C CG2 . ILE A 1 29  ? -3.040  0.945   6.293   1.00 59.01  ? 23  ILE A CG2 1 
ATOM   190  C CD1 . ILE A 1 29  ? -3.100  4.068   6.752   1.00 61.06  ? 23  ILE A CD1 1 
ATOM   191  N N   . LEU A 1 30  ? -4.973  -1.135  4.716   1.00 58.10  ? 24  LEU A N   1 
ATOM   192  C CA  . LEU A 1 30  ? -5.033  -2.526  5.120   1.00 55.41  ? 24  LEU A CA  1 
ATOM   193  C C   . LEU A 1 30  ? -3.654  -2.883  5.651   1.00 56.36  ? 24  LEU A C   1 
ATOM   194  O O   . LEU A 1 30  ? -2.638  -2.505  5.064   1.00 54.22  ? 24  LEU A O   1 
ATOM   195  C CB  . LEU A 1 30  ? -5.355  -3.415  3.916   1.00 54.49  ? 24  LEU A CB  1 
ATOM   196  C CG  . LEU A 1 30  ? -6.677  -3.166  3.173   1.00 53.31  ? 24  LEU A CG  1 
ATOM   197  C CD1 . LEU A 1 30  ? -6.535  -3.505  1.678   1.00 56.49  ? 24  LEU A CD1 1 
ATOM   198  C CD2 . LEU A 1 30  ? -7.766  -3.970  3.798   1.00 55.97  ? 24  LEU A CD2 1 
ATOM   199  N N   . GLY A 1 31  ? -3.628  -3.627  6.750   1.00 56.17  ? 25  GLY A N   1 
ATOM   200  C CA  . GLY A 1 31  ? -2.385  -4.081  7.355   1.00 54.21  ? 25  GLY A CA  1 
ATOM   201  C C   . GLY A 1 31  ? -1.732  -3.028  8.235   1.00 52.75  ? 25  GLY A C   1 
ATOM   202  O O   . GLY A 1 31  ? -0.516  -3.030  8.365   1.00 57.25  ? 25  GLY A O   1 
ATOM   203  N N   . ALA A 1 32  ? -2.518  -2.137  8.837   1.00 52.33  ? 26  ALA A N   1 
ATOM   204  C CA  . ALA A 1 32  ? -1.950  -1.066  9.674   1.00 55.83  ? 26  ALA A CA  1 
ATOM   205  C C   . ALA A 1 32  ? -1.260  -1.545  10.933  1.00 59.03  ? 26  ALA A C   1 
ATOM   206  O O   . ALA A 1 32  ? -0.489  -0.794  11.526  1.00 63.45  ? 26  ALA A O   1 
ATOM   207  C CB  . ALA A 1 32  ? -2.945  -0.096  10.032  1.00 54.52  ? 26  ALA A CB  1 
ATOM   208  N N   . SER A 1 33  ? -1.531  -2.775  11.346  1.00 58.77  ? 27  SER A N   1 
ATOM   209  C CA  . SER A 1 33  ? -0.896  -3.337  12.527  1.00 60.33  ? 27  SER A CA  1 
ATOM   210  C C   . SER A 1 33  ? 0.445   -3.957  12.169  1.00 60.58  ? 27  SER A C   1 
ATOM   211  O O   . SER A 1 33  ? 1.245   -4.207  13.047  1.00 64.05  ? 27  SER A O   1 
ATOM   212  C CB  . SER A 1 33  ? -1.806  -4.382  13.175  1.00 58.15  ? 27  SER A CB  1 
ATOM   213  O OG  . SER A 1 33  ? -1.998  -5.429  12.256  1.00 60.06  ? 27  SER A OG  1 
ATOM   214  N N   . GLY A 1 34  ? 0.690   -4.192  10.884  1.00 61.49  ? 28  GLY A N   1 
ATOM   215  C CA  . GLY A 1 34  ? 1.937   -4.805  10.423  1.00 62.37  ? 28  GLY A CA  1 
ATOM   216  C C   . GLY A 1 34  ? 3.071   -3.826  10.490  1.00 60.89  ? 28  GLY A C   1 
ATOM   217  O O   . GLY A 1 34  ? 2.828   -2.679  10.708  1.00 59.77  ? 28  GLY A O   1 
ATOM   218  N N   . GLU A 1 35  ? 4.314   -4.278  10.302  1.00 63.33  ? 29  GLU A N   1 
ATOM   219  C CA  . GLU A 1 35  ? 5.496   -3.378  10.439  1.00 62.29  ? 29  GLU A CA  1 
ATOM   220  C C   . GLU A 1 35  ? 5.474   -2.150  9.491   1.00 60.15  ? 29  GLU A C   1 
ATOM   221  O O   . GLU A 1 35  ? 5.800   -1.042  9.912   1.00 57.74  ? 29  GLU A O   1 
ATOM   222  C CB  . GLU A 1 35  ? 6.825   -4.155  10.282  1.00 64.71  ? 29  GLU A CB  1 
ATOM   223  C CG  . GLU A 1 35  ? 7.119   -5.138  11.422  1.00 70.86  ? 29  GLU A CG  1 
ATOM   224  C CD  . GLU A 1 35  ? 7.436   -4.458  12.770  1.00 78.54  ? 29  GLU A CD  1 
ATOM   225  O OE1 . GLU A 1 35  ? 7.748   -3.256  12.781  1.00 81.53  ? 29  GLU A OE1 1 
ATOM   226  O OE2 . GLU A 1 35  ? 7.395   -5.136  13.823  1.00 86.77  ? 29  GLU A OE2 1 
ATOM   227  N N   . THR A 1 36  ? 5.051   -2.316  8.237   1.00 58.09  ? 30  THR A N   1 
ATOM   228  C CA  . THR A 1 36  ? 5.043   -1.153  7.318   1.00 59.20  ? 30  THR A CA  1 
ATOM   229  C C   . THR A 1 36  ? 3.819   -0.307  7.549   1.00 59.65  ? 30  THR A C   1 
ATOM   230  O O   . THR A 1 36  ? 3.933   0.910   7.699   1.00 62.82  ? 30  THR A O   1 
ATOM   231  C CB  . THR A 1 36  ? 5.163   -1.570  5.844   1.00 57.21  ? 30  THR A CB  1 
ATOM   232  O OG1 . THR A 1 36  ? 6.327   -2.392  5.721   1.00 62.37  ? 30  THR A OG1 1 
ATOM   233  C CG2 . THR A 1 36  ? 5.264   -0.355  4.932   1.00 56.24  ? 30  THR A CG2 1 
ATOM   234  N N   . GLY A 1 37  ? 2.666   -0.978  7.589   1.00 59.61  ? 31  GLY A N   1 
ATOM   235  C CA  . GLY A 1 37  ? 1.393   -0.420  7.978   1.00 57.76  ? 31  GLY A CA  1 
ATOM   236  C C   . GLY A 1 37  ? 1.483   0.552   9.134   1.00 59.00  ? 31  GLY A C   1 
ATOM   237  O O   . GLY A 1 37  ? 0.953   1.662   9.043   1.00 58.44  ? 31  GLY A O   1 
ATOM   238  N N   . LYS A 1 38  ? 2.157   0.183   10.220  1.00 61.02  ? 32  LYS A N   1 
ATOM   239  C CA  . LYS A 1 38  ? 2.134   1.077   11.406  1.00 60.52  ? 32  LYS A CA  1 
ATOM   240  C C   . LYS A 1 38  ? 2.927   2.367   11.223  1.00 57.06  ? 32  LYS A C   1 
ATOM   241  O O   . LYS A 1 38  ? 2.535   3.423   11.734  1.00 52.82  ? 32  LYS A O   1 
ATOM   242  C CB  . LYS A 1 38  ? 2.477   0.362   12.716  1.00 59.96  ? 32  LYS A CB  1 
ATOM   243  C CG  . LYS A 1 38  ? 3.870   -0.087  12.914  1.00 71.16  ? 32  LYS A CG  1 
ATOM   244  C CD  . LYS A 1 38  ? 3.981   -0.947  14.217  1.00 67.93  ? 32  LYS A CD  1 
ATOM   245  C CE  . LYS A 1 38  ? 5.319   -1.756  14.230  1.00 79.00  ? 32  LYS A CE  1 
ATOM   246  N NZ  . LYS A 1 38  ? 5.440   -2.814  15.327  1.00 77.97  ? 32  LYS A NZ  1 
ATOM   247  N N   . VAL A 1 39  ? 4.022   2.281   10.468  1.00 57.20  ? 33  VAL A N   1 
ATOM   248  C CA  . VAL A 1 39  ? 4.827   3.451   10.140  1.00 57.23  ? 33  VAL A CA  1 
ATOM   249  C C   . VAL A 1 39  ? 4.145   4.310   9.075   1.00 55.13  ? 33  VAL A C   1 
ATOM   250  O O   . VAL A 1 39  ? 4.259   5.507   9.120   1.00 54.41  ? 33  VAL A O   1 
ATOM   251  C CB  . VAL A 1 39  ? 6.262   3.063   9.658   1.00 57.97  ? 33  VAL A CB  1 
ATOM   252  C CG1 . VAL A 1 39  ? 7.033   4.316   9.174   1.00 51.09  ? 33  VAL A CG1 1 
ATOM   253  C CG2 . VAL A 1 39  ? 7.030   2.324   10.803  1.00 54.64  ? 33  VAL A CG2 1 
ATOM   254  N N   . LEU A 1 40  ? 3.482   3.667   8.118   1.00 56.83  ? 34  LEU A N   1 
ATOM   255  C CA  . LEU A 1 40  ? 2.627   4.344   7.131   1.00 59.21  ? 34  LEU A CA  1 
ATOM   256  C C   . LEU A 1 40  ? 1.575   5.157   7.841   1.00 58.00  ? 34  LEU A C   1 
ATOM   257  O O   . LEU A 1 40  ? 1.341   6.330   7.500   1.00 57.89  ? 34  LEU A O   1 
ATOM   258  C CB  . LEU A 1 40  ? 1.918   3.330   6.200   1.00 58.80  ? 34  LEU A CB  1 
ATOM   259  C CG  . LEU A 1 40  ? 1.074   3.933   5.085   1.00 59.63  ? 34  LEU A CG  1 
ATOM   260  C CD1 . LEU A 1 40  ? 1.921   4.858   4.114   1.00 54.93  ? 34  LEU A CD1 1 
ATOM   261  C CD2 . LEU A 1 40  ? 0.265   2.821   4.321   1.00 57.91  ? 34  LEU A CD2 1 
ATOM   262  N N   . LEU A 1 41  ? 0.936   4.528   8.819   1.00 57.06  ? 35  LEU A N   1 
ATOM   263  C CA  . LEU A 1 41  ? -0.124  5.193   9.583   1.00 57.76  ? 35  LEU A CA  1 
ATOM   264  C C   . LEU A 1 41  ? 0.459   6.391   10.317  1.00 55.56  ? 35  LEU A C   1 
ATOM   265  O O   . LEU A 1 41  ? 0.007   7.494   10.119  1.00 53.72  ? 35  LEU A O   1 
ATOM   266  C CB  . LEU A 1 41  ? -0.798  4.235   10.577  1.00 58.04  ? 35  LEU A CB  1 
ATOM   267  C CG  . LEU A 1 41  ? -1.850  4.915   11.464  1.00 59.96  ? 35  LEU A CG  1 
ATOM   268  C CD1 . LEU A 1 41  ? -2.836  5.750   10.571  1.00 63.97  ? 35  LEU A CD1 1 
ATOM   269  C CD2 . LEU A 1 41  ? -2.584  3.906   12.384  1.00 53.88  ? 35  LEU A CD2 1 
ATOM   270  N N   . LYS A 1 42  ? 1.499   6.163   11.111  1.00 56.09  ? 36  LYS A N   1 
ATOM   271  C CA  . LYS A 1 42  ? 2.213   7.255   11.810  1.00 58.16  ? 36  LYS A CA  1 
ATOM   272  C C   . LYS A 1 42  ? 2.534   8.443   10.902  1.00 57.18  ? 36  LYS A C   1 
ATOM   273  O O   . LYS A 1 42  ? 2.194   9.559   11.222  1.00 58.12  ? 36  LYS A O   1 
ATOM   274  C CB  . LYS A 1 42  ? 3.518   6.719   12.407  1.00 62.83  ? 36  LYS A CB  1 
ATOM   275  C CG  . LYS A 1 42  ? 4.251   7.684   13.377  1.00 62.71  ? 36  LYS A CG  1 
ATOM   276  C CD  . LYS A 1 42  ? 5.781   7.658   13.158  1.00 72.67  ? 36  LYS A CD  1 
ATOM   277  C CE  . LYS A 1 42  ? 6.474   8.752   13.998  1.00 75.69  ? 36  LYS A CE  1 
ATOM   278  N N   . GLU A 1 43  ? 3.167   8.178   9.754   1.00 56.90  ? 37  GLU A N   1 
ATOM   279  C CA  . GLU A 1 43  ? 3.525   9.199   8.793   1.00 55.27  ? 37  GLU A CA  1 
ATOM   280  C C   . GLU A 1 43  ? 2.341   9.881   8.117   1.00 53.40  ? 37  GLU A C   1 
ATOM   281  O O   . GLU A 1 43  ? 2.352   11.092  7.887   1.00 59.38  ? 37  GLU A O   1 
ATOM   282  C CB  . GLU A 1 43  ? 4.417   8.590   7.711   1.00 56.87  ? 37  GLU A CB  1 
ATOM   283  C CG  . GLU A 1 43  ? 5.829   8.292   8.170   1.00 57.37  ? 37  GLU A CG  1 
ATOM   284  C CD  . GLU A 1 43  ? 6.681   9.532   8.423   1.00 59.20  ? 37  GLU A CD  1 
ATOM   285  O OE1 . GLU A 1 43  ? 6.434   10.620  7.856   1.00 68.47  ? 37  GLU A OE1 1 
ATOM   286  O OE2 . GLU A 1 43  ? 7.639   9.394   9.182   1.00 70.45  ? 37  GLU A OE2 1 
ATOM   287  N N   . ILE A 1 44  ? 1.338   9.115   7.738   1.00 53.69  ? 38  ILE A N   1 
ATOM   288  C CA  . ILE A 1 44  ? 0.124   9.702   7.175   1.00 51.96  ? 38  ILE A CA  1 
ATOM   289  C C   . ILE A 1 44  ? -0.460  10.732  8.142   1.00 54.24  ? 38  ILE A C   1 
ATOM   290  O O   . ILE A 1 44  ? -0.749  11.859  7.735   1.00 54.31  ? 38  ILE A O   1 
ATOM   291  C CB  . ILE A 1 44  ? -0.879  8.644   6.766   1.00 49.15  ? 38  ILE A CB  1 
ATOM   292  C CG1 . ILE A 1 44  ? -0.476  8.087   5.394   1.00 49.65  ? 38  ILE A CG1 1 
ATOM   293  C CG2 . ILE A 1 44  ? -2.326  9.229   6.706   1.00 57.20  ? 38  ILE A CG2 1 
ATOM   294  C CD1 . ILE A 1 44  ? -1.327  6.939   4.879   1.00 51.92  ? 38  ILE A CD1 1 
ATOM   295  N N   . LEU A 1 45  ? -0.573  10.369  9.422   1.00 53.72  ? 39  LEU A N   1 
ATOM   296  C CA  . LEU A 1 45  ? -1.074  11.315  10.454  1.00 54.07  ? 39  LEU A CA  1 
ATOM   297  C C   . LEU A 1 45  ? -0.148  12.499  10.736  1.00 53.68  ? 39  LEU A C   1 
ATOM   298  O O   . LEU A 1 45  ? -0.623  13.631  10.966  1.00 55.57  ? 39  LEU A O   1 
ATOM   299  C CB  . LEU A 1 45  ? -1.307  10.574  11.778  1.00 55.70  ? 39  LEU A CB  1 
ATOM   300  C CG  . LEU A 1 45  ? -2.394  9.511   11.667  1.00 57.68  ? 39  LEU A CG  1 
ATOM   301  C CD1 . LEU A 1 45  ? -2.543  8.694   12.960  1.00 66.31  ? 39  LEU A CD1 1 
ATOM   302  C CD2 . LEU A 1 45  ? -3.726  10.151  11.250  1.00 52.72  ? 39  LEU A CD2 1 
ATOM   303  N N   . GLY A 1 46  ? 1.159   12.235  10.778  1.00 52.31  ? 40  GLY A N   1 
ATOM   304  C CA  . GLY A 1 46  ? 2.137   13.273  11.108  1.00 51.05  ? 40  GLY A CA  1 
ATOM   305  C C   . GLY A 1 46  ? 2.175   14.291  9.988   1.00 52.60  ? 40  GLY A C   1 
ATOM   306  O O   . GLY A 1 46  ? 2.140   15.479  10.241  1.00 50.17  ? 40  GLY A O   1 
ATOM   307  N N   . GLN A 1 47  ? 2.229   13.805  8.741   1.00 54.46  ? 41  GLN A N   1 
ATOM   308  C CA  . GLN A 1 47  ? 2.235   14.670  7.568   1.00 56.63  ? 41  GLN A CA  1 
ATOM   309  C C   . GLN A 1 47  ? 0.860   15.305  7.291   1.00 55.57  ? 41  GLN A C   1 
ATOM   310  O O   . GLN A 1 47  ? 0.773   16.215  6.466   1.00 53.15  ? 41  GLN A O   1 
ATOM   311  C CB  . GLN A 1 47  ? 2.750   13.906  6.318   1.00 60.25  ? 41  GLN A CB  1 
ATOM   312  C CG  . GLN A 1 47  ? 4.284   13.626  6.293   1.00 52.31  ? 41  GLN A CG  1 
ATOM   313  C CD  . GLN A 1 47  ? 4.707   12.771  5.104   1.00 60.55  ? 41  GLN A CD  1 
ATOM   314  O OE1 . GLN A 1 47  ? 4.425   13.103  3.940   1.00 60.79  ? 41  GLN A OE1 1 
ATOM   315  N NE2 . GLN A 1 47  ? 5.362   11.640  5.393   1.00 59.17  ? 41  GLN A NE2 1 
ATOM   316  N N   . ASN A 1 48  ? -0.193  14.848  7.982   1.00 55.54  ? 42  ASN A N   1 
ATOM   317  C CA  . ASN A 1 48  ? -1.572  15.341  7.777   1.00 55.32  ? 42  ASN A CA  1 
ATOM   318  C C   . ASN A 1 48  ? -1.884  15.530  6.278   1.00 53.86  ? 42  ASN A C   1 
ATOM   319  O O   . ASN A 1 48  ? -2.212  16.628  5.826   1.00 54.69  ? 42  ASN A O   1 
ATOM   320  C CB  . ASN A 1 48  ? -1.813  16.655  8.549   1.00 54.54  ? 42  ASN A CB  1 
ATOM   321  C CG  . ASN A 1 48  ? -3.329  16.902  8.907   1.00 58.18  ? 42  ASN A CG  1 
ATOM   322  O OD1 . ASN A 1 48  ? -4.242  16.130  8.562   1.00 63.83  ? 42  ASN A OD1 1 
ATOM   323  N ND2 . ASN A 1 48  ? -3.564  17.977  9.630   1.00 70.46  ? 42  ASN A ND2 1 
ATOM   324  N N   . LEU A 1 49  ? -1.728  14.457  5.517   1.00 50.97  ? 43  LEU A N   1 
ATOM   325  C CA  . LEU A 1 49  ? -1.905  14.494  4.068   1.00 51.91  ? 43  LEU A CA  1 
ATOM   326  C C   . LEU A 1 49  ? -3.351  14.322  3.583   1.00 53.50  ? 43  LEU A C   1 
ATOM   327  O O   . LEU A 1 49  ? -3.659  14.717  2.457   1.00 55.93  ? 43  LEU A O   1 
ATOM   328  C CB  . LEU A 1 49  ? -1.059  13.383  3.453   1.00 51.63  ? 43  LEU A CB  1 
ATOM   329  C CG  . LEU A 1 49  ? 0.456   13.542  3.381   1.00 53.39  ? 43  LEU A CG  1 
ATOM   330  C CD1 . LEU A 1 49  ? 1.049   12.304  2.817   1.00 59.83  ? 43  LEU A CD1 1 
ATOM   331  C CD2 . LEU A 1 49  ? 0.852   14.772  2.488   1.00 58.04  ? 43  LEU A CD2 1 
ATOM   332  N N   . PHE A 1 50  ? -4.189  13.661  4.396   1.00 54.31  ? 44  PHE A N   1 
ATOM   333  C CA  . PHE A 1 50  ? -5.605  13.315  4.087   1.00 53.03  ? 44  PHE A CA  1 
ATOM   334  C C   . PHE A 1 50  ? -6.611  13.918  5.077   1.00 52.04  ? 44  PHE A C   1 
ATOM   335  O O   . PHE A 1 50  ? -6.270  14.178  6.231   1.00 51.42  ? 44  PHE A O   1 
ATOM   336  C CB  . PHE A 1 50  ? -5.783  11.789  4.129   1.00 51.85  ? 44  PHE A CB  1 
ATOM   337  C CG  . PHE A 1 50  ? -5.042  11.076  3.058   1.00 53.69  ? 44  PHE A CG  1 
ATOM   338  C CD1 . PHE A 1 50  ? -3.727  10.649  3.269   1.00 55.66  ? 44  PHE A CD1 1 
ATOM   339  C CD2 . PHE A 1 50  ? -5.618  10.888  1.810   1.00 48.37  ? 44  PHE A CD2 1 
ATOM   340  C CE1 . PHE A 1 50  ? -3.034  10.011  2.272   1.00 46.39  ? 44  PHE A CE1 1 
ATOM   341  C CE2 . PHE A 1 50  ? -4.922  10.268  0.799   1.00 48.88  ? 44  PHE A CE2 1 
ATOM   342  C CZ  . PHE A 1 50  ? -3.622  9.804   1.042   1.00 48.91  ? 44  PHE A CZ  1 
ATOM   343  N N   A SER A 1 51  ? -7.842  14.118  4.599   0.50 53.46  ? 45  SER A N   1 
ATOM   344  N N   B SER A 1 51  ? -7.849  14.121  4.628   0.50 52.33  ? 45  SER A N   1 
ATOM   345  C CA  A SER A 1 51  ? -8.958  14.639  5.406   0.50 54.12  ? 45  SER A CA  1 
ATOM   346  C CA  B SER A 1 51  ? -8.916  14.647  5.496   0.50 51.90  ? 45  SER A CA  1 
ATOM   347  C C   A SER A 1 51  ? -9.606  13.559  6.282   0.50 52.75  ? 45  SER A C   1 
ATOM   348  C C   B SER A 1 51  ? -9.646  13.557  6.288   0.50 51.56  ? 45  SER A C   1 
ATOM   349  O O   A SER A 1 51  ? -10.081 13.841  7.383   0.50 51.65  ? 45  SER A O   1 
ATOM   350  O O   B SER A 1 51  ? -10.219 13.831  7.345   0.50 50.43  ? 45  SER A O   1 
ATOM   351  C CB  A SER A 1 51  ? -10.032 15.269  4.503   0.50 54.82  ? 45  SER A CB  1 
ATOM   352  C CB  B SER A 1 51  ? -9.919  15.474  4.686   0.50 51.81  ? 45  SER A CB  1 
ATOM   353  O OG  A SER A 1 51  ? -10.779 14.272  3.813   0.50 59.19  ? 45  SER A OG  1 
ATOM   354  O OG  B SER A 1 51  ? -9.282  16.608  4.141   0.50 48.18  ? 45  SER A OG  1 
ATOM   355  N N   . LYS A 1 52  ? -9.645  12.334  5.766   1.00 52.53  ? 46  LYS A N   1 
ATOM   356  C CA  . LYS A 1 52  ? -10.109 11.172  6.517   1.00 52.16  ? 46  LYS A CA  1 
ATOM   357  C C   . LYS A 1 52  ? -9.151  10.008  6.302   1.00 49.99  ? 46  LYS A C   1 
ATOM   358  O O   . LYS A 1 52  ? -8.673  9.759   5.193   1.00 53.62  ? 46  LYS A O   1 
ATOM   359  C CB  . LYS A 1 52  ? -11.542 10.747  6.122   1.00 53.24  ? 46  LYS A CB  1 
ATOM   360  C CG  . LYS A 1 52  ? -12.423 11.861  5.577   1.00 61.05  ? 46  LYS A CG  1 
ATOM   361  N N   . VAL A 1 53  ? -8.889  9.300   7.381   1.00 50.94  ? 47  VAL A N   1 
ATOM   362  C CA  . VAL A 1 53  ? -8.107  8.078   7.391   1.00 52.10  ? 47  VAL A CA  1 
ATOM   363  C C   . VAL A 1 53  ? -8.942  6.928   7.951   1.00 51.68  ? 47  VAL A C   1 
ATOM   364  O O   . VAL A 1 53  ? -9.556  7.075   8.986   1.00 52.20  ? 47  VAL A O   1 
ATOM   365  C CB  . VAL A 1 53  ? -6.857  8.243   8.280   1.00 51.38  ? 47  VAL A CB  1 
ATOM   366  C CG1 . VAL A 1 53  ? -6.029  6.951   8.314   1.00 52.49  ? 47  VAL A CG1 1 
ATOM   367  C CG2 . VAL A 1 53  ? -6.029  9.439   7.764   1.00 55.96  ? 47  VAL A CG2 1 
ATOM   368  N N   . THR A 1 54  ? -8.919  5.783   7.274   1.00 53.67  ? 48  THR A N   1 
ATOM   369  C CA  . THR A 1 54  ? -9.714  4.623   7.655   1.00 54.61  ? 48  THR A CA  1 
ATOM   370  C C   . THR A 1 54  ? -8.853  3.392   7.646   1.00 55.69  ? 48  THR A C   1 
ATOM   371  O O   . THR A 1 54  ? -8.162  3.126   6.663   1.00 57.49  ? 48  THR A O   1 
ATOM   372  C CB  . THR A 1 54  ? -10.912 4.393   6.660   1.00 54.45  ? 48  THR A CB  1 
ATOM   373  O OG1 . THR A 1 54  ? -11.759 5.540   6.680   1.00 41.10  ? 48  THR A OG1 1 
ATOM   374  C CG2 . THR A 1 54  ? -11.735 3.178   7.025   1.00 55.10  ? 48  THR A CG2 1 
ATOM   375  N N   . LEU A 1 55  ? -8.905  2.641   8.742   1.00 53.83  ? 49  LEU A N   1 
ATOM   376  C CA  . LEU A 1 55  ? -8.278  1.340   8.795   1.00 53.57  ? 49  LEU A CA  1 
ATOM   377  C C   . LEU A 1 55  ? -9.356  0.322   8.542   1.00 52.78  ? 49  LEU A C   1 
ATOM   378  O O   . LEU A 1 55  ? -10.467 0.420   9.070   1.00 55.33  ? 49  LEU A O   1 
ATOM   379  C CB  . LEU A 1 55  ? -7.626  1.091   10.147  1.00 54.52  ? 49  LEU A CB  1 
ATOM   380  C CG  . LEU A 1 55  ? -6.824  2.279   10.704  1.00 62.51  ? 49  LEU A CG  1 
ATOM   381  C CD1 . LEU A 1 55  ? -6.206  1.894   12.050  1.00 64.98  ? 49  LEU A CD1 1 
ATOM   382  C CD2 . LEU A 1 55  ? -5.752  2.754   9.684   1.00 54.79  ? 49  LEU A CD2 1 
ATOM   383  N N   . ILE A 1 56  ? -9.027  -0.633  7.691   1.00 52.86  ? 50  ILE A N   1 
ATOM   384  C CA  . ILE A 1 56  ? -9.855  -1.806  7.445   1.00 51.67  ? 50  ILE A CA  1 
ATOM   385  C C   . ILE A 1 56  ? -9.050  -3.008  7.906   1.00 51.24  ? 50  ILE A C   1 
ATOM   386  O O   . ILE A 1 56  ? -7.984  -3.282  7.358   1.00 56.05  ? 50  ILE A O   1 
ATOM   387  C CB  . ILE A 1 56  ? -10.205 -1.914  5.952   1.00 51.52  ? 50  ILE A CB  1 
ATOM   388  C CG1 . ILE A 1 56  ? -10.945 -0.632  5.502   1.00 50.66  ? 50  ILE A CG1 1 
ATOM   389  C CG2 . ILE A 1 56  ? -11.018 -3.155  5.674   1.00 50.37  ? 50  ILE A CG2 1 
ATOM   390  C CD1 . ILE A 1 56  ? -11.080 -0.505  4.036   1.00 47.69  ? 50  ILE A CD1 1 
ATOM   391  N N   . GLY A 1 57  ? -9.530  -3.682  8.943   1.00 51.09  ? 51  GLY A N   1 
ATOM   392  C CA  . GLY A 1 57  ? -8.882  -4.884  9.471   1.00 53.45  ? 51  GLY A CA  1 
ATOM   393  C C   . GLY A 1 57  ? -9.837  -5.793  10.215  1.00 54.90  ? 51  GLY A C   1 
ATOM   394  O O   . GLY A 1 57  ? -11.024 -5.511  10.305  1.00 57.53  ? 51  GLY A O   1 
ATOM   395  N N   . ARG A 1 58  ? -9.314  -6.882  10.760  1.00 57.88  ? 52  ARG A N   1 
ATOM   396  C CA  . ARG A 1 58  ? -10.144 -7.876  11.465  1.00 59.54  ? 52  ARG A CA  1 
ATOM   397  C C   . ARG A 1 58  ? -10.375 -7.598  12.948  1.00 58.41  ? 52  ARG A C   1 
ATOM   398  O O   . ARG A 1 58  ? -11.214 -8.254  13.559  1.00 61.36  ? 52  ARG A O   1 
ATOM   399  C CB  . ARG A 1 58  ? -9.584  -9.296  11.294  1.00 59.65  ? 52  ARG A CB  1 
ATOM   400  C CG  . ARG A 1 58  ? -8.119  -9.394  11.625  1.00 68.93  ? 52  ARG A CG  1 
ATOM   401  C CD  . ARG A 1 58  ? -7.729  -10.760 12.124  1.00 76.87  ? 52  ARG A CD  1 
ATOM   402  N NE  . ARG A 1 58  ? -6.275  -10.854 12.230  1.00 81.50  ? 52  ARG A NE  1 
ATOM   403  C CZ  . ARG A 1 58  ? -5.603  -11.986 12.445  1.00 86.81  ? 52  ARG A CZ  1 
ATOM   404  N NH1 . ARG A 1 58  ? -6.267  -13.133 12.591  1.00 87.21  ? 52  ARG A NH1 1 
ATOM   405  N NH2 . ARG A 1 58  ? -4.260  -11.973 12.514  1.00 79.91  ? 52  ARG A NH2 1 
ATOM   406  N N   . ARG A 1 59  ? -9.649  -6.650  13.528  1.00 58.47  ? 53  ARG A N   1 
ATOM   407  C CA  . ARG A 1 59  ? -9.854  -6.259  14.931  1.00 60.78  ? 53  ARG A CA  1 
ATOM   408  C C   . ARG A 1 59  ? -9.641  -4.748  15.069  1.00 61.47  ? 53  ARG A C   1 
ATOM   409  O O   . ARG A 1 59  ? -8.896  -4.155  14.294  1.00 59.03  ? 53  ARG A O   1 
ATOM   410  C CB  . ARG A 1 59  ? -8.924  -7.052  15.884  1.00 60.77  ? 53  ARG A CB  1 
ATOM   411  C CG  . ARG A 1 59  ? -7.436  -7.017  15.474  1.00 64.22  ? 53  ARG A CG  1 
ATOM   412  C CD  . ARG A 1 59  ? -6.477  -7.906  16.334  1.00 62.94  ? 53  ARG A CD  1 
ATOM   413  N NE  . ARG A 1 59  ? -5.067  -7.601  15.978  1.00 60.82  ? 53  ARG A NE  1 
ATOM   414  C CZ  . ARG A 1 59  ? -4.292  -6.675  16.572  1.00 53.22  ? 53  ARG A CZ  1 
ATOM   415  N NH1 . ARG A 1 59  ? -4.726  -5.985  17.642  1.00 57.99  ? 53  ARG A NH1 1 
ATOM   416  N NH2 . ARG A 1 59  ? -3.051  -6.474  16.132  1.00 55.28  ? 53  ARG A NH2 1 
ATOM   417  N N   . LYS A 1 60  ? -10.333 -4.133  16.026  1.00 64.40  ? 54  LYS A N   1 
ATOM   418  C CA  . LYS A 1 60  ? -10.105 -2.737  16.376  1.00 67.09  ? 54  LYS A CA  1 
ATOM   419  C C   . LYS A 1 60  ? -8.724  -2.577  17.019  1.00 69.87  ? 54  LYS A C   1 
ATOM   420  O O   . LYS A 1 60  ? -8.448  -3.199  18.048  1.00 69.08  ? 54  LYS A O   1 
ATOM   421  C CB  . LYS A 1 60  ? -11.172 -2.265  17.353  1.00 66.13  ? 54  LYS A CB  1 
ATOM   422  C CG  . LYS A 1 60  ? -10.975 -0.840  17.852  1.00 69.31  ? 54  LYS A CG  1 
ATOM   423  C CD  . LYS A 1 60  ? -12.135 -0.387  18.721  1.00 69.05  ? 54  LYS A CD  1 
ATOM   424  C CE  . LYS A 1 60  ? -11.949 1.051   19.234  1.00 73.23  ? 54  LYS A CE  1 
ATOM   425  N NZ  . LYS A 1 60  ? -13.054 1.461   20.182  1.00 71.79  ? 54  LYS A NZ  1 
ATOM   426  N N   . LEU A 1 61  ? -7.861  -1.747  16.428  1.00 72.34  ? 55  LEU A N   1 
ATOM   427  C CA  . LEU A 1 61  ? -6.526  -1.503  16.997  1.00 73.49  ? 55  LEU A CA  1 
ATOM   428  C C   . LEU A 1 61  ? -6.614  -0.350  17.974  1.00 76.21  ? 55  LEU A C   1 
ATOM   429  O O   . LEU A 1 61  ? -7.294  0.635   17.707  1.00 76.63  ? 55  LEU A O   1 
ATOM   430  C CB  . LEU A 1 61  ? -5.505  -1.188  15.918  1.00 71.51  ? 55  LEU A CB  1 
ATOM   431  C CG  . LEU A 1 61  ? -5.437  -2.130  14.721  1.00 69.44  ? 55  LEU A CG  1 
ATOM   432  C CD1 . LEU A 1 61  ? -4.328  -1.666  13.770  1.00 66.29  ? 55  LEU A CD1 1 
ATOM   433  C CD2 . LEU A 1 61  ? -5.247  -3.580  15.144  1.00 64.68  ? 55  LEU A CD2 1 
ATOM   434  N N   . THR A 1 62  ? -5.955  -0.490  19.119  1.00 81.00  ? 56  THR A N   1 
ATOM   435  C CA  . THR A 1 62  ? -6.016  0.526   20.175  1.00 84.02  ? 56  THR A CA  1 
ATOM   436  C C   . THR A 1 62  ? -4.720  1.333   20.102  1.00 86.88  ? 56  THR A C   1 
ATOM   437  O O   . THR A 1 62  ? -3.742  0.904   19.459  1.00 87.32  ? 56  THR A O   1 
ATOM   438  C CB  . THR A 1 62  ? -6.253  -0.101  21.589  1.00 84.17  ? 56  THR A CB  1 
ATOM   439  O OG1 . THR A 1 62  ? -7.349  -1.026  21.534  1.00 82.29  ? 56  THR A OG1 1 
ATOM   440  C CG2 . THR A 1 62  ? -6.586  0.975   22.642  1.00 82.18  ? 56  THR A CG2 1 
ATOM   441  N N   . PHE A 1 63  ? -4.747  2.532   20.690  1.00 88.52  ? 57  PHE A N   1 
ATOM   442  C CA  . PHE A 1 63  ? -3.577  3.413   20.713  1.00 88.97  ? 57  PHE A CA  1 
ATOM   443  C C   . PHE A 1 63  ? -3.475  4.149   22.053  1.00 88.19  ? 57  PHE A C   1 
ATOM   444  O O   . PHE A 1 63  ? -4.137  5.161   22.273  1.00 88.12  ? 57  PHE A O   1 
ATOM   445  C CB  . PHE A 1 63  ? -3.629  4.399   19.541  1.00 87.61  ? 57  PHE A CB  1 
ATOM   446  C CG  . PHE A 1 63  ? -3.728  3.733   18.185  1.00 91.12  ? 57  PHE A CG  1 
ATOM   447  C CD1 . PHE A 1 63  ? -2.596  3.266   17.539  1.00 85.13  ? 57  PHE A CD1 1 
ATOM   448  C CD2 . PHE A 1 63  ? -4.965  3.576   17.552  1.00 93.57  ? 57  PHE A CD2 1 
ATOM   449  C CE1 . PHE A 1 63  ? -2.694  2.664   16.283  1.00 87.12  ? 57  PHE A CE1 1 
ATOM   450  C CE2 . PHE A 1 63  ? -5.061  2.962   16.293  1.00 86.92  ? 57  PHE A CE2 1 
ATOM   451  C CZ  . PHE A 1 63  ? -3.931  2.505   15.667  1.00 81.94  ? 57  PHE A CZ  1 
ATOM   452  N N   . TYR A 1 68  ? -4.108  10.540  16.617  1.00 96.74  ? 62  TYR A N   1 
ATOM   453  C CA  . TYR A 1 68  ? -4.399  9.109   16.655  1.00 97.92  ? 62  TYR A CA  1 
ATOM   454  C C   . TYR A 1 68  ? -5.852  8.795   17.018  1.00 97.24  ? 62  TYR A C   1 
ATOM   455  O O   . TYR A 1 68  ? -6.300  7.658   16.824  1.00 98.46  ? 62  TYR A O   1 
ATOM   456  C CB  . TYR A 1 68  ? -3.447  8.379   17.627  1.00 98.89  ? 62  TYR A CB  1 
ATOM   457  C CG  . TYR A 1 68  ? -2.190  7.852   16.959  1.00 100.16 ? 62  TYR A CG  1 
ATOM   458  C CD1 . TYR A 1 68  ? -2.164  6.578   16.384  1.00 100.22 ? 62  TYR A CD1 1 
ATOM   459  C CD2 . TYR A 1 68  ? -1.029  8.633   16.884  1.00 102.83 ? 62  TYR A CD2 1 
ATOM   460  C CE1 . TYR A 1 68  ? -1.008  6.090   15.751  1.00 100.64 ? 62  TYR A CE1 1 
ATOM   461  C CE2 . TYR A 1 68  ? 0.133   8.156   16.249  1.00 98.58  ? 62  TYR A CE2 1 
ATOM   462  C CZ  . TYR A 1 68  ? 0.135   6.886   15.690  1.00 99.53  ? 62  TYR A CZ  1 
ATOM   463  O OH  . TYR A 1 68  ? 1.272   6.413   15.070  1.00 96.46  ? 62  TYR A OH  1 
ATOM   464  N N   . LYS A 1 69  ? -6.574  9.791   17.541  1.00 95.31  ? 63  LYS A N   1 
ATOM   465  C CA  . LYS A 1 69  ? -7.957  9.622   17.996  1.00 92.02  ? 63  LYS A CA  1 
ATOM   466  C C   . LYS A 1 69  ? -8.974  10.371  17.131  1.00 89.71  ? 63  LYS A C   1 
ATOM   467  O O   . LYS A 1 69  ? -9.900  11.014  17.654  1.00 89.26  ? 63  LYS A O   1 
ATOM   468  N N   . ASN A 1 70  ? -8.791  10.291  15.813  1.00 86.04  ? 64  ASN A N   1 
ATOM   469  C CA  . ASN A 1 70  ? -9.784  10.760  14.839  1.00 82.58  ? 64  ASN A CA  1 
ATOM   470  C C   . ASN A 1 70  ? -9.734  9.873   13.574  1.00 80.16  ? 64  ASN A C   1 
ATOM   471  O O   . ASN A 1 70  ? -9.718  10.352  12.436  1.00 82.68  ? 64  ASN A O   1 
ATOM   472  C CB  . ASN A 1 70  ? -9.534  12.236  14.511  1.00 82.00  ? 64  ASN A CB  1 
ATOM   473  C CG  . ASN A 1 70  ? -10.775 12.937  14.003  1.00 81.98  ? 64  ASN A CG  1 
ATOM   474  O OD1 . ASN A 1 70  ? -11.240 13.908  14.594  1.00 80.14  ? 64  ASN A OD1 1 
ATOM   475  N ND2 . ASN A 1 70  ? -11.330 12.436  12.914  1.00 84.49  ? 64  ASN A ND2 1 
ATOM   476  N N   . VAL A 1 71  ? -9.700  8.566   13.786  1.00 74.46  ? 65  VAL A N   1 
ATOM   477  C CA  . VAL A 1 71  ? -9.417  7.639   12.716  1.00 70.24  ? 65  VAL A CA  1 
ATOM   478  C C   . VAL A 1 71  ? -10.523 6.596   12.681  1.00 67.86  ? 65  VAL A C   1 
ATOM   479  O O   . VAL A 1 71  ? -10.750 5.899   13.658  1.00 69.40  ? 65  VAL A O   1 
ATOM   480  C CB  . VAL A 1 71  ? -8.038  6.957   12.940  1.00 69.48  ? 65  VAL A CB  1 
ATOM   481  C CG1 . VAL A 1 71  ? -7.805  5.831   11.948  1.00 66.50  ? 65  VAL A CG1 1 
ATOM   482  C CG2 . VAL A 1 71  ? -6.932  7.971   12.862  1.00 67.10  ? 65  VAL A CG2 1 
ATOM   483  N N   . ASN A 1 72  ? -11.201 6.479   11.551  1.00 63.60  ? 66  ASN A N   1 
ATOM   484  C CA  . ASN A 1 72  ? -12.215 5.463   11.409  1.00 63.70  ? 66  ASN A CA  1 
ATOM   485  C C   . ASN A 1 72  ? -11.530 4.096   11.395  1.00 60.71  ? 66  ASN A C   1 
ATOM   486  O O   . ASN A 1 72  ? -10.431 3.950   10.897  1.00 62.27  ? 66  ASN A O   1 
ATOM   487  C CB  . ASN A 1 72  ? -13.031 5.660   10.123  1.00 64.56  ? 66  ASN A CB  1 
ATOM   488  C CG  . ASN A 1 72  ? -14.492 5.260   10.284  1.00 69.87  ? 66  ASN A CG  1 
ATOM   489  O OD1 . ASN A 1 72  ? -14.877 4.105   10.053  1.00 70.50  ? 66  ASN A OD1 1 
ATOM   490  N ND2 . ASN A 1 72  ? -15.319 6.224   10.693  1.00 84.04  ? 66  ASN A ND2 1 
ATOM   491  N N   . GLN A 1 73  ? -12.183 3.114   11.980  1.00 59.29  ? 67  GLN A N   1 
ATOM   492  C CA  . GLN A 1 73  ? -11.730 1.731   11.901  1.00 59.38  ? 67  GLN A CA  1 
ATOM   493  C C   . GLN A 1 73  ? -12.924 0.926   11.496  1.00 56.78  ? 67  GLN A C   1 
ATOM   494  O O   . GLN A 1 73  ? -13.967 1.031   12.120  1.00 56.65  ? 67  GLN A O   1 
ATOM   495  C CB  . GLN A 1 73  ? -11.193 1.231   13.241  1.00 57.14  ? 67  GLN A CB  1 
ATOM   496  C CG  . GLN A 1 73  ? -9.889  1.903   13.632  1.00 55.25  ? 67  GLN A CG  1 
ATOM   497  C CD  . GLN A 1 73  ? -9.066  1.049   14.557  1.00 62.01  ? 67  GLN A CD  1 
ATOM   498  O OE1 . GLN A 1 73  ? -8.464  0.027   14.152  1.00 64.55  ? 67  GLN A OE1 1 
ATOM   499  N NE2 . GLN A 1 73  ? -9.033  1.449   15.814  1.00 48.82  ? 67  GLN A NE2 1 
ATOM   500  N N   . GLU A 1 74  ? -12.768 0.158   10.423  1.00 55.05  ? 68  GLU A N   1 
ATOM   501  C CA  . GLU A 1 74  ? -13.815 -0.730  9.945   1.00 50.81  ? 68  GLU A CA  1 
ATOM   502  C C   . GLU A 1 74  ? -13.357 -2.107  10.316  1.00 48.41  ? 68  GLU A C   1 
ATOM   503  O O   . GLU A 1 74  ? -12.333 -2.574  9.817   1.00 49.28  ? 68  GLU A O   1 
ATOM   504  C CB  . GLU A 1 74  ? -13.990 -0.595  8.425   1.00 48.69  ? 68  GLU A CB  1 
ATOM   505  C CG  . GLU A 1 74  ? -14.495 0.754   7.959   1.00 52.01  ? 68  GLU A CG  1 
ATOM   506  C CD  . GLU A 1 74  ? -16.034 0.871   7.946   1.00 58.54  ? 68  GLU A CD  1 
ATOM   507  O OE1 . GLU A 1 74  ? -16.764 -0.091  8.292   1.00 62.31  ? 68  GLU A OE1 1 
ATOM   508  O OE2 . GLU A 1 74  ? -16.515 1.951   7.570   1.00 70.15  ? 68  GLU A OE2 1 
ATOM   509  N N   . VAL A 1 75  ? -14.077 -2.741  11.234  1.00 51.25  ? 69  VAL A N   1 
ATOM   510  C CA  . VAL A 1 75  ? -13.772 -4.114  11.647  1.00 50.72  ? 69  VAL A CA  1 
ATOM   511  C C   . VAL A 1 75  ? -14.538 -5.086  10.763  1.00 51.38  ? 69  VAL A C   1 
ATOM   512  O O   . VAL A 1 75  ? -15.759 -5.129  10.790  1.00 47.40  ? 69  VAL A O   1 
ATOM   513  C CB  . VAL A 1 75  ? -14.098 -4.334  13.127  1.00 51.64  ? 69  VAL A CB  1 
ATOM   514  C CG1 . VAL A 1 75  ? -13.985 -5.835  13.520  1.00 49.04  ? 69  VAL A CG1 1 
ATOM   515  C CG2 . VAL A 1 75  ? -13.160 -3.462  13.981  1.00 56.52  ? 69  VAL A CG2 1 
ATOM   516  N N   . VAL A 1 76  ? -13.800 -5.868  9.976   1.00 53.92  ? 70  VAL A N   1 
ATOM   517  C CA  . VAL A 1 76  ? -14.387 -6.681  8.921   1.00 54.03  ? 70  VAL A CA  1 
ATOM   518  C C   . VAL A 1 76  ? -14.060 -8.158  9.101   1.00 53.73  ? 70  VAL A C   1 
ATOM   519  O O   . VAL A 1 76  ? -13.125 -8.507  9.821   1.00 50.55  ? 70  VAL A O   1 
ATOM   520  C CB  . VAL A 1 76  ? -13.930 -6.175  7.532   1.00 54.32  ? 70  VAL A CB  1 
ATOM   521  C CG1 . VAL A 1 76  ? -14.058 -4.650  7.472   1.00 57.56  ? 70  VAL A CG1 1 
ATOM   522  C CG2 . VAL A 1 76  ? -12.501 -6.603  7.209   1.00 59.05  ? 70  VAL A CG2 1 
ATOM   523  N N   . ASP A 1 77  ? -14.852 -9.009  8.448   1.00 53.50  ? 71  ASP A N   1 
ATOM   524  C CA  . ASP A 1 77  ? -14.597 -10.440 8.400   1.00 55.36  ? 71  ASP A CA  1 
ATOM   525  C C   . ASP A 1 77  ? -14.151 -10.796 6.973   1.00 54.65  ? 71  ASP A C   1 
ATOM   526  O O   . ASP A 1 77  ? -14.947 -10.794 6.044   1.00 54.45  ? 71  ASP A O   1 
ATOM   527  C CB  . ASP A 1 77  ? -15.853 -11.234 8.845   1.00 57.26  ? 71  ASP A CB  1 
ATOM   528  C CG  . ASP A 1 77  ? -15.587 -12.741 8.966   1.00 58.31  ? 71  ASP A CG  1 
ATOM   529  O OD1 . ASP A 1 77  ? -14.670 -13.275 8.285   1.00 57.61  ? 71  ASP A OD1 1 
ATOM   530  O OD2 . ASP A 1 77  ? -16.292 -13.396 9.748   1.00 67.51  ? 71  ASP A OD2 1 
ATOM   531  N N   . PHE A 1 78  ? -12.859 -11.078 6.806   1.00 56.48  ? 72  PHE A N   1 
ATOM   532  C CA  . PHE A 1 78  ? -12.271 -11.286 5.483   1.00 56.82  ? 72  PHE A CA  1 
ATOM   533  C C   . PHE A 1 78  ? -12.764 -12.539 4.775   1.00 56.51  ? 72  PHE A C   1 
ATOM   534  O O   . PHE A 1 78  ? -12.576 -12.681 3.576   1.00 54.99  ? 72  PHE A O   1 
ATOM   535  C CB  . PHE A 1 78  ? -10.734 -11.334 5.569   1.00 58.14  ? 72  PHE A CB  1 
ATOM   536  C CG  . PHE A 1 78  ? -10.087 -9.985  5.744   1.00 61.17  ? 72  PHE A CG  1 
ATOM   537  C CD1 . PHE A 1 78  ? -9.961  -9.120  4.659   1.00 60.81  ? 72  PHE A CD1 1 
ATOM   538  C CD2 . PHE A 1 78  ? -9.593  -9.578  6.989   1.00 59.47  ? 72  PHE A CD2 1 
ATOM   539  C CE1 . PHE A 1 78  ? -9.353  -7.863  4.803   1.00 51.68  ? 72  PHE A CE1 1 
ATOM   540  C CE2 . PHE A 1 78  ? -9.003  -8.313  7.144   1.00 55.89  ? 72  PHE A CE2 1 
ATOM   541  C CZ  . PHE A 1 78  ? -8.876  -7.465  6.043   1.00 49.08  ? 72  PHE A CZ  1 
ATOM   542  N N   . GLU A 1 79  ? -13.336 -13.482 5.516   1.00 59.73  ? 73  GLU A N   1 
ATOM   543  C CA  . GLU A 1 79  ? -13.997 -14.622 4.885   1.00 60.21  ? 73  GLU A CA  1 
ATOM   544  C C   . GLU A 1 79  ? -15.363 -14.261 4.290   1.00 59.04  ? 73  GLU A C   1 
ATOM   545  O O   . GLU A 1 79  ? -15.943 -15.081 3.580   1.00 55.30  ? 73  GLU A O   1 
ATOM   546  C CB  . GLU A 1 79  ? -14.137 -15.779 5.882   1.00 62.50  ? 73  GLU A CB  1 
ATOM   547  C CG  . GLU A 1 79  ? -12.783 -16.391 6.274   1.00 60.94  ? 73  GLU A CG  1 
ATOM   548  C CD  . GLU A 1 79  ? -12.080 -17.072 5.101   1.00 59.41  ? 73  GLU A CD  1 
ATOM   549  O OE1 . GLU A 1 79  ? -12.750 -17.773 4.317   1.00 52.67  ? 73  GLU A OE1 1 
ATOM   550  O OE2 . GLU A 1 79  ? -10.853 -16.930 4.963   1.00 55.26  ? 73  GLU A OE2 1 
ATOM   551  N N   . LYS A 1 80  ? -15.860 -13.050 4.572   1.00 58.70  ? 74  LYS A N   1 
ATOM   552  C CA  . LYS A 1 80  ? -17.198 -12.610 4.139   1.00 60.27  ? 74  LYS A CA  1 
ATOM   553  C C   . LYS A 1 80  ? -17.129 -11.153 3.685   1.00 59.57  ? 74  LYS A C   1 
ATOM   554  O O   . LYS A 1 80  ? -18.027 -10.370 3.958   1.00 57.08  ? 74  LYS A O   1 
ATOM   555  C CB  . LYS A 1 80  ? -18.224 -12.683 5.297   1.00 60.55  ? 74  LYS A CB  1 
ATOM   556  C CG  . LYS A 1 80  ? -18.147 -13.887 6.212   1.00 62.28  ? 74  LYS A CG  1 
ATOM   557  C CD  . LYS A 1 80  ? -19.296 -13.857 7.225   1.00 63.15  ? 74  LYS A CD  1 
ATOM   558  N N   . LEU A 1 81  ? -16.058 -10.790 3.004   1.00 60.08  ? 75  LEU A N   1 
ATOM   559  C CA  . LEU A 1 81  ? -15.727 -9.392  2.825   1.00 59.67  ? 75  LEU A CA  1 
ATOM   560  C C   . LEU A 1 81  ? -16.808 -8.595  2.090   1.00 59.22  ? 75  LEU A C   1 
ATOM   561  O O   . LEU A 1 81  ? -16.963 -7.392  2.355   1.00 58.69  ? 75  LEU A O   1 
ATOM   562  C CB  . LEU A 1 81  ? -14.362 -9.259  2.141   1.00 59.93  ? 75  LEU A CB  1 
ATOM   563  C CG  . LEU A 1 81  ? -13.562 -7.986  2.454   1.00 63.02  ? 75  LEU A CG  1 
ATOM   564  C CD1 . LEU A 1 81  ? -13.439 -7.707  3.960   1.00 62.93  ? 75  LEU A CD1 1 
ATOM   565  C CD2 . LEU A 1 81  ? -12.185 -8.085  1.813   1.00 61.22  ? 75  LEU A CD2 1 
ATOM   566  N N   . ASP A 1 82  ? -17.588 -9.261  1.223   1.00 57.11  ? 76  ASP A N   1 
ATOM   567  C CA  . ASP A 1 82  ? -18.754 -8.618  0.553   1.00 55.01  ? 76  ASP A CA  1 
ATOM   568  C C   . ASP A 1 82  ? -19.779 -8.091  1.535   1.00 51.61  ? 76  ASP A C   1 
ATOM   569  O O   . ASP A 1 82  ? -20.441 -7.096  1.280   1.00 50.14  ? 76  ASP A O   1 
ATOM   570  C CB  . ASP A 1 82  ? -19.444 -9.581  -0.428  1.00 53.97  ? 76  ASP A CB  1 
ATOM   571  C CG  . ASP A 1 82  ? -18.689 -9.711  -1.737  1.00 61.82  ? 76  ASP A CG  1 
ATOM   572  O OD1 . ASP A 1 82  ? -18.308 -8.674  -2.321  1.00 77.28  ? 76  ASP A OD1 1 
ATOM   573  O OD2 . ASP A 1 82  ? -18.459 -10.841 -2.188  1.00 57.47  ? 76  ASP A OD2 1 
ATOM   574  N N   . VAL A 1 83  ? -19.917 -8.758  2.669   1.00 50.84  ? 77  VAL A N   1 
ATOM   575  C CA  . VAL A 1 83  ? -20.803 -8.273  3.706   1.00 50.41  ? 77  VAL A CA  1 
ATOM   576  C C   . VAL A 1 83  ? -20.323 -6.875  4.087   1.00 50.28  ? 77  VAL A C   1 
ATOM   577  O O   . VAL A 1 83  ? -21.127 -6.013  4.426   1.00 44.76  ? 77  VAL A O   1 
ATOM   578  C CB  . VAL A 1 83  ? -20.811 -9.187  4.953   1.00 51.39  ? 77  VAL A CB  1 
ATOM   579  C CG1 . VAL A 1 83  ? -21.794 -8.641  6.011   1.00 59.32  ? 77  VAL A CG1 1 
ATOM   580  C CG2 . VAL A 1 83  ? -21.175 -10.645 4.581   1.00 51.61  ? 77  VAL A CG2 1 
ATOM   581  N N   . TYR A 1 84  ? -19.002 -6.655  3.991   1.00 52.24  ? 78  TYR A N   1 
ATOM   582  C CA  . TYR A 1 84  ? -18.386 -5.391  4.407   1.00 52.68  ? 78  TYR A CA  1 
ATOM   583  C C   . TYR A 1 84  ? -17.951 -4.437  3.289   1.00 52.46  ? 78  TYR A C   1 
ATOM   584  O O   . TYR A 1 84  ? -17.182 -3.523  3.541   1.00 50.46  ? 78  TYR A O   1 
ATOM   585  C CB  . TYR A 1 84  ? -17.209 -5.735  5.308   1.00 54.45  ? 78  TYR A CB  1 
ATOM   586  C CG  . TYR A 1 84  ? -17.624 -6.589  6.477   1.00 42.91  ? 78  TYR A CG  1 
ATOM   587  C CD1 . TYR A 1 84  ? -17.634 -7.966  6.391   1.00 46.85  ? 78  TYR A CD1 1 
ATOM   588  C CD2 . TYR A 1 84  ? -17.997 -6.004  7.669   1.00 48.60  ? 78  TYR A CD2 1 
ATOM   589  C CE1 . TYR A 1 84  ? -18.015 -8.757  7.484   1.00 47.58  ? 78  TYR A CE1 1 
ATOM   590  C CE2 . TYR A 1 84  ? -18.378 -6.763  8.762   1.00 53.92  ? 78  TYR A CE2 1 
ATOM   591  C CZ  . TYR A 1 84  ? -18.377 -8.138  8.674   1.00 49.87  ? 78  TYR A CZ  1 
ATOM   592  O OH  . TYR A 1 84  ? -18.769 -8.870  9.782   1.00 56.31  ? 78  TYR A OH  1 
ATOM   593  N N   . ALA A 1 85  ? -18.467 -4.626  2.071   1.00 54.47  ? 79  ALA A N   1 
ATOM   594  C CA  . ALA A 1 85  ? -18.132 -3.764  0.900   1.00 53.72  ? 79  ALA A CA  1 
ATOM   595  C C   . ALA A 1 85  ? -18.188 -2.258  1.138   1.00 52.25  ? 79  ALA A C   1 
ATOM   596  O O   . ALA A 1 85  ? -17.394 -1.525  0.563   1.00 51.36  ? 79  ALA A O   1 
ATOM   597  C CB  . ALA A 1 85  ? -19.016 -4.105  -0.299  1.00 50.50  ? 79  ALA A CB  1 
ATOM   598  N N   . SER A 1 86  ? -19.130 -1.800  1.960   1.00 53.62  ? 80  SER A N   1 
ATOM   599  C CA  . SER A 1 86  ? -19.254 -0.356  2.284   1.00 54.73  ? 80  SER A CA  1 
ATOM   600  C C   . SER A 1 86  ? -17.992 0.202   2.894   1.00 55.11  ? 80  SER A C   1 
ATOM   601  O O   . SER A 1 86  ? -17.652 1.348   2.649   1.00 54.37  ? 80  SER A O   1 
ATOM   602  C CB  . SER A 1 86  ? -20.370 -0.106  3.282   1.00 53.44  ? 80  SER A CB  1 
ATOM   603  O OG  . SER A 1 86  ? -20.006 -0.616  4.553   1.00 58.88  ? 80  SER A OG  1 
ATOM   604  N N   . ALA A 1 87  ? -17.300 -0.610  3.693   1.00 57.23  ? 81  ALA A N   1 
ATOM   605  C CA  . ALA A 1 87  ? -16.002 -0.218  4.251   1.00 58.04  ? 81  ALA A CA  1 
ATOM   606  C C   . ALA A 1 87  ? -15.058 0.299   3.176   1.00 57.83  ? 81  ALA A C   1 
ATOM   607  O O   . ALA A 1 87  ? -14.221 1.149   3.457   1.00 58.10  ? 81  ALA A O   1 
ATOM   608  C CB  . ALA A 1 87  ? -15.348 -1.392  5.004   1.00 58.89  ? 81  ALA A CB  1 
ATOM   609  N N   . PHE A 1 88  ? -15.194 -0.222  1.955   1.00 58.41  ? 82  PHE A N   1 
ATOM   610  C CA  . PHE A 1 88  ? -14.306 0.144   0.849   1.00 58.78  ? 82  PHE A CA  1 
ATOM   611  C C   . PHE A 1 88  ? -14.827 1.254   -0.032  1.00 59.61  ? 82  PHE A C   1 
ATOM   612  O O   . PHE A 1 88  ? -14.174 1.589   -1.012  1.00 61.30  ? 82  PHE A O   1 
ATOM   613  C CB  . PHE A 1 88  ? -14.029 -1.060  -0.038  1.00 58.06  ? 82  PHE A CB  1 
ATOM   614  C CG  . PHE A 1 88  ? -13.217 -2.089  0.628   1.00 56.83  ? 82  PHE A CG  1 
ATOM   615  C CD1 . PHE A 1 88  ? -11.838 -1.980  0.648   1.00 59.52  ? 82  PHE A CD1 1 
ATOM   616  C CD2 . PHE A 1 88  ? -13.820 -3.144  1.276   1.00 54.72  ? 82  PHE A CD2 1 
ATOM   617  C CE1 . PHE A 1 88  ? -11.094 -2.915  1.294   1.00 55.53  ? 82  PHE A CE1 1 
ATOM   618  C CE2 . PHE A 1 88  ? -13.074 -4.073  1.921   1.00 58.56  ? 82  PHE A CE2 1 
ATOM   619  C CZ  . PHE A 1 88  ? -11.702 -3.952  1.935   1.00 50.48  ? 82  PHE A CZ  1 
ATOM   620  N N   . GLN A 1 89  ? -15.976 1.818   0.319   1.00 60.16  ? 83  GLN A N   1 
ATOM   621  C CA  . GLN A 1 89  ? -16.618 2.869   -0.465  1.00 61.48  ? 83  GLN A CA  1 
ATOM   622  C C   . GLN A 1 89  ? -16.233 4.311   -0.042  1.00 60.92  ? 83  GLN A C   1 
ATOM   623  O O   . GLN A 1 89  ? -16.081 4.593   1.151   1.00 61.95  ? 83  GLN A O   1 
ATOM   624  C CB  . GLN A 1 89  ? -18.127 2.693   -0.361  1.00 63.07  ? 83  GLN A CB  1 
ATOM   625  C CG  . GLN A 1 89  ? -18.887 3.586   -1.315  1.00 70.17  ? 83  GLN A CG  1 
ATOM   626  C CD  . GLN A 1 89  ? -19.790 2.837   -2.269  1.00 75.84  ? 83  GLN A CD  1 
ATOM   627  O OE1 . GLN A 1 89  ? -19.918 1.608   -2.209  1.00 70.00  ? 83  GLN A OE1 1 
ATOM   628  N NE2 . GLN A 1 89  ? -20.418 3.587   -3.173  1.00 74.06  ? 83  GLN A NE2 1 
ATOM   629  N N   . GLY A 1 90  ? -16.073 5.204   -1.020  1.00 58.62  ? 84  GLY A N   1 
ATOM   630  C CA  . GLY A 1 90  ? -15.783 6.620   -0.755  1.00 58.70  ? 84  GLY A CA  1 
ATOM   631  C C   . GLY A 1 90  ? -14.333 7.059   -0.552  1.00 59.25  ? 84  GLY A C   1 
ATOM   632  O O   . GLY A 1 90  ? -14.061 8.240   -0.327  1.00 59.96  ? 84  GLY A O   1 
ATOM   633  N N   . HIS A 1 91  ? -13.386 6.133   -0.625  1.00 59.19  ? 85  HIS A N   1 
ATOM   634  C CA  . HIS A 1 91  ? -11.965 6.496   -0.476  1.00 56.44  ? 85  HIS A CA  1 
ATOM   635  C C   . HIS A 1 91  ? -11.358 6.874   -1.807  1.00 55.00  ? 85  HIS A C   1 
ATOM   636  O O   . HIS A 1 91  ? -11.724 6.340   -2.823  1.00 58.29  ? 85  HIS A O   1 
ATOM   637  C CB  . HIS A 1 91  ? -11.206 5.353   0.162   1.00 55.93  ? 85  HIS A CB  1 
ATOM   638  C CG  . HIS A 1 91  ? -11.906 4.783   1.356   1.00 58.55  ? 85  HIS A CG  1 
ATOM   639  N ND1 . HIS A 1 91  ? -12.063 5.488   2.532   1.00 53.87  ? 85  HIS A ND1 1 
ATOM   640  C CD2 . HIS A 1 91  ? -12.529 3.593   1.538   1.00 54.50  ? 85  HIS A CD2 1 
ATOM   641  C CE1 . HIS A 1 91  ? -12.742 4.746   3.391   1.00 58.31  ? 85  HIS A CE1 1 
ATOM   642  N NE2 . HIS A 1 91  ? -13.040 3.595   2.811   1.00 52.13  ? 85  HIS A NE2 1 
ATOM   643  N N   . ASP A 1 92  ? -10.466 7.844   -1.796  1.00 56.26  ? 86  ASP A N   1 
ATOM   644  C CA  . ASP A 1 92  ? -9.764  8.275   -2.997  1.00 56.98  ? 86  ASP A CA  1 
ATOM   645  C C   . ASP A 1 92  ? -8.525  7.378   -3.198  1.00 58.13  ? 86  ASP A C   1 
ATOM   646  O O   . ASP A 1 92  ? -8.194  6.948   -4.326  1.00 56.39  ? 86  ASP A O   1 
ATOM   647  C CB  . ASP A 1 92  ? -9.319  9.744   -2.848  1.00 56.40  ? 86  ASP A CB  1 
ATOM   648  C CG  . ASP A 1 92  ? -10.502 10.717  -2.634  1.00 63.38  ? 86  ASP A CG  1 
ATOM   649  O OD1 . ASP A 1 92  ? -11.322 10.908  -3.572  1.00 61.03  ? 86  ASP A OD1 1 
ATOM   650  O OD2 . ASP A 1 92  ? -10.587 11.299  -1.534  1.00 54.99  ? 86  ASP A OD2 1 
ATOM   651  N N   . VAL A 1 93  ? -7.851  7.112   -2.077  1.00 56.82  ? 87  VAL A N   1 
ATOM   652  C CA  . VAL A 1 93  ? -6.589  6.392   -2.065  1.00 56.69  ? 87  VAL A CA  1 
ATOM   653  C C   . VAL A 1 93  ? -6.631  5.201   -1.131  1.00 56.93  ? 87  VAL A C   1 
ATOM   654  O O   . VAL A 1 93  ? -7.258  5.233   -0.054  1.00 53.29  ? 87  VAL A O   1 
ATOM   655  C CB  . VAL A 1 93  ? -5.469  7.310   -1.597  1.00 57.82  ? 87  VAL A CB  1 
ATOM   656  C CG1 . VAL A 1 93  ? -4.136  6.599   -1.614  1.00 54.06  ? 87  VAL A CG1 1 
ATOM   657  C CG2 . VAL A 1 93  ? -5.448  8.587   -2.462  1.00 60.77  ? 87  VAL A CG2 1 
ATOM   658  N N   . GLY A 1 94  ? -5.931  4.149   -1.552  1.00 57.93  ? 88  GLY A N   1 
ATOM   659  C CA  . GLY A 1 94  ? -5.829  2.938   -0.782  1.00 56.37  ? 88  GLY A CA  1 
ATOM   660  C C   . GLY A 1 94  ? -4.404  2.473   -0.673  1.00 54.09  ? 88  GLY A C   1 
ATOM   661  O O   . GLY A 1 94  ? -3.657  2.576   -1.637  1.00 53.96  ? 88  GLY A O   1 
ATOM   662  N N   . PHE A 1 95  ? -4.064  1.962   0.510   1.00 53.24  ? 89  PHE A N   1 
ATOM   663  C CA  . PHE A 1 95  ? -2.781  1.305   0.780   1.00 55.07  ? 89  PHE A CA  1 
ATOM   664  C C   . PHE A 1 95  ? -3.011  -0.103  1.345   1.00 54.89  ? 89  PHE A C   1 
ATOM   665  O O   . PHE A 1 95  ? -3.685  -0.272  2.370   1.00 57.95  ? 89  PHE A O   1 
ATOM   666  C CB  . PHE A 1 95  ? -1.946  2.107   1.777   1.00 53.41  ? 89  PHE A CB  1 
ATOM   667  C CG  . PHE A 1 95  ? -1.421  3.410   1.226   1.00 51.73  ? 89  PHE A CG  1 
ATOM   668  C CD1 . PHE A 1 95  ? -2.158  4.565   1.348   1.00 56.24  ? 89  PHE A CD1 1 
ATOM   669  C CD2 . PHE A 1 95  ? -0.163  3.482   0.627   1.00 55.32  ? 89  PHE A CD2 1 
ATOM   670  C CE1 . PHE A 1 95  ? -1.674  5.784   0.867   1.00 53.19  ? 89  PHE A CE1 1 
ATOM   671  C CE2 . PHE A 1 95  ? 0.328   4.691   0.133   1.00 54.69  ? 89  PHE A CE2 1 
ATOM   672  C CZ  . PHE A 1 95  ? -0.431  5.842   0.251   1.00 54.96  ? 89  PHE A CZ  1 
ATOM   673  N N   . CYS A 1 96  ? -2.482  -1.104  0.653   1.00 53.98  ? 90  CYS A N   1 
ATOM   674  C CA  . CYS A 1 96  ? -2.594  -2.482  1.080   1.00 55.72  ? 90  CYS A CA  1 
ATOM   675  C C   . CYS A 1 96  ? -1.214  -2.946  1.533   1.00 57.10  ? 90  CYS A C   1 
ATOM   676  O O   . CYS A 1 96  ? -0.316  -3.165  0.709   1.00 55.83  ? 90  CYS A O   1 
ATOM   677  C CB  . CYS A 1 96  ? -3.182  -3.401  -0.025  1.00 54.64  ? 90  CYS A CB  1 
ATOM   678  S SG  . CYS A 1 96  ? -3.207  -5.090  0.520   1.00 56.73  ? 90  CYS A SG  1 
ATOM   679  N N   . CYS A 1 97  ? -1.078  -3.083  2.863   1.00 55.83  ? 91  CYS A N   1 
ATOM   680  C CA  . CYS A 1 97  ? 0.137   -3.510  3.517   1.00 54.69  ? 91  CYS A CA  1 
ATOM   681  C C   . CYS A 1 97  ? -0.089  -4.828  4.241   1.00 56.68  ? 91  CYS A C   1 
ATOM   682  O O   . CYS A 1 97  ? 0.619   -5.158  5.181   1.00 57.83  ? 91  CYS A O   1 
ATOM   683  C CB  . CYS A 1 97  ? 0.582   -2.446  4.511   1.00 54.30  ? 91  CYS A CB  1 
ATOM   684  S SG  . CYS A 1 97  ? 1.062   -0.833  3.720   1.00 60.75  ? 91  CYS A SG  1 
ATOM   685  N N   . LEU A 1 98  ? -1.113  -5.553  3.829   1.00 59.83  ? 92  LEU A N   1 
ATOM   686  C CA  . LEU A 1 98  ? -1.396  -6.873  4.345   1.00 63.25  ? 92  LEU A CA  1 
ATOM   687  C C   . LEU A 1 98  ? -0.322  -7.872  3.993   1.00 68.22  ? 92  LEU A C   1 
ATOM   688  O O   . LEU A 1 98  ? 0.063   -7.986  2.818   1.00 71.15  ? 92  LEU A O   1 
ATOM   689  C CB  . LEU A 1 98  ? -2.689  -7.391  3.747   1.00 62.92  ? 92  LEU A CB  1 
ATOM   690  C CG  . LEU A 1 98  ? -3.977  -7.133  4.485   1.00 62.75  ? 92  LEU A CG  1 
ATOM   691  C CD1 . LEU A 1 98  ? -5.095  -7.834  3.710   1.00 65.01  ? 92  LEU A CD1 1 
ATOM   692  C CD2 . LEU A 1 98  ? -3.889  -7.660  5.937   1.00 57.19  ? 92  LEU A CD2 1 
ATOM   693  N N   . GLY A 1 99  ? 0.115   -8.616  5.011   1.00 72.40  ? 93  GLY A N   1 
ATOM   694  C CA  . GLY A 1 99  ? 1.126   -9.667  4.888   1.00 75.28  ? 93  GLY A CA  1 
ATOM   695  C C   . GLY A 1 99  ? 1.074   -10.626 6.060   1.00 78.60  ? 93  GLY A C   1 
ATOM   696  O O   . GLY A 1 99  ? 0.526   -10.278 7.117   1.00 78.16  ? 93  GLY A O   1 
ATOM   697  N N   . THR A 1 100 ? 1.610   -11.840 5.871   1.00 81.47  ? 94  THR A N   1 
ATOM   698  C CA  . THR A 1 100 ? 1.649   -12.871 6.930   1.00 83.46  ? 94  THR A CA  1 
ATOM   699  C C   . THR A 1 100 ? 2.964   -13.637 6.871   1.00 84.88  ? 94  THR A C   1 
ATOM   700  O O   . THR A 1 100 ? 3.639   -13.620 5.845   1.00 84.75  ? 94  THR A O   1 
ATOM   701  C CB  . THR A 1 100 ? 0.462   -13.879 6.822   1.00 84.91  ? 94  THR A CB  1 
ATOM   702  O OG1 . THR A 1 100 ? 0.376   -14.665 8.013   1.00 84.69  ? 94  THR A OG1 1 
ATOM   703  C CG2 . THR A 1 100 ? 0.623   -14.817 5.646   1.00 82.92  ? 94  THR A CG2 1 
ATOM   704  N N   . LYS A 1 104 ? 5.045   -17.015 9.052   1.00 89.12  ? 98  LYS A N   1 
ATOM   705  C CA  . LYS A 1 104 ? 4.225   -17.207 10.251  1.00 87.82  ? 98  LYS A CA  1 
ATOM   706  C C   . LYS A 1 104 ? 3.156   -18.281 10.020  1.00 88.06  ? 98  LYS A C   1 
ATOM   707  O O   . LYS A 1 104 ? 3.308   -19.421 10.487  1.00 87.64  ? 98  LYS A O   1 
ATOM   708  C CB  . LYS A 1 104 ? 3.564   -15.882 10.680  1.00 87.93  ? 98  LYS A CB  1 
ATOM   709  N N   . ALA A 1 105 ? 2.126   -17.916 9.240   1.00 86.19  ? 99  ALA A N   1 
ATOM   710  C CA  . ALA A 1 105 ? 0.832   -18.639 9.155   1.00 83.69  ? 99  ALA A CA  1 
ATOM   711  C C   . ALA A 1 105 ? 0.809   -20.080 8.564   1.00 82.88  ? 99  ALA A C   1 
ATOM   712  O O   . ALA A 1 105 ? -0.226  -20.780 8.656   1.00 82.33  ? 99  ALA A O   1 
ATOM   713  C CB  . ALA A 1 105 ? -0.183  -17.756 8.382   1.00 83.36  ? 99  ALA A CB  1 
ATOM   714  N N   . GLY A 1 106 ? 1.915   -20.526 7.962   1.00 79.53  ? 100 GLY A N   1 
ATOM   715  C CA  . GLY A 1 106 ? 1.894   -21.757 7.166   1.00 77.66  ? 100 GLY A CA  1 
ATOM   716  C C   . GLY A 1 106 ? 1.521   -21.424 5.730   1.00 73.61  ? 100 GLY A C   1 
ATOM   717  O O   . GLY A 1 106 ? 1.240   -20.273 5.406   1.00 73.53  ? 100 GLY A O   1 
ATOM   718  N N   . ALA A 1 107 ? 1.512   -22.436 4.874   1.00 69.65  ? 101 ALA A N   1 
ATOM   719  C CA  . ALA A 1 107 ? 1.392   -22.261 3.426   1.00 67.06  ? 101 ALA A CA  1 
ATOM   720  C C   . ALA A 1 107 ? -0.023  -21.847 2.980   1.00 64.75  ? 101 ALA A C   1 
ATOM   721  O O   . ALA A 1 107 ? -0.213  -20.897 2.215   1.00 62.50  ? 101 ALA A O   1 
ATOM   722  C CB  . ALA A 1 107 ? 1.818   -23.572 2.718   1.00 66.50  ? 101 ALA A CB  1 
ATOM   723  N N   . GLU A 1 108 ? -1.008  -22.583 3.457   1.00 62.79  ? 102 GLU A N   1 
ATOM   724  C CA  . GLU A 1 108 ? -2.403  -22.325 3.121   1.00 64.33  ? 102 GLU A CA  1 
ATOM   725  C C   . GLU A 1 108 ? -2.876  -20.940 3.661   1.00 62.39  ? 102 GLU A C   1 
ATOM   726  O O   . GLU A 1 108 ? -3.469  -20.166 2.936   1.00 61.46  ? 102 GLU A O   1 
ATOM   727  C CB  . GLU A 1 108 ? -3.285  -23.480 3.642   1.00 63.07  ? 102 GLU A CB  1 
ATOM   728  C CG  . GLU A 1 108 ? -2.834  -24.881 3.175   1.00 66.78  ? 102 GLU A CG  1 
ATOM   729  N N   . GLY A 1 109 ? -2.581  -20.666 4.933   1.00 61.54  ? 103 GLY A N   1 
ATOM   730  C CA  . GLY A 1 109 ? -2.793  -19.394 5.569   1.00 58.33  ? 103 GLY A CA  1 
ATOM   731  C C   . GLY A 1 109 ? -2.055  -18.258 4.892   1.00 60.31  ? 103 GLY A C   1 
ATOM   732  O O   . GLY A 1 109 ? -2.598  -17.162 4.811   1.00 60.03  ? 103 GLY A O   1 
ATOM   733  N N   . PHE A 1 110 ? -0.836  -18.502 4.389   1.00 59.35  ? 104 PHE A N   1 
ATOM   734  C CA  . PHE A 1 110 ? -0.093  -17.454 3.659   1.00 58.81  ? 104 PHE A CA  1 
ATOM   735  C C   . PHE A 1 110 ? -0.833  -17.007 2.394   1.00 56.62  ? 104 PHE A C   1 
ATOM   736  O O   . PHE A 1 110 ? -0.995  -15.808 2.136   1.00 51.51  ? 104 PHE A O   1 
ATOM   737  C CB  . PHE A 1 110 ? 1.349   -17.884 3.301   1.00 59.01  ? 104 PHE A CB  1 
ATOM   738  C CG  . PHE A 1 110 ? 2.003   -16.978 2.296   1.00 61.22  ? 104 PHE A CG  1 
ATOM   739  C CD1 . PHE A 1 110 ? 2.401   -15.677 2.656   1.00 64.46  ? 104 PHE A CD1 1 
ATOM   740  C CD2 . PHE A 1 110 ? 2.178   -17.391 0.972   1.00 59.15  ? 104 PHE A CD2 1 
ATOM   741  C CE1 . PHE A 1 110 ? 2.995   -14.805 1.706   1.00 60.26  ? 104 PHE A CE1 1 
ATOM   742  C CE2 . PHE A 1 110 ? 2.749   -16.535 0.024   1.00 54.06  ? 104 PHE A CE2 1 
ATOM   743  C CZ  . PHE A 1 110 ? 3.149   -15.227 0.395   1.00 55.74  ? 104 PHE A CZ  1 
ATOM   744  N N   . VAL A 1 111 ? -1.260  -18.002 1.623   1.00 56.34  ? 105 VAL A N   1 
ATOM   745  C CA  . VAL A 1 111 ? -2.008  -17.815 0.389   1.00 57.73  ? 105 VAL A CA  1 
ATOM   746  C C   . VAL A 1 111 ? -3.349  -17.138 0.680   1.00 60.42  ? 105 VAL A C   1 
ATOM   747  O O   . VAL A 1 111 ? -3.774  -16.241 -0.060  1.00 59.75  ? 105 VAL A O   1 
ATOM   748  C CB  . VAL A 1 111 ? -2.218  -19.183 -0.327  1.00 56.42  ? 105 VAL A CB  1 
ATOM   749  C CG1 . VAL A 1 111 ? -3.309  -19.100 -1.409  1.00 57.70  ? 105 VAL A CG1 1 
ATOM   750  C CG2 . VAL A 1 111 ? -0.902  -19.681 -0.915  1.00 54.56  ? 105 VAL A CG2 1 
ATOM   751  N N   . ARG A 1 112 ? -3.992  -17.551 1.775   1.00 60.45  ? 106 ARG A N   1 
ATOM   752  C CA  . ARG A 1 112 ? -5.304  -17.003 2.162   1.00 60.10  ? 106 ARG A CA  1 
ATOM   753  C C   . ARG A 1 112 ? -5.249  -15.498 2.382   1.00 58.79  ? 106 ARG A C   1 
ATOM   754  O O   . ARG A 1 112 ? -6.162  -14.756 2.001   1.00 55.73  ? 106 ARG A O   1 
ATOM   755  C CB  . ARG A 1 112 ? -5.832  -17.701 3.441   1.00 60.61  ? 106 ARG A CB  1 
ATOM   756  C CG  . ARG A 1 112 ? -7.342  -17.625 3.642   1.00 62.85  ? 106 ARG A CG  1 
ATOM   757  C CD  . ARG A 1 112 ? -8.078  -18.257 2.472   1.00 67.73  ? 106 ARG A CD  1 
ATOM   758  N NE  . ARG A 1 112 ? -9.527  -18.220 2.644   1.00 71.73  ? 106 ARG A NE  1 
ATOM   759  C CZ  . ARG A 1 112 ? -10.417 -18.146 1.648   1.00 75.30  ? 106 ARG A CZ  1 
ATOM   760  N NH1 . ARG A 1 112 ? -10.039 -18.098 0.372   1.00 74.88  ? 106 ARG A NH1 1 
ATOM   761  N NH2 . ARG A 1 112 ? -11.710 -18.108 1.931   1.00 73.75  ? 106 ARG A NH2 1 
ATOM   762  N N   . VAL A 1 113 ? -4.166  -15.047 3.000   1.00 57.91  ? 107 VAL A N   1 
ATOM   763  C CA  . VAL A 1 113 ? -4.078  -13.666 3.410   1.00 56.26  ? 107 VAL A CA  1 
ATOM   764  C C   . VAL A 1 113 ? -3.403  -12.857 2.295   1.00 58.32  ? 107 VAL A C   1 
ATOM   765  O O   . VAL A 1 113 ? -3.950  -11.832 1.827   1.00 58.29  ? 107 VAL A O   1 
ATOM   766  C CB  . VAL A 1 113 ? -3.279  -13.525 4.744   1.00 55.50  ? 107 VAL A CB  1 
ATOM   767  C CG1 . VAL A 1 113 ? -3.026  -12.014 5.100   1.00 57.16  ? 107 VAL A CG1 1 
ATOM   768  C CG2 . VAL A 1 113 ? -3.991  -14.231 5.890   1.00 56.75  ? 107 VAL A CG2 1 
ATOM   769  N N   . ASP A 1 114 ? -2.193  -13.293 1.901   1.00 55.86  ? 108 ASP A N   1 
ATOM   770  C CA  . ASP A 1 114 ? -1.397  -12.503 0.986   1.00 56.75  ? 108 ASP A CA  1 
ATOM   771  C C   . ASP A 1 114 ? -1.963  -12.580 -0.416  1.00 54.43  ? 108 ASP A C   1 
ATOM   772  O O   . ASP A 1 114 ? -1.819  -11.631 -1.181  1.00 55.03  ? 108 ASP A O   1 
ATOM   773  C CB  . ASP A 1 114 ? 0.070   -12.866 1.023   1.00 58.72  ? 108 ASP A CB  1 
ATOM   774  C CG  . ASP A 1 114 ? 0.738   -12.522 2.360   1.00 57.03  ? 108 ASP A CG  1 
ATOM   775  O OD1 . ASP A 1 114 ? 0.255   -12.991 3.422   1.00 61.92  ? 108 ASP A OD1 1 
ATOM   776  O OD2 . ASP A 1 114 ? 1.775   -11.816 2.320   1.00 65.08  ? 108 ASP A OD2 1 
ATOM   777  N N   . ARG A 1 115 ? -2.687  -13.637 -0.738  1.00 55.37  ? 109 ARG A N   1 
ATOM   778  C CA  . ARG A 1 115 ? -3.346  -13.676 -2.049  1.00 54.22  ? 109 ARG A CA  1 
ATOM   779  C C   . ARG A 1 115 ? -4.826  -13.376 -1.980  1.00 52.23  ? 109 ARG A C   1 
ATOM   780  O O   . ARG A 1 115 ? -5.267  -12.389 -2.516  1.00 57.46  ? 109 ARG A O   1 
ATOM   781  C CB  . ARG A 1 115 ? -3.114  -14.975 -2.805  1.00 53.65  ? 109 ARG A CB  1 
ATOM   782  C CG  . ARG A 1 115 ? -3.957  -15.036 -4.101  1.00 61.75  ? 109 ARG A CG  1 
ATOM   783  C CD  . ARG A 1 115 ? -3.687  -16.252 -4.876  1.00 60.81  ? 109 ARG A CD  1 
ATOM   784  N NE  . ARG A 1 115 ? -4.704  -17.260 -4.672  1.00 72.48  ? 109 ARG A NE  1 
ATOM   785  C CZ  . ARG A 1 115 ? -4.551  -18.550 -4.980  1.00 75.31  ? 109 ARG A CZ  1 
ATOM   786  N NH1 . ARG A 1 115 ? -3.404  -19.011 -5.506  1.00 71.28  ? 109 ARG A NH1 1 
ATOM   787  N NH2 . ARG A 1 115 ? -5.559  -19.386 -4.758  1.00 68.73  ? 109 ARG A NH2 1 
ATOM   788  N N   . ASP A 1 116 ? -5.605  -14.219 -1.339  1.00 55.35  ? 110 ASP A N   1 
ATOM   789  C CA  . ASP A 1 116 ? -7.060  -14.084 -1.450  1.00 56.12  ? 110 ASP A CA  1 
ATOM   790  C C   . ASP A 1 116 ? -7.613  -12.838 -0.776  1.00 56.32  ? 110 ASP A C   1 
ATOM   791  O O   . ASP A 1 116 ? -8.439  -12.147 -1.365  1.00 58.26  ? 110 ASP A O   1 
ATOM   792  C CB  . ASP A 1 116 ? -7.751  -15.292 -0.867  1.00 58.11  ? 110 ASP A CB  1 
ATOM   793  C CG  . ASP A 1 116 ? -7.337  -16.560 -1.524  1.00 58.29  ? 110 ASP A CG  1 
ATOM   794  O OD1 . ASP A 1 116 ? -6.759  -16.497 -2.620  1.00 64.93  ? 110 ASP A OD1 1 
ATOM   795  O OD2 . ASP A 1 116 ? -7.603  -17.624 -0.942  1.00 54.06  ? 110 ASP A OD2 1 
ATOM   796  N N   . TYR A 1 117 ? -7.165  -12.535 0.444   1.00 56.98  ? 111 TYR A N   1 
ATOM   797  C CA  . TYR A 1 117 ? -7.728  -11.379 1.152   1.00 57.32  ? 111 TYR A CA  1 
ATOM   798  C C   . TYR A 1 117 ? -7.299  -10.097 0.525   1.00 55.31  ? 111 TYR A C   1 
ATOM   799  O O   . TYR A 1 117 ? -8.068  -9.148  0.549   1.00 53.82  ? 111 TYR A O   1 
ATOM   800  C CB  . TYR A 1 117 ? -7.397  -11.313 2.647   1.00 57.50  ? 111 TYR A CB  1 
ATOM   801  C CG  . TYR A 1 117 ? -7.951  -12.441 3.513   1.00 56.46  ? 111 TYR A CG  1 
ATOM   802  C CD1 . TYR A 1 117 ? -8.883  -13.343 3.040   1.00 50.37  ? 111 TYR A CD1 1 
ATOM   803  C CD2 . TYR A 1 117 ? -7.502  -12.599 4.822   1.00 58.64  ? 111 TYR A CD2 1 
ATOM   804  C CE1 . TYR A 1 117 ? -9.352  -14.375 3.855   1.00 57.22  ? 111 TYR A CE1 1 
ATOM   805  C CE2 . TYR A 1 117 ? -7.951  -13.630 5.626   1.00 56.94  ? 111 TYR A CE2 1 
ATOM   806  C CZ  . TYR A 1 117 ? -8.865  -14.509 5.148   1.00 53.12  ? 111 TYR A CZ  1 
ATOM   807  O OH  . TYR A 1 117 ? -9.297  -15.498 5.992   1.00 58.48  ? 111 TYR A OH  1 
ATOM   808  N N   . VAL A 1 118 ? -6.073  -10.063 -0.005  1.00 55.81  ? 112 VAL A N   1 
ATOM   809  C CA  . VAL A 1 118 ? -5.570  -8.880  -0.698  1.00 55.18  ? 112 VAL A CA  1 
ATOM   810  C C   . VAL A 1 118 ? -6.368  -8.593  -1.978  1.00 55.25  ? 112 VAL A C   1 
ATOM   811  O O   . VAL A 1 118 ? -6.734  -7.458  -2.238  1.00 48.34  ? 112 VAL A O   1 
ATOM   812  C CB  . VAL A 1 118 ? -4.063  -9.017  -1.047  1.00 56.78  ? 112 VAL A CB  1 
ATOM   813  C CG1 . VAL A 1 118 ? -3.600  -7.906  -1.997  1.00 58.68  ? 112 VAL A CG1 1 
ATOM   814  C CG2 . VAL A 1 118 ? -3.215  -8.998  0.213   1.00 62.22  ? 112 VAL A CG2 1 
ATOM   815  N N   . LEU A 1 119 ? -6.574  -9.630  -2.785  1.00 57.27  ? 113 LEU A N   1 
ATOM   816  C CA  . LEU A 1 119 ? -7.278  -9.497  -4.047  1.00 59.71  ? 113 LEU A CA  1 
ATOM   817  C C   . LEU A 1 119 ? -8.719  -9.110  -3.823  1.00 57.10  ? 113 LEU A C   1 
ATOM   818  O O   . LEU A 1 119 ? -9.215  -8.157  -4.404  1.00 57.72  ? 113 LEU A O   1 
ATOM   819  C CB  . LEU A 1 119 ? -7.224  -10.809 -4.839  1.00 63.14  ? 113 LEU A CB  1 
ATOM   820  C CG  . LEU A 1 119 ? -5.819  -11.150 -5.360  1.00 73.96  ? 113 LEU A CG  1 
ATOM   821  C CD1 . LEU A 1 119 ? -5.866  -12.445 -6.135  1.00 79.92  ? 113 LEU A CD1 1 
ATOM   822  C CD2 . LEU A 1 119 ? -5.255  -10.014 -6.231  1.00 81.07  ? 113 LEU A CD2 1 
ATOM   823  N N   . LYS A 1 120 ? -9.392  -9.841  -2.963  1.00 54.90  ? 114 LYS A N   1 
ATOM   824  C CA  . LYS A 1 120 ? -10.776 -9.504  -2.644  1.00 52.63  ? 114 LYS A CA  1 
ATOM   825  C C   . LYS A 1 120 ? -10.916 -8.053  -2.184  1.00 51.52  ? 114 LYS A C   1 
ATOM   826  O O   . LYS A 1 120 ? -11.888 -7.336  -2.546  1.00 54.40  ? 114 LYS A O   1 
ATOM   827  C CB  . LYS A 1 120 ? -11.322 -10.460 -1.566  1.00 51.22  ? 114 LYS A CB  1 
ATOM   828  C CG  . LYS A 1 120 ? -12.853 -10.333 -1.347  1.00 56.24  ? 114 LYS A CG  1 
ATOM   829  C CD  . LYS A 1 120 ? -13.653 -10.483 -2.652  1.00 53.19  ? 114 LYS A CD  1 
ATOM   830  C CE  . LYS A 1 120 ? -15.143 -10.474 -2.439  1.00 55.79  ? 114 LYS A CE  1 
ATOM   831  N NZ  . LYS A 1 120 ? -15.872 -10.471 -3.751  1.00 56.18  ? 114 LYS A NZ  1 
ATOM   832  N N   . SER A 1 121 ? -9.965  -7.628  -1.355  1.00 51.16  ? 115 SER A N   1 
ATOM   833  C CA  . SER A 1 121 ? -9.928  -6.261  -0.870  1.00 51.08  ? 115 SER A CA  1 
ATOM   834  C C   . SER A 1 121 ? -9.748  -5.267  -2.041  1.00 55.06  ? 115 SER A C   1 
ATOM   835  O O   . SER A 1 121 ? -10.451 -4.250  -2.134  1.00 55.60  ? 115 SER A O   1 
ATOM   836  C CB  . SER A 1 121 ? -8.847  -6.124  0.201   1.00 49.71  ? 115 SER A CB  1 
ATOM   837  O OG  . SER A 1 121 ? -9.219  -6.856  1.381   1.00 49.05  ? 115 SER A OG  1 
ATOM   838  N N   . ALA A 1 122 ? -8.841  -5.591  -2.954  1.00 55.84  ? 116 ALA A N   1 
ATOM   839  C CA  . ALA A 1 122 ? -8.596  -4.751  -4.136  1.00 58.34  ? 116 ALA A CA  1 
ATOM   840  C C   . ALA A 1 122 ? -9.791  -4.712  -5.067  1.00 54.79  ? 116 ALA A C   1 
ATOM   841  O O   . ALA A 1 122 ? -10.141 -3.661  -5.577  1.00 55.21  ? 116 ALA A O   1 
ATOM   842  C CB  . ALA A 1 122 ? -7.369  -5.244  -4.892  1.00 61.44  ? 116 ALA A CB  1 
ATOM   843  N N   . GLU A 1 123 ? -10.444 -5.844  -5.274  1.00 55.82  ? 117 GLU A N   1 
ATOM   844  C CA  . GLU A 1 123 ? -11.712 -5.861  -6.062  1.00 53.97  ? 117 GLU A CA  1 
ATOM   845  C C   . GLU A 1 123 ? -12.736 -4.890  -5.470  1.00 52.85  ? 117 GLU A C   1 
ATOM   846  O O   . GLU A 1 123 ? -13.377 -4.132  -6.189  1.00 54.95  ? 117 GLU A O   1 
ATOM   847  C CB  . GLU A 1 123 ? -12.331 -7.259  -6.090  1.00 52.66  ? 117 GLU A CB  1 
ATOM   848  C CG  . GLU A 1 123 ? -11.528 -8.377  -6.798  1.00 57.65  ? 117 GLU A CG  1 
ATOM   849  C CD  . GLU A 1 123 ? -12.161 -9.759  -6.591  1.00 54.98  ? 117 GLU A CD  1 
ATOM   850  O OE1 . GLU A 1 123 ? -13.392 -9.891  -6.779  1.00 76.38  ? 117 GLU A OE1 1 
ATOM   851  O OE2 . GLU A 1 123 ? -11.465 -10.705 -6.213  1.00 60.54  ? 117 GLU A OE2 1 
ATOM   852  N N   . LEU A 1 124 ? -12.894 -4.925  -4.149  1.00 54.74  ? 118 LEU A N   1 
ATOM   853  C CA  . LEU A 1 124 ? -13.872 -4.068  -3.491  1.00 54.15  ? 118 LEU A CA  1 
ATOM   854  C C   . LEU A 1 124 ? -13.436 -2.612  -3.440  1.00 55.25  ? 118 LEU A C   1 
ATOM   855  O O   . LEU A 1 124 ? -14.288 -1.725  -3.448  1.00 56.98  ? 118 LEU A O   1 
ATOM   856  C CB  . LEU A 1 124 ? -14.198 -4.562  -2.082  1.00 54.40  ? 118 LEU A CB  1 
ATOM   857  C CG  . LEU A 1 124 ? -14.857 -5.941  -1.916  1.00 59.66  ? 118 LEU A CG  1 
ATOM   858  C CD1 . LEU A 1 124 ? -15.106 -6.239  -0.451  1.00 58.02  ? 118 LEU A CD1 1 
ATOM   859  C CD2 . LEU A 1 124 ? -16.176 -6.092  -2.693  1.00 63.73  ? 118 LEU A CD2 1 
ATOM   860  N N   . ALA A 1 125 ? -12.128 -2.344  -3.377  1.00 56.62  ? 119 ALA A N   1 
ATOM   861  C CA  . ALA A 1 125 ? -11.656 -0.964  -3.437  1.00 54.88  ? 119 ALA A CA  1 
ATOM   862  C C   . ALA A 1 125 ? -12.068 -0.370  -4.767  1.00 54.48  ? 119 ALA A C   1 
ATOM   863  O O   . ALA A 1 125 ? -12.636 0.709   -4.812  1.00 57.27  ? 119 ALA A O   1 
ATOM   864  C CB  . ALA A 1 125 ? -10.141 -0.872  -3.255  1.00 54.83  ? 119 ALA A CB  1 
ATOM   865  N N   . LYS A 1 126 ? -11.806 -1.097  -5.844  1.00 56.56  ? 120 LYS A N   1 
ATOM   866  C CA  . LYS A 1 126 ? -12.117 -0.623  -7.177  1.00 57.23  ? 120 LYS A CA  1 
ATOM   867  C C   . LYS A 1 126 ? -13.613 -0.387  -7.283  1.00 57.53  ? 120 LYS A C   1 
ATOM   868  O O   . LYS A 1 126 ? -14.030 0.678   -7.710  1.00 56.60  ? 120 LYS A O   1 
ATOM   869  C CB  . LYS A 1 126 ? -11.620 -1.597  -8.258  1.00 57.44  ? 120 LYS A CB  1 
ATOM   870  C CG  . LYS A 1 126 ? -11.937 -1.154  -9.725  1.00 55.88  ? 120 LYS A CG  1 
ATOM   871  C CD  . LYS A 1 126 ? -11.034 -0.007  -10.173 1.00 54.66  ? 120 LYS A CD  1 
ATOM   872  C CE  . LYS A 1 126 ? -11.599 0.755   -11.350 1.00 60.03  ? 120 LYS A CE  1 
ATOM   873  N NZ  . LYS A 1 126 ? -11.479 0.058   -12.654 1.00 52.43  ? 120 LYS A NZ  1 
ATOM   874  N N   . ALA A 1 127 ? -14.418 -1.352  -6.837  1.00 59.06  ? 121 ALA A N   1 
ATOM   875  C CA  . ALA A 1 127 ? -15.895 -1.203  -6.906  1.00 58.53  ? 121 ALA A CA  1 
ATOM   876  C C   . ALA A 1 127 ? -16.402 -0.088  -5.999  1.00 58.42  ? 121 ALA A C   1 
ATOM   877  O O   . ALA A 1 127 ? -17.527 0.314   -6.120  1.00 57.64  ? 121 ALA A O   1 
ATOM   878  C CB  . ALA A 1 127 ? -16.599 -2.516  -6.561  1.00 57.43  ? 121 ALA A CB  1 
ATOM   879  N N   . GLY A 1 128 ? -15.573 0.404   -5.083  1.00 60.20  ? 122 GLY A N   1 
ATOM   880  C CA  . GLY A 1 128 ? -15.970 1.498   -4.201  1.00 59.66  ? 122 GLY A CA  1 
ATOM   881  C C   . GLY A 1 128 ? -15.433 2.835   -4.669  1.00 61.02  ? 122 GLY A C   1 
ATOM   882  O O   . GLY A 1 128 ? -15.462 3.815   -3.918  1.00 62.26  ? 122 GLY A O   1 
ATOM   883  N N   . GLY A 1 129 ? -14.930 2.883   -5.900  1.00 61.58  ? 123 GLY A N   1 
ATOM   884  C CA  . GLY A 1 129 ? -14.431 4.129   -6.476  1.00 62.25  ? 123 GLY A CA  1 
ATOM   885  C C   . GLY A 1 129 ? -13.056 4.589   -5.974  1.00 61.76  ? 123 GLY A C   1 
ATOM   886  O O   . GLY A 1 129 ? -12.750 5.773   -6.043  1.00 62.51  ? 123 GLY A O   1 
ATOM   887  N N   . CYS A 1 130 ? -12.229 3.676   -5.463  1.00 59.69  ? 124 CYS A N   1 
ATOM   888  C CA  . CYS A 1 130 ? -10.847 4.008   -5.129  1.00 57.37  ? 124 CYS A CA  1 
ATOM   889  C C   . CYS A 1 130 ? -10.093 4.327   -6.412  1.00 56.00  ? 124 CYS A C   1 
ATOM   890  O O   . CYS A 1 130 ? -10.186 3.568   -7.389  1.00 52.29  ? 124 CYS A O   1 
ATOM   891  C CB  . CYS A 1 130 ? -10.150 2.852   -4.417  1.00 60.35  ? 124 CYS A CB  1 
ATOM   892  S SG  . CYS A 1 130 ? -8.438  3.259   -3.888  1.00 58.73  ? 124 CYS A SG  1 
ATOM   893  N N   . LYS A 1 131 ? -9.375  5.458   -6.404  1.00 54.07  ? 125 LYS A N   1 
ATOM   894  C CA  . LYS A 1 131 ? -8.748  6.026   -7.629  1.00 53.09  ? 125 LYS A CA  1 
ATOM   895  C C   . LYS A 1 131 ? -7.269  5.649   -7.758  1.00 52.98  ? 125 LYS A C   1 
ATOM   896  O O   . LYS A 1 131 ? -6.761  5.481   -8.863  1.00 55.51  ? 125 LYS A O   1 
ATOM   897  C CB  . LYS A 1 131 ? -8.885  7.551   -7.636  1.00 49.24  ? 125 LYS A CB  1 
ATOM   898  C CG  . LYS A 1 131 ? -10.328 8.097   -7.897  1.00 50.99  ? 125 LYS A CG  1 
ATOM   899  N N   . HIS A 1 132 ? -6.604  5.511   -6.613  1.00 53.12  ? 126 HIS A N   1 
ATOM   900  C CA  . HIS A 1 132 ? -5.173  5.247   -6.520  1.00 53.27  ? 126 HIS A CA  1 
ATOM   901  C C   . HIS A 1 132 ? -4.941  4.150   -5.505  1.00 52.30  ? 126 HIS A C   1 
ATOM   902  O O   . HIS A 1 132 ? -5.112  4.361   -4.302  1.00 51.94  ? 126 HIS A O   1 
ATOM   903  C CB  . HIS A 1 132 ? -4.421  6.506   -6.069  1.00 55.58  ? 126 HIS A CB  1 
ATOM   904  C CG  . HIS A 1 132 ? -2.935  6.326   -6.003  1.00 54.06  ? 126 HIS A CG  1 
ATOM   905  N ND1 . HIS A 1 132 ? -2.099  7.268   -5.454  1.00 51.94  ? 126 HIS A ND1 1 
ATOM   906  C CD2 . HIS A 1 132 ? -2.136  5.330   -6.450  1.00 52.49  ? 126 HIS A CD2 1 
ATOM   907  C CE1 . HIS A 1 132 ? -0.852  6.852   -5.547  1.00 58.08  ? 126 HIS A CE1 1 
ATOM   908  N NE2 . HIS A 1 132 ? -0.848  5.672   -6.138  1.00 56.04  ? 126 HIS A NE2 1 
ATOM   909  N N   . PHE A 1 133 ? -4.591  2.966   -5.988  1.00 53.07  ? 127 PHE A N   1 
ATOM   910  C CA  . PHE A 1 133 ? -4.371  1.822   -5.110  1.00 52.81  ? 127 PHE A CA  1 
ATOM   911  C C   . PHE A 1 133 ? -2.859  1.663   -5.069  1.00 54.09  ? 127 PHE A C   1 
ATOM   912  O O   . PHE A 1 133 ? -2.173  1.839   -6.089  1.00 54.43  ? 127 PHE A O   1 
ATOM   913  C CB  . PHE A 1 133 ? -5.076  0.587   -5.666  1.00 51.60  ? 127 PHE A CB  1 
ATOM   914  C CG  . PHE A 1 133 ? -5.104  -0.601  -4.709  1.00 54.69  ? 127 PHE A CG  1 
ATOM   915  C CD1 . PHE A 1 133 ? -6.034  -0.670  -3.688  1.00 55.79  ? 127 PHE A CD1 1 
ATOM   916  C CD2 . PHE A 1 133 ? -4.211  -1.648  -4.847  1.00 55.08  ? 127 PHE A CD2 1 
ATOM   917  C CE1 . PHE A 1 133 ? -6.078  -1.750  -2.806  1.00 61.41  ? 127 PHE A CE1 1 
ATOM   918  C CE2 . PHE A 1 133 ? -4.235  -2.717  -3.979  1.00 57.36  ? 127 PHE A CE2 1 
ATOM   919  C CZ  . PHE A 1 133 ? -5.179  -2.785  -2.949  1.00 56.66  ? 127 PHE A CZ  1 
ATOM   920  N N   . ASN A 1 134 ? -2.353  1.398   -3.874  1.00 53.72  ? 128 ASN A N   1 
ATOM   921  C CA  . ASN A 1 134 ? -0.950  1.222   -3.620  1.00 52.82  ? 128 ASN A CA  1 
ATOM   922  C C   . ASN A 1 134 ? -0.721  -0.171  -3.002  1.00 56.11  ? 128 ASN A C   1 
ATOM   923  O O   . ASN A 1 134 ? -1.244  -0.465  -1.926  1.00 57.10  ? 128 ASN A O   1 
ATOM   924  C CB  . ASN A 1 134 ? -0.508  2.286   -2.617  1.00 53.11  ? 128 ASN A CB  1 
ATOM   925  C CG  . ASN A 1 134 ? -0.451  3.668   -3.214  1.00 51.06  ? 128 ASN A CG  1 
ATOM   926  O OD1 . ASN A 1 134 ? 0.574   4.058   -3.746  1.00 56.98  ? 128 ASN A OD1 1 
ATOM   927  N ND2 . ASN A 1 134 ? -1.541  4.446   -3.072  1.00 53.38  ? 128 ASN A ND2 1 
ATOM   928  N N   . LEU A 1 135 ? 0.044   -1.016  -3.681  1.00 55.06  ? 129 LEU A N   1 
ATOM   929  C CA  . LEU A 1 135 ? 0.262   -2.405  -3.269  1.00 55.12  ? 129 LEU A CA  1 
ATOM   930  C C   . LEU A 1 135 ? 1.686   -2.599  -2.825  1.00 55.76  ? 129 LEU A C   1 
ATOM   931  O O   . LEU A 1 135 ? 2.635   -2.348  -3.583  1.00 56.85  ? 129 LEU A O   1 
ATOM   932  C CB  . LEU A 1 135 ? -0.017  -3.346  -4.465  1.00 57.04  ? 129 LEU A CB  1 
ATOM   933  C CG  . LEU A 1 135 ? 0.073   -4.854  -4.274  1.00 56.06  ? 129 LEU A CG  1 
ATOM   934  C CD1 . LEU A 1 135 ? -0.959  -5.316  -3.264  1.00 55.30  ? 129 LEU A CD1 1 
ATOM   935  C CD2 . LEU A 1 135 ? -0.066  -5.640  -5.631  1.00 61.90  ? 129 LEU A CD2 1 
ATOM   936  N N   . LEU A 1 136 ? 1.830   -3.009  -1.577  1.00 57.93  ? 130 LEU A N   1 
ATOM   937  C CA  . LEU A 1 136 ? 3.092   -3.420  -1.032  1.00 58.60  ? 130 LEU A CA  1 
ATOM   938  C C   . LEU A 1 136 ? 3.303   -4.902  -1.445  1.00 57.33  ? 130 LEU A C   1 
ATOM   939  O O   . LEU A 1 136 ? 2.739   -5.841  -0.886  1.00 55.01  ? 130 LEU A O   1 
ATOM   940  C CB  . LEU A 1 136 ? 3.113   -3.190  0.491   1.00 58.29  ? 130 LEU A CB  1 
ATOM   941  C CG  . LEU A 1 136 ? 4.376   -3.656  1.239   1.00 61.28  ? 130 LEU A CG  1 
ATOM   942  C CD1 . LEU A 1 136 ? 5.573   -2.791  0.827   1.00 62.31  ? 130 LEU A CD1 1 
ATOM   943  C CD2 . LEU A 1 136 ? 4.189   -3.669  2.765   1.00 54.37  ? 130 LEU A CD2 1 
ATOM   944  N N   . SER A 1 137 ? 4.102   -5.066  -2.474  1.00 59.94  ? 131 SER A N   1 
ATOM   945  C CA  . SER A 1 137 ? 4.578   -6.366  -2.945  1.00 58.21  ? 131 SER A CA  1 
ATOM   946  C C   . SER A 1 137 ? 5.999   -6.547  -2.398  1.00 58.50  ? 131 SER A C   1 
ATOM   947  O O   . SER A 1 137 ? 6.335   -6.034  -1.329  1.00 56.02  ? 131 SER A O   1 
ATOM   948  C CB  . SER A 1 137 ? 4.611   -6.340  -4.485  1.00 57.13  ? 131 SER A CB  1 
ATOM   949  O OG  . SER A 1 137 ? 4.973   -7.589  -4.982  1.00 59.82  ? 131 SER A OG  1 
ATOM   950  N N   . SER A 1 138 ? 6.844   -7.220  -3.167  1.00 58.35  ? 132 SER A N   1 
ATOM   951  C CA  . SER A 1 138 ? 8.108   -7.710  -2.676  1.00 58.02  ? 132 SER A CA  1 
ATOM   952  C C   . SER A 1 138 ? 9.035   -7.901  -3.866  1.00 54.00  ? 132 SER A C   1 
ATOM   953  O O   . SER A 1 138 ? 8.590   -8.324  -4.912  1.00 52.48  ? 132 SER A O   1 
ATOM   954  C CB  . SER A 1 138 ? 7.859   -9.054  -1.984  1.00 59.93  ? 132 SER A CB  1 
ATOM   955  O OG  . SER A 1 138 ? 8.549   -9.128  -0.743  1.00 76.63  ? 132 SER A OG  1 
ATOM   956  N N   . ARG A 1 139 ? 10.306  -7.551  -3.717  1.00 51.92  ? 133 ARG A N   1 
ATOM   957  C CA  . ARG A 1 139 ? 11.320  -7.888  -4.723  1.00 50.45  ? 133 ARG A CA  1 
ATOM   958  C C   . ARG A 1 139 ? 11.210  -9.347  -5.117  1.00 51.98  ? 133 ARG A C   1 
ATOM   959  O O   . ARG A 1 139 ? 11.118  -10.270 -4.224  1.00 51.17  ? 133 ARG A O   1 
ATOM   960  C CB  . ARG A 1 139 ? 12.734  -7.609  -4.194  1.00 50.40  ? 133 ARG A CB  1 
ATOM   961  C CG  . ARG A 1 139 ? 13.851  -7.803  -5.225  1.00 53.62  ? 133 ARG A CG  1 
ATOM   962  C CD  . ARG A 1 139 ? 15.248  -7.526  -4.643  1.00 51.44  ? 133 ARG A CD  1 
ATOM   963  N NE  . ARG A 1 139 ? 16.286  -7.644  -5.656  1.00 51.70  ? 133 ARG A NE  1 
ATOM   964  C CZ  . ARG A 1 139 ? 16.555  -6.701  -6.555  1.00 54.09  ? 133 ARG A CZ  1 
ATOM   965  N NH1 . ARG A 1 139 ? 15.886  -5.557  -6.580  1.00 54.54  ? 133 ARG A NH1 1 
ATOM   966  N NH2 . ARG A 1 139 ? 17.516  -6.885  -7.425  1.00 47.26  ? 133 ARG A NH2 1 
ATOM   967  N N   . GLY A 1 140 ? 11.261  -9.571  -6.434  1.00 48.06  ? 134 GLY A N   1 
ATOM   968  C CA  . GLY A 1 140 ? 11.315  -10.941 -6.969  1.00 50.40  ? 134 GLY A CA  1 
ATOM   969  C C   . GLY A 1 140 ? 9.952   -11.506 -7.359  1.00 50.69  ? 134 GLY A C   1 
ATOM   970  O O   . GLY A 1 140 ? 9.884   -12.612 -7.861  1.00 51.58  ? 134 GLY A O   1 
ATOM   971  N N   . ALA A 1 141 ? 8.858   -10.766 -7.130  1.00 48.76  ? 135 ALA A N   1 
ATOM   972  C CA  . ALA A 1 141 ? 7.522   -11.274 -7.467  1.00 49.23  ? 135 ALA A CA  1 
ATOM   973  C C   . ALA A 1 141 ? 7.449   -11.770 -8.886  1.00 47.64  ? 135 ALA A C   1 
ATOM   974  O O   . ALA A 1 141 ? 7.861   -11.106 -9.779  1.00 50.21  ? 135 ALA A O   1 
ATOM   975  C CB  . ALA A 1 141 ? 6.488   -10.192 -7.269  1.00 52.73  ? 135 ALA A CB  1 
ATOM   976  N N   . ASP A 1 142 ? 6.828   -12.910 -9.083  1.00 48.87  ? 136 ASP A N   1 
ATOM   977  C CA  . ASP A 1 142 ? 6.871   -13.645 -10.326 1.00 46.98  ? 136 ASP A CA  1 
ATOM   978  C C   . ASP A 1 142 ? 5.848   -14.753 -10.180 1.00 46.38  ? 136 ASP A C   1 
ATOM   979  O O   . ASP A 1 142 ? 6.011   -15.661 -9.377  1.00 48.85  ? 136 ASP A O   1 
ATOM   980  C CB  . ASP A 1 142 ? 8.310   -14.186 -10.520 1.00 47.79  ? 136 ASP A CB  1 
ATOM   981  C CG  . ASP A 1 142 ? 8.412   -15.304 -11.526 1.00 51.65  ? 136 ASP A CG  1 
ATOM   982  O OD1 . ASP A 1 142 ? 7.604   -15.373 -12.495 1.00 47.67  ? 136 ASP A OD1 1 
ATOM   983  O OD2 . ASP A 1 142 ? 9.338   -16.119 -11.329 1.00 52.62  ? 136 ASP A OD2 1 
ATOM   984  N N   . LYS A 1 143 ? 4.753   -14.642 -10.915 1.00 48.81  ? 137 LYS A N   1 
ATOM   985  C CA  . LYS A 1 143 ? 3.677   -15.593 -10.834 1.00 49.18  ? 137 LYS A CA  1 
ATOM   986  C C   . LYS A 1 143 ? 4.123   -16.985 -11.201 1.00 50.39  ? 137 LYS A C   1 
ATOM   987  O O   . LYS A 1 143 ? 3.485   -17.946 -10.804 1.00 51.94  ? 137 LYS A O   1 
ATOM   988  C CB  . LYS A 1 143 ? 2.536   -15.187 -11.781 1.00 50.36  ? 137 LYS A CB  1 
ATOM   989  C CG  . LYS A 1 143 ? 2.964   -14.972 -13.229 1.00 51.27  ? 137 LYS A CG  1 
ATOM   990  C CD  . LYS A 1 143 ? 1.786   -14.703 -14.133 1.00 53.69  ? 137 LYS A CD  1 
ATOM   991  C CE  . LYS A 1 143 ? 2.229   -14.105 -15.449 1.00 61.07  ? 137 LYS A CE  1 
ATOM   992  N NZ  . LYS A 1 143 ? 1.068   -13.940 -16.404 1.00 65.38  ? 137 LYS A NZ  1 
ATOM   993  N N   . SER A 1 144 ? 5.186   -17.094 -12.004 1.00 51.70  ? 138 SER A N   1 
ATOM   994  C CA  . SER A 1 144 ? 5.737   -18.393 -12.406 1.00 48.94  ? 138 SER A CA  1 
ATOM   995  C C   . SER A 1 144 ? 6.817   -18.920 -11.460 1.00 49.55  ? 138 SER A C   1 
ATOM   996  O O   . SER A 1 144 ? 7.537   -19.862 -11.798 1.00 51.28  ? 138 SER A O   1 
ATOM   997  C CB  . SER A 1 144 ? 6.317   -18.272 -13.818 1.00 49.56  ? 138 SER A CB  1 
ATOM   998  O OG  . SER A 1 144 ? 5.298   -17.991 -14.761 1.00 44.82  ? 138 SER A OG  1 
ATOM   999  N N   . SER A 1 145 ? 6.941   -18.332 -10.272 1.00 50.45  ? 139 SER A N   1 
ATOM   1000 C CA  . SER A 1 145 ? 7.976   -18.722 -9.358  1.00 47.68  ? 139 SER A CA  1 
ATOM   1001 C C   . SER A 1 145 ? 7.694   -20.087 -8.766  1.00 48.89  ? 139 SER A C   1 
ATOM   1002 O O   . SER A 1 145 ? 6.530   -20.513 -8.609  1.00 50.17  ? 139 SER A O   1 
ATOM   1003 C CB  . SER A 1 145 ? 8.162   -17.673 -8.264  1.00 49.71  ? 139 SER A CB  1 
ATOM   1004 O OG  . SER A 1 145 ? 9.401   -17.855 -7.558  1.00 46.49  ? 139 SER A OG  1 
ATOM   1005 N N   . SER A 1 146 ? 8.775   -20.801 -8.466  1.00 51.74  ? 140 SER A N   1 
ATOM   1006 C CA  . SER A 1 146 ? 8.669   -22.020 -7.677  1.00 53.03  ? 140 SER A CA  1 
ATOM   1007 C C   . SER A 1 146 ? 8.799   -21.714 -6.166  1.00 54.55  ? 140 SER A C   1 
ATOM   1008 O O   . SER A 1 146 ? 8.646   -22.631 -5.353  1.00 53.59  ? 140 SER A O   1 
ATOM   1009 C CB  . SER A 1 146 ? 9.711   -23.019 -8.101  1.00 54.18  ? 140 SER A CB  1 
ATOM   1010 O OG  . SER A 1 146 ? 10.942  -22.626 -7.591  1.00 56.01  ? 140 SER A OG  1 
ATOM   1011 N N   . PHE A 1 147 ? 9.072   -20.447 -5.814  1.00 51.78  ? 141 PHE A N   1 
ATOM   1012 C CA  . PHE A 1 147 ? 8.894   -19.974 -4.456  1.00 54.64  ? 141 PHE A CA  1 
ATOM   1013 C C   . PHE A 1 147 ? 7.440   -19.473 -4.291  1.00 56.98  ? 141 PHE A C   1 
ATOM   1014 O O   . PHE A 1 147 ? 7.004   -18.533 -4.962  1.00 56.49  ? 141 PHE A O   1 
ATOM   1015 C CB  . PHE A 1 147 ? 9.924   -18.888 -4.099  1.00 55.43  ? 141 PHE A CB  1 
ATOM   1016 C CG  . PHE A 1 147 ? 11.363  -19.381 -4.141  1.00 53.95  ? 141 PHE A CG  1 
ATOM   1017 C CD1 . PHE A 1 147 ? 12.068  -19.440 -5.354  1.00 60.07  ? 141 PHE A CD1 1 
ATOM   1018 C CD2 . PHE A 1 147 ? 11.980  -19.894 -2.992  1.00 63.89  ? 141 PHE A CD2 1 
ATOM   1019 C CE1 . PHE A 1 147 ? 13.362  -19.962 -5.425  1.00 53.26  ? 141 PHE A CE1 1 
ATOM   1020 C CE2 . PHE A 1 147 ? 13.283  -20.393 -3.050  1.00 60.28  ? 141 PHE A CE2 1 
ATOM   1021 C CZ  . PHE A 1 147 ? 13.983  -20.420 -4.277  1.00 54.99  ? 141 PHE A CZ  1 
ATOM   1022 N N   . LEU A 1 148 ? 6.692   -20.135 -3.407  1.00 57.78  ? 142 LEU A N   1 
ATOM   1023 C CA  . LEU A 1 148 ? 5.301   -19.807 -3.125  1.00 55.46  ? 142 LEU A CA  1 
ATOM   1024 C C   . LEU A 1 148 ? 5.169   -18.351 -2.825  1.00 54.68  ? 142 LEU A C   1 
ATOM   1025 O O   . LEU A 1 148 ? 4.258   -17.694 -3.312  1.00 53.39  ? 142 LEU A O   1 
ATOM   1026 C CB  . LEU A 1 148 ? 4.803   -20.588 -1.921  1.00 57.13  ? 142 LEU A CB  1 
ATOM   1027 C CG  . LEU A 1 148 ? 3.316   -20.375 -1.562  1.00 59.63  ? 142 LEU A CG  1 
ATOM   1028 C CD1 . LEU A 1 148 ? 2.422   -20.911 -2.659  1.00 60.88  ? 142 LEU A CD1 1 
ATOM   1029 C CD2 . LEU A 1 148 ? 2.980   -21.035 -0.219  1.00 57.85  ? 142 LEU A CD2 1 
ATOM   1030 N N   . TYR A 1 149 ? 6.093   -17.836 -2.006  1.00 56.57  ? 143 TYR A N   1 
ATOM   1031 C CA  . TYR A 1 149 ? 6.124   -16.423 -1.667  1.00 53.34  ? 143 TYR A CA  1 
ATOM   1032 C C   . TYR A 1 149 ? 6.116   -15.489 -2.879  1.00 51.56  ? 143 TYR A C   1 
ATOM   1033 O O   . TYR A 1 149 ? 5.259   -14.644 -3.014  1.00 50.52  ? 143 TYR A O   1 
ATOM   1034 C CB  . TYR A 1 149 ? 7.318   -16.129 -0.789  1.00 55.60  ? 143 TYR A CB  1 
ATOM   1035 C CG  . TYR A 1 149 ? 7.246   -14.738 -0.234  1.00 56.32  ? 143 TYR A CG  1 
ATOM   1036 C CD1 . TYR A 1 149 ? 6.424   -14.442 0.849   1.00 57.30  ? 143 TYR A CD1 1 
ATOM   1037 C CD2 . TYR A 1 149 ? 7.967   -13.700 -0.826  1.00 63.86  ? 143 TYR A CD2 1 
ATOM   1038 C CE1 . TYR A 1 149 ? 6.341   -13.146 1.332   1.00 55.35  ? 143 TYR A CE1 1 
ATOM   1039 C CE2 . TYR A 1 149 ? 7.894   -12.411 -0.356  1.00 62.77  ? 143 TYR A CE2 1 
ATOM   1040 C CZ  . TYR A 1 149 ? 7.070   -12.136 0.715   1.00 57.80  ? 143 TYR A CZ  1 
ATOM   1041 O OH  . TYR A 1 149 ? 6.987   -10.835 1.159   1.00 60.80  ? 143 TYR A OH  1 
ATOM   1042 N N   . LEU A 1 150 ? 7.098   -15.651 -3.747  1.00 51.33  ? 144 LEU A N   1 
ATOM   1043 C CA  . LEU A 1 150 ? 7.259   -14.829 -4.951  1.00 49.61  ? 144 LEU A CA  1 
ATOM   1044 C C   . LEU A 1 150 ? 6.142   -15.113 -5.958  1.00 49.01  ? 144 LEU A C   1 
ATOM   1045 O O   . LEU A 1 150 ? 5.712   -14.243 -6.714  1.00 46.22  ? 144 LEU A O   1 
ATOM   1046 C CB  . LEU A 1 150 ? 8.650   -15.095 -5.581  1.00 49.64  ? 144 LEU A CB  1 
ATOM   1047 C CG  . LEU A 1 150 ? 9.804   -14.736 -4.651  1.00 47.37  ? 144 LEU A CG  1 
ATOM   1048 C CD1 . LEU A 1 150 ? 11.112  -15.083 -5.286  1.00 50.37  ? 144 LEU A CD1 1 
ATOM   1049 C CD2 . LEU A 1 150 ? 9.765   -13.260 -4.283  1.00 47.76  ? 144 LEU A CD2 1 
ATOM   1050 N N   . GLN A 1 151 ? 5.657   -16.339 -5.943  1.00 47.47  ? 145 GLN A N   1 
ATOM   1051 C CA  . GLN A 1 151 ? 4.531   -16.703 -6.758  1.00 49.08  ? 145 GLN A CA  1 
ATOM   1052 C C   . GLN A 1 151 ? 3.255   -15.888 -6.429  1.00 52.25  ? 145 GLN A C   1 
ATOM   1053 O O   . GLN A 1 151 ? 2.662   -15.231 -7.310  1.00 51.64  ? 145 GLN A O   1 
ATOM   1054 C CB  . GLN A 1 151 ? 4.311   -18.201 -6.635  1.00 48.34  ? 145 GLN A CB  1 
ATOM   1055 C CG  . GLN A 1 151 ? 3.371   -18.752 -7.649  1.00 55.62  ? 145 GLN A CG  1 
ATOM   1056 C CD  . GLN A 1 151 ? 2.102   -19.222 -7.044  1.00 70.41  ? 145 GLN A CD  1 
ATOM   1057 O OE1 . GLN A 1 151 ? 1.122   -18.484 -6.999  1.00 85.40  ? 145 GLN A OE1 1 
ATOM   1058 N NE2 . GLN A 1 151 ? 2.103   -20.465 -6.543  1.00 68.04  ? 145 GLN A NE2 1 
ATOM   1059 N N   . VAL A 1 152 ? 2.872   -15.870 -5.157  1.00 53.06  ? 146 VAL A N   1 
ATOM   1060 C CA  . VAL A 1 152 ? 1.679   -15.160 -4.725  1.00 54.05  ? 146 VAL A CA  1 
ATOM   1061 C C   . VAL A 1 152 ? 1.822   -13.646 -5.035  1.00 53.03  ? 146 VAL A C   1 
ATOM   1062 O O   . VAL A 1 152 ? 0.890   -13.005 -5.475  1.00 53.00  ? 146 VAL A O   1 
ATOM   1063 C CB  . VAL A 1 152 ? 1.440   -15.411 -3.217  1.00 58.36  ? 146 VAL A CB  1 
ATOM   1064 C CG1 . VAL A 1 152 ? 0.441   -14.358 -2.595  1.00 56.03  ? 146 VAL A CG1 1 
ATOM   1065 C CG2 . VAL A 1 152 ? 0.963   -16.892 -2.997  1.00 58.11  ? 146 VAL A CG2 1 
ATOM   1066 N N   . LYS A 1 153 ? 3.003   -13.098 -4.833  1.00 48.38  ? 147 LYS A N   1 
ATOM   1067 C CA  . LYS A 1 153 ? 3.221   -11.678 -5.059  1.00 51.02  ? 147 LYS A CA  1 
ATOM   1068 C C   . LYS A 1 153 ? 3.013   -11.393 -6.535  1.00 51.74  ? 147 LYS A C   1 
ATOM   1069 O O   . LYS A 1 153 ? 2.293   -10.482 -6.883  1.00 53.44  ? 147 LYS A O   1 
ATOM   1070 C CB  . LYS A 1 153 ? 4.631   -11.230 -4.574  1.00 49.37  ? 147 LYS A CB  1 
ATOM   1071 C CG  . LYS A 1 153 ? 4.834   -11.346 -3.037  1.00 54.70  ? 147 LYS A CG  1 
ATOM   1072 C CD  . LYS A 1 153 ? 3.827   -10.457 -2.197  1.00 53.98  ? 147 LYS A CD  1 
ATOM   1073 C CE  . LYS A 1 153 ? 3.663   -11.002 -0.772  1.00 57.68  ? 147 LYS A CE  1 
ATOM   1074 N NZ  . LYS A 1 153 ? 2.725   -10.232 0.117   1.00 54.35  ? 147 LYS A NZ  1 
ATOM   1075 N N   . GLY A 1 154 ? 3.627   -12.213 -7.388  1.00 53.18  ? 148 GLY A N   1 
ATOM   1076 C CA  . GLY A 1 154 ? 3.502   -12.080 -8.821  1.00 52.24  ? 148 GLY A CA  1 
ATOM   1077 C C   . GLY A 1 154 ? 2.059   -12.156 -9.248  1.00 51.69  ? 148 GLY A C   1 
ATOM   1078 O O   . GLY A 1 154 ? 1.568   -11.312 -9.985  1.00 53.34  ? 148 GLY A O   1 
ATOM   1079 N N   . GLU A 1 155 ? 1.377   -13.160 -8.743  1.00 50.28  ? 149 GLU A N   1 
ATOM   1080 C CA  . GLU A 1 155 ? -0.014  -13.389 -9.069  1.00 53.29  ? 149 GLU A CA  1 
ATOM   1081 C C   . GLU A 1 155 ? -0.989  -12.264 -8.625  1.00 54.25  ? 149 GLU A C   1 
ATOM   1082 O O   . GLU A 1 155 ? -1.894  -11.913 -9.342  1.00 56.98  ? 149 GLU A O   1 
ATOM   1083 C CB  . GLU A 1 155 ? -0.398  -14.709 -8.430  1.00 54.39  ? 149 GLU A CB  1 
ATOM   1084 C CG  . GLU A 1 155 ? -1.842  -14.993 -8.510  1.00 63.80  ? 149 GLU A CG  1 
ATOM   1085 C CD  . GLU A 1 155 ? -2.160  -16.420 -8.145  1.00 73.23  ? 149 GLU A CD  1 
ATOM   1086 O OE1 . GLU A 1 155 ? -1.178  -17.173 -7.817  1.00 63.47  ? 149 GLU A OE1 1 
ATOM   1087 O OE2 . GLU A 1 155 ? -3.396  -16.731 -8.182  1.00 62.14  ? 149 GLU A OE2 1 
ATOM   1088 N N   . VAL A 1 156 ? -0.798  -11.734 -7.423  1.00 53.98  ? 150 VAL A N   1 
ATOM   1089 C CA  . VAL A 1 156 ? -1.599  -10.652 -6.905  1.00 54.27  ? 150 VAL A CA  1 
ATOM   1090 C C   . VAL A 1 156 ? -1.355  -9.365  -7.737  1.00 55.59  ? 150 VAL A C   1 
ATOM   1091 O O   . VAL A 1 156 ? -2.310  -8.662  -8.057  1.00 52.64  ? 150 VAL A O   1 
ATOM   1092 C CB  . VAL A 1 156 ? -1.267  -10.398 -5.371  1.00 55.72  ? 150 VAL A CB  1 
ATOM   1093 C CG1 . VAL A 1 156 ? -1.739  -9.052  -4.900  1.00 60.21  ? 150 VAL A CG1 1 
ATOM   1094 C CG2 . VAL A 1 156 ? -1.869  -11.467 -4.508  1.00 53.13  ? 150 VAL A CG2 1 
ATOM   1095 N N   . GLU A 1 157 ? -0.087  -9.064  -8.059  1.00 52.25  ? 151 GLU A N   1 
ATOM   1096 C CA  . GLU A 1 157 ? 0.253   -7.888  -8.855  1.00 52.70  ? 151 GLU A CA  1 
ATOM   1097 C C   . GLU A 1 157 ? -0.497  -7.863  -10.183 1.00 52.65  ? 151 GLU A C   1 
ATOM   1098 O O   . GLU A 1 157 ? -1.084  -6.861  -10.541 1.00 52.44  ? 151 GLU A O   1 
ATOM   1099 C CB  . GLU A 1 157 ? 1.753   -7.844  -9.153  1.00 51.32  ? 151 GLU A CB  1 
ATOM   1100 C CG  . GLU A 1 157 ? 2.623   -7.453  -8.010  1.00 51.67  ? 151 GLU A CG  1 
ATOM   1101 C CD  . GLU A 1 157 ? 4.080   -7.282  -8.417  1.00 52.16  ? 151 GLU A CD  1 
ATOM   1102 O OE1 . GLU A 1 157 ? 4.354   -7.276  -9.609  1.00 63.00  ? 151 GLU A OE1 1 
ATOM   1103 O OE2 . GLU A 1 157 ? 4.953   -7.166  -7.548  1.00 54.42  ? 151 GLU A OE2 1 
ATOM   1104 N N   . ALA A 1 158 ? -0.429  -8.973  -10.916 1.00 51.40  ? 152 ALA A N   1 
ATOM   1105 C CA  . ALA A 1 158 ? -1.096  -9.139  -12.198 1.00 50.19  ? 152 ALA A CA  1 
ATOM   1106 C C   . ALA A 1 158 ? -2.596  -8.938  -12.063 1.00 52.68  ? 152 ALA A C   1 
ATOM   1107 O O   . ALA A 1 158 ? -3.215  -8.225  -12.843 1.00 55.05  ? 152 ALA A O   1 
ATOM   1108 C CB  . ALA A 1 158 ? -0.823  -10.546 -12.721 1.00 50.01  ? 152 ALA A CB  1 
ATOM   1109 N N   . LYS A 1 159 ? -3.194  -9.612  -11.084 1.00 55.25  ? 153 LYS A N   1 
ATOM   1110 C CA  . LYS A 1 159 ? -4.642  -9.512  -10.848 1.00 55.66  ? 153 LYS A CA  1 
ATOM   1111 C C   . LYS A 1 159 ? -5.062  -8.136  -10.438 1.00 54.62  ? 153 LYS A C   1 
ATOM   1112 O O   . LYS A 1 159 ? -6.126  -7.678  -10.825 1.00 51.57  ? 153 LYS A O   1 
ATOM   1113 C CB  . LYS A 1 159 ? -5.107  -10.496 -9.777  1.00 57.21  ? 153 LYS A CB  1 
ATOM   1114 C CG  . LYS A 1 159 ? -5.636  -11.812 -10.341 1.00 61.85  ? 153 LYS A CG  1 
ATOM   1115 C CD  . LYS A 1 159 ? -4.484  -12.714 -10.756 1.00 67.32  ? 153 LYS A CD  1 
ATOM   1116 N N   . VAL A 1 160 ? -4.219  -7.467  -9.657  1.00 56.74  ? 154 VAL A N   1 
ATOM   1117 C CA  . VAL A 1 160 ? -4.547  -6.129  -9.199  1.00 57.39  ? 154 VAL A CA  1 
ATOM   1118 C C   . VAL A 1 160 ? -4.430  -5.148  -10.364 1.00 58.97  ? 154 VAL A C   1 
ATOM   1119 O O   . VAL A 1 160 ? -5.303  -4.305  -10.549 1.00 60.07  ? 154 VAL A O   1 
ATOM   1120 C CB  . VAL A 1 160 ? -3.740  -5.738  -7.972  1.00 56.43  ? 154 VAL A CB  1 
ATOM   1121 C CG1 . VAL A 1 160 ? -3.955  -4.300  -7.642  1.00 60.38  ? 154 VAL A CG1 1 
ATOM   1122 C CG2 . VAL A 1 160 ? -4.148  -6.614  -6.784  1.00 52.70  ? 154 VAL A CG2 1 
ATOM   1123 N N   . GLU A 1 161 ? -3.389  -5.304  -11.175 1.00 59.89  ? 155 GLU A N   1 
ATOM   1124 C CA  . GLU A 1 161 ? -3.271  -4.569  -12.431 1.00 61.70  ? 155 GLU A CA  1 
ATOM   1125 C C   . GLU A 1 161 ? -4.496  -4.742  -13.351 1.00 62.11  ? 155 GLU A C   1 
ATOM   1126 O O   . GLU A 1 161 ? -4.863  -3.781  -14.036 1.00 60.96  ? 155 GLU A O   1 
ATOM   1127 C CB  . GLU A 1 161 ? -1.997  -4.981  -13.170 1.00 59.75  ? 155 GLU A CB  1 
ATOM   1128 C CG  . GLU A 1 161 ? -1.654  -4.128  -14.401 1.00 64.93  ? 155 GLU A CG  1 
ATOM   1129 C CD  . GLU A 1 161 ? -0.441  -4.683  -15.193 1.00 72.96  ? 155 GLU A CD  1 
ATOM   1130 O OE1 . GLU A 1 161 ? -0.480  -5.870  -15.627 1.00 96.88  ? 155 GLU A OE1 1 
ATOM   1131 O OE2 . GLU A 1 161 ? 0.544   -3.934  -15.395 1.00 88.98  ? 155 GLU A OE2 1 
ATOM   1132 N N   . GLU A 1 162 ? -5.129  -5.931  -13.365 1.00 60.95  ? 156 GLU A N   1 
ATOM   1133 C CA  . GLU A 1 162 ? -6.327  -6.167  -14.209 1.00 61.46  ? 156 GLU A CA  1 
ATOM   1134 C C   . GLU A 1 162 ? -7.550  -5.394  -13.739 1.00 57.46  ? 156 GLU A C   1 
ATOM   1135 O O   . GLU A 1 162 ? -8.478  -5.191  -14.504 1.00 54.45  ? 156 GLU A O   1 
ATOM   1136 C CB  . GLU A 1 162 ? -6.716  -7.653  -14.288 1.00 61.78  ? 156 GLU A CB  1 
ATOM   1137 C CG  . GLU A 1 162 ? -5.671  -8.566  -14.899 1.00 68.95  ? 156 GLU A CG  1 
ATOM   1138 C CD  . GLU A 1 162 ? -6.029  -10.049 -14.783 1.00 70.84  ? 156 GLU A CD  1 
ATOM   1139 O OE1 . GLU A 1 162 ? -7.242  -10.408 -14.970 1.00 68.33  ? 156 GLU A OE1 1 
ATOM   1140 O OE2 . GLU A 1 162 ? -5.085  -10.846 -14.525 1.00 75.92  ? 156 GLU A OE2 1 
ATOM   1141 N N   . LEU A 1 163 ? -7.562  -4.954  -12.482 1.00 57.52  ? 157 LEU A N   1 
ATOM   1142 C CA  . LEU A 1 163 ? -8.677  -4.139  -11.990 1.00 54.82  ? 157 LEU A CA  1 
ATOM   1143 C C   . LEU A 1 163 ? -8.687  -2.740  -12.600 1.00 54.89  ? 157 LEU A C   1 
ATOM   1144 O O   . LEU A 1 163 ? -9.701  -2.064  -12.582 1.00 53.84  ? 157 LEU A O   1 
ATOM   1145 C CB  . LEU A 1 163 ? -8.658  -4.051  -10.484 1.00 54.00  ? 157 LEU A CB  1 
ATOM   1146 C CG  . LEU A 1 163 ? -8.895  -5.399  -9.833  1.00 57.28  ? 157 LEU A CG  1 
ATOM   1147 C CD1 . LEU A 1 163 ? -8.585  -5.261  -8.367  1.00 54.84  ? 157 LEU A CD1 1 
ATOM   1148 C CD2 . LEU A 1 163 ? -10.364 -5.871  -10.078 1.00 56.97  ? 157 LEU A CD2 1 
ATOM   1149 N N   . LYS A 1 164 ? -7.560  -2.330  -13.168 1.00 56.79  ? 158 LYS A N   1 
ATOM   1150 C CA  . LYS A 1 164 ? -7.472  -1.088  -13.915 1.00 56.94  ? 158 LYS A CA  1 
ATOM   1151 C C   . LYS A 1 164 ? -7.867  0.084   -13.034 1.00 56.23  ? 158 LYS A C   1 
ATOM   1152 O O   . LYS A 1 164 ? -8.755  0.848   -13.400 1.00 53.03  ? 158 LYS A O   1 
ATOM   1153 C CB  . LYS A 1 164 ? -8.362  -1.124  -15.179 1.00 57.64  ? 158 LYS A CB  1 
ATOM   1154 C CG  . LYS A 1 164 ? -7.943  -2.157  -16.219 1.00 56.60  ? 158 LYS A CG  1 
ATOM   1155 N N   . PHE A 1 165 ? -7.237  0.210   -11.862 1.00 55.85  ? 159 PHE A N   1 
ATOM   1156 C CA  . PHE A 1 165 ? -7.391  1.441   -11.077 1.00 54.73  ? 159 PHE A CA  1 
ATOM   1157 C C   . PHE A 1 165 ? -6.855  2.596   -11.923 1.00 55.88  ? 159 PHE A C   1 
ATOM   1158 O O   . PHE A 1 165 ? -5.978  2.372   -12.765 1.00 59.25  ? 159 PHE A O   1 
ATOM   1159 C CB  . PHE A 1 165 ? -6.609  1.369   -9.798  1.00 55.46  ? 159 PHE A CB  1 
ATOM   1160 C CG  . PHE A 1 165 ? -7.167  0.423   -8.783  1.00 50.28  ? 159 PHE A CG  1 
ATOM   1161 C CD1 . PHE A 1 165 ? -8.105  0.863   -7.856  1.00 54.51  ? 159 PHE A CD1 1 
ATOM   1162 C CD2 . PHE A 1 165 ? -6.708  -0.875  -8.705  1.00 52.34  ? 159 PHE A CD2 1 
ATOM   1163 C CE1 . PHE A 1 165 ? -8.604  0.016   -6.878  1.00 55.58  ? 159 PHE A CE1 1 
ATOM   1164 C CE2 . PHE A 1 165 ? -7.179  -1.740  -7.708  1.00 48.72  ? 159 PHE A CE2 1 
ATOM   1165 C CZ  . PHE A 1 165 ? -8.143  -1.288  -6.805  1.00 53.39  ? 159 PHE A CZ  1 
ATOM   1166 N N   . ASP A 1 166 ? -7.362  3.816   -11.728 1.00 53.08  ? 160 ASP A N   1 
ATOM   1167 C CA  . ASP A 1 166 ? -6.819  4.967   -12.475 1.00 54.63  ? 160 ASP A CA  1 
ATOM   1168 C C   . ASP A 1 166 ? -5.291  5.081   -12.284 1.00 57.55  ? 160 ASP A C   1 
ATOM   1169 O O   . ASP A 1 166 ? -4.549  5.392   -13.213 1.00 59.03  ? 160 ASP A O   1 
ATOM   1170 C CB  . ASP A 1 166 ? -7.489  6.258   -12.028 1.00 56.15  ? 160 ASP A CB  1 
ATOM   1171 C CG  . ASP A 1 166 ? -8.937  6.334   -12.445 1.00 57.61  ? 160 ASP A CG  1 
ATOM   1172 O OD1 . ASP A 1 166 ? -9.373  5.441   -13.201 1.00 63.71  ? 160 ASP A OD1 1 
ATOM   1173 O OD2 . ASP A 1 166 ? -9.635  7.278   -12.012 1.00 61.88  ? 160 ASP A OD2 1 
ATOM   1174 N N   . ARG A 1 167 ? -4.839  4.809   -11.065 1.00 55.35  ? 161 ARG A N   1 
ATOM   1175 C CA  . ARG A 1 167 ? -3.443  4.765   -10.770 1.00 55.03  ? 161 ARG A CA  1 
ATOM   1176 C C   . ARG A 1 167 ? -3.176  3.598   -9.814  1.00 57.37  ? 161 ARG A C   1 
ATOM   1177 O O   . ARG A 1 167 ? -3.840  3.450   -8.788  1.00 58.97  ? 161 ARG A O   1 
ATOM   1178 C CB  . ARG A 1 167 ? -3.006  6.080   -10.152 1.00 54.06  ? 161 ARG A CB  1 
ATOM   1179 C CG  . ARG A 1 167 ? -1.526  6.199   -9.938  1.00 51.31  ? 161 ARG A CG  1 
ATOM   1180 C CD  . ARG A 1 167 ? -1.183  7.477   -9.154  1.00 54.18  ? 161 ARG A CD  1 
ATOM   1181 N NE  . ARG A 1 167 ? 0.259   7.690   -9.100  1.00 54.80  ? 161 ARG A NE  1 
ATOM   1182 C CZ  . ARG A 1 167 ? 0.863   8.663   -8.430  1.00 56.35  ? 161 ARG A CZ  1 
ATOM   1183 N NH1 . ARG A 1 167 ? 0.144   9.582   -7.782  1.00 59.03  ? 161 ARG A NH1 1 
ATOM   1184 N NH2 . ARG A 1 167 ? 2.196   8.763   -8.470  1.00 50.72  ? 161 ARG A NH2 1 
ATOM   1185 N N   . LEU A 1 168 ? -2.218  2.759   -10.189 1.00 56.51  ? 162 LEU A N   1 
ATOM   1186 C CA  . LEU A 1 168 ? -1.761  1.688   -9.344  1.00 57.53  ? 162 LEU A CA  1 
ATOM   1187 C C   . LEU A 1 168 ? -0.291  1.879   -9.120  1.00 56.47  ? 162 LEU A C   1 
ATOM   1188 O O   . LEU A 1 168 ? 0.437   2.049   -10.072 1.00 53.50  ? 162 LEU A O   1 
ATOM   1189 C CB  . LEU A 1 168 ? -2.027  0.330   -10.014 1.00 59.87  ? 162 LEU A CB  1 
ATOM   1190 C CG  . LEU A 1 168 ? -1.350  -0.915  -9.442  1.00 55.68  ? 162 LEU A CG  1 
ATOM   1191 C CD1 . LEU A 1 168 ? -1.847  -1.239  -7.981  1.00 54.38  ? 162 LEU A CD1 1 
ATOM   1192 C CD2 . LEU A 1 168 ? -1.617  -2.036  -10.399 1.00 54.10  ? 162 LEU A CD2 1 
ATOM   1193 N N   . SER A 1 169 ? 0.134   1.806   -7.855  1.00 56.42  ? 163 SER A N   1 
ATOM   1194 C CA  . SER A 1 169 ? 1.530   1.885   -7.528  1.00 56.16  ? 163 SER A CA  1 
ATOM   1195 C C   . SER A 1 169 ? 1.935   0.580   -6.825  1.00 55.89  ? 163 SER A C   1 
ATOM   1196 O O   . SER A 1 169 ? 1.416   0.262   -5.749  1.00 54.95  ? 163 SER A O   1 
ATOM   1197 C CB  . SER A 1 169 ? 1.817   3.128   -6.650  1.00 56.96  ? 163 SER A CB  1 
ATOM   1198 O OG  . SER A 1 169 ? 1.340   4.372   -7.214  1.00 54.14  ? 163 SER A OG  1 
ATOM   1199 N N   . VAL A 1 170 ? 2.850   -0.186  -7.454  1.00 56.66  ? 164 VAL A N   1 
ATOM   1200 C CA  . VAL A 1 170 ? 3.388   -1.412  -6.860  1.00 55.30  ? 164 VAL A CA  1 
ATOM   1201 C C   . VAL A 1 170 ? 4.809   -1.176  -6.355  1.00 56.39  ? 164 VAL A C   1 
ATOM   1202 O O   . VAL A 1 170 ? 5.656   -0.706  -7.104  1.00 58.02  ? 164 VAL A O   1 
ATOM   1203 C CB  . VAL A 1 170 ? 3.422   -2.579  -7.863  1.00 57.07  ? 164 VAL A CB  1 
ATOM   1204 C CG1 . VAL A 1 170 ? 3.973   -3.842  -7.186  1.00 52.46  ? 164 VAL A CG1 1 
ATOM   1205 C CG2 . VAL A 1 170 ? 2.029   -2.844  -8.439  1.00 59.34  ? 164 VAL A CG2 1 
ATOM   1206 N N   . PHE A 1 171 ? 5.036   -1.517  -5.075  1.00 56.72  ? 165 PHE A N   1 
ATOM   1207 C CA  . PHE A 1 171 ? 6.309   -1.395  -4.379  1.00 54.85  ? 165 PHE A CA  1 
ATOM   1208 C C   . PHE A 1 171 ? 6.899   -2.786  -4.057  1.00 55.29  ? 165 PHE A C   1 
ATOM   1209 O O   . PHE A 1 171 ? 6.299   -3.602  -3.367  1.00 55.88  ? 165 PHE A O   1 
ATOM   1210 C CB  . PHE A 1 171 ? 6.131   -0.585  -3.072  1.00 54.54  ? 165 PHE A CB  1 
ATOM   1211 C CG  . PHE A 1 171 ? 5.539   0.787   -3.276  1.00 55.30  ? 165 PHE A CG  1 
ATOM   1212 C CD1 . PHE A 1 171 ? 4.138   0.959   -3.383  1.00 48.23  ? 165 PHE A CD1 1 
ATOM   1213 C CD2 . PHE A 1 171 ? 6.356   1.908   -3.382  1.00 59.58  ? 165 PHE A CD2 1 
ATOM   1214 C CE1 . PHE A 1 171 ? 3.575   2.191   -3.578  1.00 49.50  ? 165 PHE A CE1 1 
ATOM   1215 C CE2 . PHE A 1 171 ? 5.792   3.199   -3.599  1.00 54.13  ? 165 PHE A CE2 1 
ATOM   1216 C CZ  . PHE A 1 171 ? 4.395   3.335   -3.692  1.00 53.78  ? 165 PHE A CZ  1 
ATOM   1217 N N   . ARG A 1 172 ? 8.116   -3.013  -4.535  1.00 55.68  ? 166 ARG A N   1 
ATOM   1218 C CA  . ARG A 1 172 ? 8.806   -4.266  -4.406  1.00 53.25  ? 166 ARG A CA  1 
ATOM   1219 C C   . ARG A 1 172 ? 10.090  -4.030  -3.620  1.00 57.64  ? 166 ARG A C   1 
ATOM   1220 O O   . ARG A 1 172 ? 11.186  -4.160  -4.167  1.00 58.79  ? 166 ARG A O   1 
ATOM   1221 C CB  . ARG A 1 172 ? 9.182   -4.821  -5.770  1.00 53.74  ? 166 ARG A CB  1 
ATOM   1222 C CG  . ARG A 1 172 ? 8.022   -5.394  -6.588  1.00 53.08  ? 166 ARG A CG  1 
ATOM   1223 C CD  . ARG A 1 172 ? 8.545   -5.861  -7.928  1.00 57.08  ? 166 ARG A CD  1 
ATOM   1224 N NE  . ARG A 1 172 ? 7.576   -6.587  -8.726  1.00 54.15  ? 166 ARG A NE  1 
ATOM   1225 C CZ  . ARG A 1 172 ? 7.780   -6.945  -9.987  1.00 58.95  ? 166 ARG A CZ  1 
ATOM   1226 N NH1 . ARG A 1 172 ? 8.924   -6.666  -10.581 1.00 57.24  ? 166 ARG A NH1 1 
ATOM   1227 N NH2 . ARG A 1 172 ? 6.848   -7.608  -10.659 1.00 50.09  ? 166 ARG A NH2 1 
ATOM   1228 N N   . PRO A 1 173 ? 9.944   -3.709  -2.317  1.00 56.07  ? 167 PRO A N   1 
ATOM   1229 C CA  . PRO A 1 173 ? 11.102  -3.632  -1.458  1.00 56.20  ? 167 PRO A CA  1 
ATOM   1230 C C   . PRO A 1 173 ? 11.718  -5.001  -1.293  1.00 53.48  ? 167 PRO A C   1 
ATOM   1231 O O   . PRO A 1 173 ? 11.034  -6.014  -1.484  1.00 46.95  ? 167 PRO A O   1 
ATOM   1232 C CB  . PRO A 1 173 ? 10.522  -3.111  -0.100  1.00 56.76  ? 167 PRO A CB  1 
ATOM   1233 C CG  . PRO A 1 173 ? 9.067   -3.501  -0.142  1.00 54.18  ? 167 PRO A CG  1 
ATOM   1234 C CD  . PRO A 1 173 ? 8.683   -3.429  -1.588  1.00 53.91  ? 167 PRO A CD  1 
ATOM   1235 N N   . GLY A 1 174 ? 13.022  -5.004  -1.018  1.00 51.47  ? 168 GLY A N   1 
ATOM   1236 C CA  . GLY A 1 174 ? 13.714  -6.180  -0.582  1.00 53.54  ? 168 GLY A CA  1 
ATOM   1237 C C   . GLY A 1 174 ? 13.519  -6.338  0.920   1.00 56.09  ? 168 GLY A C   1 
ATOM   1238 O O   . GLY A 1 174 ? 12.439  -6.071  1.466   1.00 58.85  ? 168 GLY A O   1 
ATOM   1239 N N   . VAL A 1 175 ? 14.566  -6.756  1.601   1.00 57.31  ? 169 VAL A N   1 
ATOM   1240 C CA  . VAL A 1 175 ? 14.492  -6.978  3.039   1.00 59.40  ? 169 VAL A CA  1 
ATOM   1241 C C   . VAL A 1 175 ? 14.124  -5.689  3.800   1.00 60.88  ? 169 VAL A C   1 
ATOM   1242 O O   . VAL A 1 175 ? 14.719  -4.641  3.591   1.00 59.94  ? 169 VAL A O   1 
ATOM   1243 C CB  . VAL A 1 175 ? 15.785  -7.582  3.544   1.00 60.69  ? 169 VAL A CB  1 
ATOM   1244 C CG1 . VAL A 1 175 ? 15.754  -7.733  5.116   1.00 59.60  ? 169 VAL A CG1 1 
ATOM   1245 C CG2 . VAL A 1 175 ? 15.994  -8.936  2.856   1.00 60.02  ? 169 VAL A CG2 1 
ATOM   1246 N N   . LEU A 1 176 ? 13.092  -5.789  4.643   1.00 63.43  ? 170 LEU A N   1 
ATOM   1247 C CA  . LEU A 1 176 ? 12.492  -4.644  5.313   1.00 63.31  ? 170 LEU A CA  1 
ATOM   1248 C C   . LEU A 1 176 ? 13.208  -4.416  6.603   1.00 63.07  ? 170 LEU A C   1 
ATOM   1249 O O   . LEU A 1 176 ? 13.181  -5.290  7.456   1.00 68.55  ? 170 LEU A O   1 
ATOM   1250 C CB  . LEU A 1 176 ? 11.014  -4.897  5.594   1.00 63.65  ? 170 LEU A CB  1 
ATOM   1251 C CG  . LEU A 1 176 ? 10.088  -4.747  4.401   1.00 65.93  ? 170 LEU A CG  1 
ATOM   1252 C CD1 . LEU A 1 176 ? 8.679   -5.097  4.811   1.00 72.35  ? 170 LEU A CD1 1 
ATOM   1253 C CD2 . LEU A 1 176 ? 10.150  -3.346  3.839   1.00 68.28  ? 170 LEU A CD2 1 
ATOM   1254 N N   . LEU A 1 177 ? 13.884  -3.278  6.742   1.00 61.01  ? 171 LEU A N   1 
ATOM   1255 C CA  . LEU A 1 177 ? 14.715  -3.032  7.908   1.00 62.11  ? 171 LEU A CA  1 
ATOM   1256 C C   . LEU A 1 177 ? 14.020  -2.124  8.915   1.00 65.05  ? 171 LEU A C   1 
ATOM   1257 O O   . LEU A 1 177 ? 13.474  -1.040  8.582   1.00 60.25  ? 171 LEU A O   1 
ATOM   1258 C CB  . LEU A 1 177 ? 16.085  -2.453  7.521   1.00 63.32  ? 171 LEU A CB  1 
ATOM   1259 C CG  . LEU A 1 177 ? 16.980  -3.284  6.589   1.00 65.02  ? 171 LEU A CG  1 
ATOM   1260 C CD1 . LEU A 1 177 ? 18.065  -2.399  6.041   1.00 64.51  ? 171 LEU A CD1 1 
ATOM   1261 C CD2 . LEU A 1 177 ? 17.581  -4.446  7.322   1.00 64.18  ? 171 LEU A CD2 1 
ATOM   1262 N N   . CYS A 1 178 ? 14.055  -2.573  10.168  1.00 69.99  ? 172 CYS A N   1 
ATOM   1263 C CA  . CYS A 1 178 ? 13.478  -1.817  11.281  1.00 74.90  ? 172 CYS A CA  1 
ATOM   1264 C C   . CYS A 1 178 ? 14.637  -1.218  12.016  1.00 74.91  ? 172 CYS A C   1 
ATOM   1265 O O   . CYS A 1 178 ? 15.750  -1.684  11.828  1.00 76.02  ? 172 CYS A O   1 
ATOM   1266 C CB  . CYS A 1 178 ? 12.701  -2.741  12.196  1.00 75.96  ? 172 CYS A CB  1 
ATOM   1267 S SG  . CYS A 1 178 ? 11.262  -3.456  11.398  1.00 93.68  ? 172 CYS A SG  1 
ATOM   1268 N N   . ASP A 1 199 ? 23.686  -3.010  -11.798 1.00 54.42  ? 193 ASP A N   1 
ATOM   1269 C CA  . ASP A 1 199 ? 23.177  -2.586  -10.498 1.00 59.01  ? 193 ASP A CA  1 
ATOM   1270 C C   . ASP A 1 199 ? 24.005  -3.213  -9.358  1.00 57.80  ? 193 ASP A C   1 
ATOM   1271 O O   . ASP A 1 199 ? 24.434  -4.366  -9.445  1.00 58.47  ? 193 ASP A O   1 
ATOM   1272 C CB  . ASP A 1 199 ? 21.689  -2.938  -10.299 1.00 61.68  ? 193 ASP A CB  1 
ATOM   1273 C CG  . ASP A 1 199 ? 20.700  -1.845  -10.812 1.00 68.06  ? 193 ASP A CG  1 
ATOM   1274 O OD1 . ASP A 1 199 ? 21.113  -0.811  -11.368 1.00 73.88  ? 193 ASP A OD1 1 
ATOM   1275 O OD2 . ASP A 1 199 ? 19.466  -2.046  -10.666 1.00 76.94  ? 193 ASP A OD2 1 
ATOM   1276 N N   . SER A 1 200 ? 24.231  -2.415  -8.315  1.00 53.36  ? 194 SER A N   1 
ATOM   1277 C CA  . SER A 1 200 ? 24.934  -2.833  -7.126  1.00 50.87  ? 194 SER A CA  1 
ATOM   1278 C C   . SER A 1 200 ? 24.077  -3.811  -6.325  1.00 49.95  ? 194 SER A C   1 
ATOM   1279 O O   . SER A 1 200 ? 22.825  -3.680  -6.283  1.00 50.96  ? 194 SER A O   1 
ATOM   1280 C CB  . SER A 1 200 ? 25.224  -1.592  -6.257  1.00 50.90  ? 194 SER A CB  1 
ATOM   1281 O OG  . SER A 1 200 ? 24.047  -1.201  -5.523  1.00 47.67  ? 194 SER A OG  1 
ATOM   1282 N N   . TRP A 1 201 ? 24.729  -4.731  -5.612  1.00 50.06  ? 195 TRP A N   1 
ATOM   1283 C CA  . TRP A 1 201 ? 24.019  -5.572  -4.589  1.00 50.17  ? 195 TRP A CA  1 
ATOM   1284 C C   . TRP A 1 201 ? 23.179  -4.752  -3.604  1.00 51.70  ? 195 TRP A C   1 
ATOM   1285 O O   . TRP A 1 201 ? 21.947  -4.995  -3.445  1.00 52.90  ? 195 TRP A O   1 
ATOM   1286 C CB  . TRP A 1 201 ? 24.986  -6.533  -3.843  1.00 51.82  ? 195 TRP A CB  1 
ATOM   1287 C CG  . TRP A 1 201 ? 24.357  -7.103  -2.610  1.00 53.27  ? 195 TRP A CG  1 
ATOM   1288 C CD1 . TRP A 1 201 ? 23.543  -8.184  -2.537  1.00 53.30  ? 195 TRP A CD1 1 
ATOM   1289 C CD2 . TRP A 1 201 ? 24.440  -6.568  -1.278  1.00 58.13  ? 195 TRP A CD2 1 
ATOM   1290 N NE1 . TRP A 1 201 ? 23.117  -8.371  -1.239  1.00 53.76  ? 195 TRP A NE1 1 
ATOM   1291 C CE2 . TRP A 1 201 ? 23.640  -7.384  -0.452  1.00 54.89  ? 195 TRP A CE2 1 
ATOM   1292 C CE3 . TRP A 1 201 ? 25.137  -5.485  -0.697  1.00 51.71  ? 195 TRP A CE3 1 
ATOM   1293 C CZ2 . TRP A 1 201 ? 23.535  -7.179  0.927   1.00 61.80  ? 195 TRP A CZ2 1 
ATOM   1294 C CZ3 . TRP A 1 201 ? 24.997  -5.257  0.658   1.00 52.81  ? 195 TRP A CZ3 1 
ATOM   1295 C CH2 . TRP A 1 201 ? 24.201  -6.099  1.458   1.00 57.20  ? 195 TRP A CH2 1 
ATOM   1296 N N   . ALA A 1 202 ? 23.798  -3.749  -2.970  1.00 50.19  ? 196 ALA A N   1 
ATOM   1297 C CA  . ALA A 1 202 ? 23.068  -2.903  -1.982  1.00 51.97  ? 196 ALA A CA  1 
ATOM   1298 C C   . ALA A 1 202 ? 21.804  -2.152  -2.481  1.00 53.80  ? 196 ALA A C   1 
ATOM   1299 O O   . ALA A 1 202 ? 20.836  -1.927  -1.696  1.00 50.96  ? 196 ALA A O   1 
ATOM   1300 C CB  . ALA A 1 202 ? 24.039  -1.863  -1.348  1.00 51.02  ? 196 ALA A CB  1 
ATOM   1301 N N   . SER A 1 203 ? 21.839  -1.703  -3.746  1.00 52.56  ? 197 SER A N   1 
ATOM   1302 C CA  . SER A 1 203 ? 20.688  -1.014  -4.384  1.00 51.00  ? 197 SER A CA  1 
ATOM   1303 C C   . SER A 1 203 ? 19.425  -1.909  -4.385  1.00 53.36  ? 197 SER A C   1 
ATOM   1304 O O   . SER A 1 203 ? 18.302  -1.414  -4.315  1.00 58.45  ? 197 SER A O   1 
ATOM   1305 C CB  . SER A 1 203 ? 21.034  -0.567  -5.822  1.00 51.01  ? 197 SER A CB  1 
ATOM   1306 O OG  . SER A 1 203 ? 21.328  -1.671  -6.734  1.00 50.63  ? 197 SER A OG  1 
ATOM   1307 N N   . GLY A 1 204 ? 19.602  -3.223  -4.407  1.00 50.38  ? 198 GLY A N   1 
ATOM   1308 C CA  . GLY A 1 204 ? 18.461  -4.143  -4.460  1.00 49.15  ? 198 GLY A CA  1 
ATOM   1309 C C   . GLY A 1 204 ? 18.072  -4.853  -3.174  1.00 51.89  ? 198 GLY A C   1 
ATOM   1310 O O   . GLY A 1 204 ? 16.895  -5.278  -3.030  1.00 50.91  ? 198 GLY A O   1 
ATOM   1311 N N   . TYR A 1 205 ? 19.014  -4.949  -2.231  1.00 51.51  ? 199 TYR A N   1 
ATOM   1312 C CA  . TYR A 1 205 ? 18.924  -5.947  -1.162  1.00 53.48  ? 199 TYR A CA  1 
ATOM   1313 C C   . TYR A 1 205 ? 17.920  -5.585  -0.052  1.00 53.90  ? 199 TYR A C   1 
ATOM   1314 O O   . TYR A 1 205 ? 17.081  -6.396  0.303   1.00 54.69  ? 199 TYR A O   1 
ATOM   1315 C CB  . TYR A 1 205 ? 20.287  -6.212  -0.513  1.00 53.04  ? 199 TYR A CB  1 
ATOM   1316 C CG  . TYR A 1 205 ? 20.207  -7.160  0.666   1.00 51.38  ? 199 TYR A CG  1 
ATOM   1317 C CD1 . TYR A 1 205 ? 19.779  -8.470  0.484   1.00 59.33  ? 199 TYR A CD1 1 
ATOM   1318 C CD2 . TYR A 1 205 ? 20.474  -6.744  1.976   1.00 61.62  ? 199 TYR A CD2 1 
ATOM   1319 C CE1 . TYR A 1 205 ? 19.672  -9.355  1.556   1.00 46.31  ? 199 TYR A CE1 1 
ATOM   1320 C CE2 . TYR A 1 205 ? 20.341  -7.655  3.086   1.00 51.25  ? 199 TYR A CE2 1 
ATOM   1321 C CZ  . TYR A 1 205 ? 19.957  -8.952  2.837   1.00 53.90  ? 199 TYR A CZ  1 
ATOM   1322 O OH  . TYR A 1 205 ? 19.848  -9.883  3.844   1.00 56.10  ? 199 TYR A OH  1 
ATOM   1323 N N   . ALA A 1 206 ? 18.031  -4.393  0.511   1.00 51.34  ? 200 ALA A N   1 
ATOM   1324 C CA  . ALA A 1 206 ? 17.247  -4.038  1.698   1.00 52.74  ? 200 ALA A CA  1 
ATOM   1325 C C   . ALA A 1 206 ? 16.869  -2.592  1.685   1.00 54.33  ? 200 ALA A C   1 
ATOM   1326 O O   . ALA A 1 206 ? 17.438  -1.777  0.945   1.00 53.13  ? 200 ALA A O   1 
ATOM   1327 C CB  . ALA A 1 206 ? 17.991  -4.369  2.982   1.00 53.05  ? 200 ALA A CB  1 
ATOM   1328 N N   . VAL A 1 207 ? 15.854  -2.284  2.484   1.00 57.45  ? 201 VAL A N   1 
ATOM   1329 C CA  . VAL A 1 207 ? 15.452  -0.914  2.662   1.00 58.39  ? 201 VAL A CA  1 
ATOM   1330 C C   . VAL A 1 207 ? 14.824  -0.695  4.067   1.00 55.88  ? 201 VAL A C   1 
ATOM   1331 O O   . VAL A 1 207 ? 14.057  -1.539  4.565   1.00 55.01  ? 201 VAL A O   1 
ATOM   1332 C CB  . VAL A 1 207 ? 14.542  -0.509  1.464   1.00 55.76  ? 201 VAL A CB  1 
ATOM   1333 C CG1 . VAL A 1 207 ? 13.337  -1.456  1.383   1.00 60.81  ? 201 VAL A CG1 1 
ATOM   1334 C CG2 . VAL A 1 207 ? 14.095  0.980   1.535   1.00 55.12  ? 201 VAL A CG2 1 
ATOM   1335 N N   . PRO A 1 208 ? 15.166  0.417   4.722   1.00 54.98  ? 202 PRO A N   1 
ATOM   1336 C CA  . PRO A 1 208 ? 14.420  0.684   5.959   1.00 57.46  ? 202 PRO A CA  1 
ATOM   1337 C C   . PRO A 1 208 ? 12.880  0.855   5.736   1.00 57.44  ? 202 PRO A C   1 
ATOM   1338 O O   . PRO A 1 208 ? 12.404  1.484   4.760   1.00 55.91  ? 202 PRO A O   1 
ATOM   1339 C CB  . PRO A 1 208 ? 15.067  1.985   6.496   1.00 55.14  ? 202 PRO A CB  1 
ATOM   1340 C CG  . PRO A 1 208 ? 16.425  2.037   5.872   1.00 52.22  ? 202 PRO A CG  1 
ATOM   1341 C CD  . PRO A 1 208 ? 16.193  1.444   4.482   1.00 55.63  ? 202 PRO A CD  1 
ATOM   1342 N N   . VAL A 1 209 ? 12.112  0.271   6.637   1.00 54.62  ? 203 VAL A N   1 
ATOM   1343 C CA  . VAL A 1 209 ? 10.671  0.425   6.602   1.00 57.75  ? 203 VAL A CA  1 
ATOM   1344 C C   . VAL A 1 209 ? 10.293  1.909   6.416   1.00 56.95  ? 203 VAL A C   1 
ATOM   1345 O O   . VAL A 1 209 ? 9.460   2.226   5.595   1.00 53.49  ? 203 VAL A O   1 
ATOM   1346 C CB  . VAL A 1 209 ? 9.979   -0.101  7.885   1.00 56.28  ? 203 VAL A CB  1 
ATOM   1347 C CG1 . VAL A 1 209 ? 8.488   0.260   7.855   1.00 63.01  ? 203 VAL A CG1 1 
ATOM   1348 C CG2 . VAL A 1 209 ? 10.134  -1.612  8.015   1.00 60.28  ? 203 VAL A CG2 1 
ATOM   1349 N N   . VAL A 1 210 ? 10.916  2.802   7.185   1.00 56.74  ? 204 VAL A N   1 
ATOM   1350 C CA  . VAL A 1 210 ? 10.587  4.225   7.136   1.00 58.22  ? 204 VAL A CA  1 
ATOM   1351 C C   . VAL A 1 210 ? 10.858  4.790   5.722   1.00 57.45  ? 204 VAL A C   1 
ATOM   1352 O O   . VAL A 1 210 ? 10.147  5.638   5.257   1.00 56.04  ? 204 VAL A O   1 
ATOM   1353 C CB  . VAL A 1 210 ? 11.332  5.053   8.289   1.00 58.98  ? 204 VAL A CB  1 
ATOM   1354 C CG1 . VAL A 1 210 ? 12.823  5.123   8.040   1.00 59.04  ? 204 VAL A CG1 1 
ATOM   1355 C CG2 . VAL A 1 210 ? 10.754  6.444   8.389   1.00 65.63  ? 204 VAL A CG2 1 
ATOM   1356 N N   . THR A 1 211 ? 11.873  4.262   5.049   1.00 57.84  ? 205 THR A N   1 
ATOM   1357 C CA  . THR A 1 211 ? 12.215  4.658   3.705   1.00 57.72  ? 205 THR A CA  1 
ATOM   1358 C C   . THR A 1 211 ? 11.163  4.147   2.725   1.00 57.84  ? 205 THR A C   1 
ATOM   1359 O O   . THR A 1 211 ? 10.850  4.841   1.756   1.00 54.98  ? 205 THR A O   1 
ATOM   1360 C CB  . THR A 1 211 ? 13.613  4.157   3.320   1.00 56.52  ? 205 THR A CB  1 
ATOM   1361 O OG1 . THR A 1 211 ? 14.600  4.728   4.206   1.00 56.60  ? 205 THR A OG1 1 
ATOM   1362 C CG2 . THR A 1 211 ? 13.920  4.511   1.917   1.00 52.61  ? 205 THR A CG2 1 
ATOM   1363 N N   . VAL A 1 212 ? 10.604  2.962   2.986   1.00 54.93  ? 206 VAL A N   1 
ATOM   1364 C CA  . VAL A 1 212 ? 9.532   2.447   2.120   1.00 56.58  ? 206 VAL A CA  1 
ATOM   1365 C C   . VAL A 1 212 ? 8.299   3.332   2.245   1.00 54.52  ? 206 VAL A C   1 
ATOM   1366 O O   . VAL A 1 212 ? 7.683   3.677   1.244   1.00 54.53  ? 206 VAL A O   1 
ATOM   1367 C CB  . VAL A 1 212 ? 9.122   1.009   2.454   1.00 55.90  ? 206 VAL A CB  1 
ATOM   1368 C CG1 . VAL A 1 212 ? 7.862   0.605   1.684   1.00 55.67  ? 206 VAL A CG1 1 
ATOM   1369 C CG2 . VAL A 1 212 ? 10.332  0.029   2.237   1.00 61.54  ? 206 VAL A CG2 1 
ATOM   1370 N N   . VAL A 1 213 ? 7.974   3.697   3.477   1.00 51.43  ? 207 VAL A N   1 
ATOM   1371 C CA  . VAL A 1 213 ? 6.849   4.577   3.746   1.00 54.97  ? 207 VAL A CA  1 
ATOM   1372 C C   . VAL A 1 213 ? 7.027   5.985   3.099   1.00 55.83  ? 207 VAL A C   1 
ATOM   1373 O O   . VAL A 1 213 ? 6.131   6.498   2.456   1.00 56.91  ? 207 VAL A O   1 
ATOM   1374 C CB  . VAL A 1 213 ? 6.654   4.674   5.256   1.00 52.22  ? 207 VAL A CB  1 
ATOM   1375 C CG1 . VAL A 1 213 ? 5.638   5.740   5.608   1.00 55.49  ? 207 VAL A CG1 1 
ATOM   1376 C CG2 . VAL A 1 213 ? 6.227   3.302   5.781   1.00 60.18  ? 207 VAL A CG2 1 
ATOM   1377 N N   . ARG A 1 214 ? 8.206   6.564   3.247   1.00 56.21  ? 208 ARG A N   1 
ATOM   1378 C CA  . ARG A 1 214 ? 8.543   7.833   2.631   1.00 57.67  ? 208 ARG A CA  1 
ATOM   1379 C C   . ARG A 1 214 ? 8.454   7.758   1.123   1.00 57.04  ? 208 ARG A C   1 
ATOM   1380 O O   . ARG A 1 214 ? 7.853   8.625   0.514   1.00 59.56  ? 208 ARG A O   1 
ATOM   1381 C CB  . ARG A 1 214 ? 9.931   8.288   3.074   1.00 56.39  ? 208 ARG A CB  1 
ATOM   1382 C CG  . ARG A 1 214 ? 9.904   8.808   4.476   1.00 62.73  ? 208 ARG A CG  1 
ATOM   1383 C CD  . ARG A 1 214 ? 11.226  9.417   4.941   1.00 63.94  ? 208 ARG A CD  1 
ATOM   1384 N NE  . ARG A 1 214 ? 11.118  9.767   6.366   1.00 73.49  ? 208 ARG A NE  1 
ATOM   1385 C CZ  . ARG A 1 214 ? 11.946  9.376   7.340   1.00 73.25  ? 208 ARG A CZ  1 
ATOM   1386 N NH1 . ARG A 1 214 ? 13.015  8.627   7.079   1.00 70.81  ? 208 ARG A NH1 1 
ATOM   1387 N NH2 . ARG A 1 214 ? 11.713  9.769   8.596   1.00 73.62  ? 208 ARG A NH2 1 
ATOM   1388 N N   . ALA A 1 215 ? 9.018   6.708   0.519   1.00 58.17  ? 209 ALA A N   1 
ATOM   1389 C CA  . ALA A 1 215 ? 8.846   6.465   -0.932  1.00 58.03  ? 209 ALA A CA  1 
ATOM   1390 C C   . ALA A 1 215 ? 7.357   6.465   -1.352  1.00 56.63  ? 209 ALA A C   1 
ATOM   1391 O O   . ALA A 1 215 ? 6.986   7.124   -2.321  1.00 54.90  ? 209 ALA A O   1 
ATOM   1392 C CB  . ALA A 1 215 ? 9.528   5.147   -1.348  1.00 58.85  ? 209 ALA A CB  1 
ATOM   1393 N N   . MET A 1 216 ? 6.513   5.762   -0.595  1.00 57.10  ? 210 MET A N   1 
ATOM   1394 C CA  . MET A 1 216 ? 5.070   5.622   -0.914  1.00 57.92  ? 210 MET A CA  1 
ATOM   1395 C C   . MET A 1 216 ? 4.356   6.943   -0.897  1.00 54.98  ? 210 MET A C   1 
ATOM   1396 O O   . MET A 1 216 ? 3.560   7.231   -1.783  1.00 58.17  ? 210 MET A O   1 
ATOM   1397 C CB  . MET A 1 216 ? 4.368   4.696   0.095   1.00 57.41  ? 210 MET A CB  1 
ATOM   1398 C CG  . MET A 1 216 ? 4.717   3.228   -0.067  1.00 65.21  ? 210 MET A CG  1 
ATOM   1399 S SD  . MET A 1 216 ? 3.828   2.056   1.021   1.00 65.45  ? 210 MET A SD  1 
ATOM   1400 C CE  . MET A 1 216 ? 4.126   2.681   2.640   1.00 76.81  ? 210 MET A CE  1 
ATOM   1401 N N   . LEU A 1 217 ? 4.626   7.730   0.135   1.00 54.69  ? 211 LEU A N   1 
ATOM   1402 C CA  . LEU A 1 217 ? 3.943   8.996   0.323   1.00 55.37  ? 211 LEU A CA  1 
ATOM   1403 C C   . LEU A 1 217 ? 4.520   10.085  -0.567  1.00 54.37  ? 211 LEU A C   1 
ATOM   1404 O O   . LEU A 1 217 ? 3.821   10.987  -0.895  1.00 55.01  ? 211 LEU A O   1 
ATOM   1405 C CB  . LEU A 1 217 ? 4.019   9.428   1.782   1.00 52.45  ? 211 LEU A CB  1 
ATOM   1406 C CG  . LEU A 1 217 ? 3.331   8.445   2.746   1.00 57.83  ? 211 LEU A CG  1 
ATOM   1407 C CD1 . LEU A 1 217 ? 3.502   8.965   4.182   1.00 65.50  ? 211 LEU A CD1 1 
ATOM   1408 C CD2 . LEU A 1 217 ? 1.831   8.250   2.410   1.00 60.91  ? 211 LEU A CD2 1 
ATOM   1409 N N   . ASN A 1 218 ? 5.815   10.017  -0.891  1.00 56.06  ? 212 ASN A N   1 
ATOM   1410 C CA  . ASN A 1 218 ? 6.440   10.932  -1.868  1.00 54.72  ? 212 ASN A CA  1 
ATOM   1411 C C   . ASN A 1 218 ? 5.905   10.635  -3.250  1.00 48.77  ? 212 ASN A C   1 
ATOM   1412 O O   . ASN A 1 218 ? 5.561   11.518  -3.987  1.00 45.87  ? 212 ASN A O   1 
ATOM   1413 C CB  . ASN A 1 218 ? 7.964   10.811  -1.871  1.00 55.47  ? 212 ASN A CB  1 
ATOM   1414 C CG  . ASN A 1 218 ? 8.593   11.496  -0.694  1.00 54.49  ? 212 ASN A CG  1 
ATOM   1415 O OD1 . ASN A 1 218 ? 7.907   12.170  0.066   1.00 52.58  ? 212 ASN A OD1 1 
ATOM   1416 N ND2 . ASN A 1 218 ? 9.917   11.339  -0.539  1.00 43.06  ? 212 ASN A ND2 1 
ATOM   1417 N N   . ASN A 1 219 ? 5.803   9.361   -3.580  1.00 52.08  ? 213 ASN A N   1 
ATOM   1418 C CA  . ASN A 1 219 ? 5.178   8.961   -4.843  1.00 52.21  ? 213 ASN A CA  1 
ATOM   1419 C C   . ASN A 1 219 ? 3.718   9.468   -4.941  1.00 51.03  ? 213 ASN A C   1 
ATOM   1420 O O   . ASN A 1 219 ? 3.239   9.882   -6.010  1.00 51.50  ? 213 ASN A O   1 
ATOM   1421 C CB  . ASN A 1 219 ? 5.178   7.450   -4.965  1.00 51.03  ? 213 ASN A CB  1 
ATOM   1422 C CG  . ASN A 1 219 ? 4.712   7.004   -6.324  1.00 59.35  ? 213 ASN A CG  1 
ATOM   1423 O OD1 . ASN A 1 219 ? 5.406   7.271   -7.294  1.00 54.31  ? 213 ASN A OD1 1 
ATOM   1424 N ND2 . ASN A 1 219 ? 3.506   6.361   -6.419  1.00 52.83  ? 213 ASN A ND2 1 
ATOM   1425 N N   . LEU A 1 220 ? 3.036   9.399   -3.806  1.00 49.43  ? 214 LEU A N   1 
ATOM   1426 C CA  . LEU A 1 220 ? 1.618   9.767   -3.705  1.00 51.50  ? 214 LEU A CA  1 
ATOM   1427 C C   . LEU A 1 220 ? 1.352   11.220  -4.105  1.00 49.03  ? 214 LEU A C   1 
ATOM   1428 O O   . LEU A 1 220 ? 0.394   11.490  -4.772  1.00 49.78  ? 214 LEU A O   1 
ATOM   1429 C CB  . LEU A 1 220 ? 1.139   9.562   -2.262  1.00 48.90  ? 214 LEU A CB  1 
ATOM   1430 C CG  . LEU A 1 220 ? -0.250  10.067  -1.950  1.00 47.56  ? 214 LEU A CG  1 
ATOM   1431 C CD1 . LEU A 1 220 ? -1.237  9.125   -2.536  1.00 55.16  ? 214 LEU A CD1 1 
ATOM   1432 C CD2 . LEU A 1 220 ? -0.428  10.178  -0.443  1.00 58.02  ? 214 LEU A CD2 1 
ATOM   1433 N N   . VAL A 1 221 ? 2.204   12.137  -3.658  1.00 49.65  ? 215 VAL A N   1 
ATOM   1434 C CA  . VAL A 1 221 ? 2.035   13.562  -3.919  1.00 50.99  ? 215 VAL A CA  1 
ATOM   1435 C C   . VAL A 1 221 ? 2.620   14.005  -5.277  1.00 51.02  ? 215 VAL A C   1 
ATOM   1436 O O   . VAL A 1 221 ? 2.461   15.159  -5.693  1.00 53.39  ? 215 VAL A O   1 
ATOM   1437 C CB  . VAL A 1 221 ? 2.614   14.382  -2.716  1.00 51.92  ? 215 VAL A CB  1 
ATOM   1438 C CG1 . VAL A 1 221 ? 1.943   13.934  -1.421  1.00 49.91  ? 215 VAL A CG1 1 
ATOM   1439 C CG2 . VAL A 1 221 ? 4.173   14.261  -2.593  1.00 50.85  ? 215 VAL A CG2 1 
ATOM   1440 N N   . SER A 1 222 ? 3.242   13.067  -5.985  1.00 53.04  ? 216 SER A N   1 
ATOM   1441 C CA  . SER A 1 222 ? 3.913   13.332  -7.247  1.00 53.75  ? 216 SER A CA  1 
ATOM   1442 C C   . SER A 1 222 ? 3.056   12.893  -8.431  1.00 52.59  ? 216 SER A C   1 
ATOM   1443 O O   . SER A 1 222 ? 2.199   12.062  -8.277  1.00 53.97  ? 216 SER A O   1 
ATOM   1444 C CB  . SER A 1 222 ? 5.270   12.633  -7.317  1.00 53.77  ? 216 SER A CB  1 
ATOM   1445 O OG  . SER A 1 222 ? 6.079   12.891  -6.174  1.00 62.38  ? 216 SER A OG  1 
ATOM   1446 N N   . PRO A 1 223 ? 3.261   13.509  -9.605  1.00 56.99  ? 217 PRO A N   1 
ATOM   1447 C CA  . PRO A 1 223 ? 2.550   13.104  -10.818 1.00 60.51  ? 217 PRO A CA  1 
ATOM   1448 C C   . PRO A 1 223 ? 2.733   11.635  -11.177 1.00 60.76  ? 217 PRO A C   1 
ATOM   1449 O O   . PRO A 1 223 ? 3.837   11.101  -11.062 1.00 60.95  ? 217 PRO A O   1 
ATOM   1450 C CB  . PRO A 1 223 ? 3.183   13.996  -11.925 1.00 59.60  ? 217 PRO A CB  1 
ATOM   1451 C CG  . PRO A 1 223 ? 3.750   15.113  -11.228 1.00 60.10  ? 217 PRO A CG  1 
ATOM   1452 C CD  . PRO A 1 223 ? 4.147   14.660  -9.859  1.00 53.16  ? 217 PRO A CD  1 
ATOM   1453 N N   . SER A 1 224 ? 1.655   11.013  -11.632 1.00 63.61  ? 218 SER A N   1 
ATOM   1454 C CA  . SER A 1 224 ? 1.690   9.618   -12.026 1.00 68.42  ? 218 SER A CA  1 
ATOM   1455 C C   . SER A 1 224 ? 2.629   9.414   -13.221 1.00 70.50  ? 218 SER A C   1 
ATOM   1456 O O   . SER A 1 224 ? 2.677   10.251  -14.149 1.00 68.09  ? 218 SER A O   1 
ATOM   1457 C CB  . SER A 1 224 ? 0.269   9.123   -12.357 1.00 69.34  ? 218 SER A CB  1 
ATOM   1458 O OG  . SER A 1 224 ? 0.272   7.753   -12.718 1.00 71.63  ? 218 SER A OG  1 
ATOM   1459 N N   . SER A 1 225 ? 3.377   8.309   -13.172 1.00 73.95  ? 219 SER A N   1 
ATOM   1460 C CA  . SER A 1 225 ? 4.230   7.861   -14.280 1.00 77.54  ? 219 SER A CA  1 
ATOM   1461 C C   . SER A 1 225 ? 3.431   6.951   -15.223 1.00 79.68  ? 219 SER A C   1 
ATOM   1462 O O   . SER A 1 225 ? 3.982   6.403   -16.190 1.00 81.24  ? 219 SER A O   1 
ATOM   1463 C CB  . SER A 1 225 ? 5.491   7.139   -13.753 1.00 78.71  ? 219 SER A CB  1 
ATOM   1464 O OG  . SER A 1 225 ? 5.257   5.758   -13.443 1.00 80.07  ? 219 SER A OG  1 
ATOM   1465 N N   . GLY A 1 226 ? 2.126   6.823   -14.944 1.00 80.63  ? 220 GLY A N   1 
ATOM   1466 C CA  . GLY A 1 226 ? 1.178   6.070   -15.778 1.00 79.33  ? 220 GLY A CA  1 
ATOM   1467 C C   . GLY A 1 226 ? 0.235   5.231   -14.918 1.00 79.04  ? 220 GLY A C   1 
ATOM   1468 O O   . GLY A 1 226 ? 0.364   5.184   -13.681 1.00 79.09  ? 220 GLY A O   1 
ATOM   1469 N N   . GLN A 1 227 ? -0.706  4.559   -15.575 1.00 77.51  ? 221 GLN A N   1 
ATOM   1470 C CA  . GLN A 1 227 ? -1.718  3.755   -14.892 1.00 76.22  ? 221 GLN A CA  1 
ATOM   1471 C C   . GLN A 1 227 ? -1.115  2.712   -13.939 1.00 74.73  ? 221 GLN A C   1 
ATOM   1472 O O   . GLN A 1 227 ? -1.667  2.475   -12.864 1.00 72.90  ? 221 GLN A O   1 
ATOM   1473 C CB  . GLN A 1 227 ? -2.657  3.086   -15.906 1.00 76.24  ? 221 GLN A CB  1 
ATOM   1474 C CG  . GLN A 1 227 ? -3.875  2.418   -15.258 1.00 78.42  ? 221 GLN A CG  1 
ATOM   1475 C CD  . GLN A 1 227 ? -5.051  2.215   -16.214 1.00 77.14  ? 221 GLN A CD  1 
ATOM   1476 O OE1 . GLN A 1 227 ? -4.881  2.190   -17.434 1.00 72.96  ? 221 GLN A OE1 1 
ATOM   1477 N NE2 . GLN A 1 227 ? -6.255  2.062   -15.649 1.00 68.57  ? 221 GLN A NE2 1 
ATOM   1478 N N   . MET A 1 228 ? -0.004  2.088   -14.338 1.00 73.02  ? 222 MET A N   1 
ATOM   1479 C CA  . MET A 1 228 ? 0.759   1.266   -13.433 1.00 73.38  ? 222 MET A CA  1 
ATOM   1480 C C   . MET A 1 228 ? 2.166   1.832   -13.218 1.00 70.48  ? 222 MET A C   1 
ATOM   1481 O O   . MET A 1 228 ? 2.883   2.146   -14.161 1.00 67.08  ? 222 MET A O   1 
ATOM   1482 C CB  . MET A 1 228 ? 0.857   -0.196  -13.890 1.00 72.37  ? 222 MET A CB  1 
ATOM   1483 C CG  . MET A 1 228 ? 1.696   -1.055  -12.886 1.00 74.07  ? 222 MET A CG  1 
ATOM   1484 S SD  . MET A 1 228 ? 1.246   -2.793  -12.806 1.00 85.53  ? 222 MET A SD  1 
ATOM   1485 C CE  . MET A 1 228 ? 2.614   -3.523  -11.900 1.00 88.67  ? 222 MET A CE  1 
ATOM   1486 N N   . GLU A 1 229 ? 2.554   1.897   -11.948 1.00 66.95  ? 223 GLU A N   1 
ATOM   1487 C CA  . GLU A 1 229 ? 3.878   2.299   -11.554 1.00 62.80  ? 223 GLU A CA  1 
ATOM   1488 C C   . GLU A 1 229 ? 4.474   1.178   -10.741 1.00 59.65  ? 223 GLU A C   1 
ATOM   1489 O O   . GLU A 1 229 ? 3.828   0.667   -9.857  1.00 57.45  ? 223 GLU A O   1 
ATOM   1490 C CB  . GLU A 1 229 ? 3.810   3.538   -10.697 1.00 64.94  ? 223 GLU A CB  1 
ATOM   1491 C CG  . GLU A 1 229 ? 3.015   4.666   -11.304 1.00 64.94  ? 223 GLU A CG  1 
ATOM   1492 C CD  . GLU A 1 229 ? 2.994   5.830   -10.381 1.00 64.01  ? 223 GLU A CD  1 
ATOM   1493 O OE1 . GLU A 1 229 ? 2.535   5.636   -9.250  1.00 59.11  ? 223 GLU A OE1 1 
ATOM   1494 O OE2 . GLU A 1 229 ? 3.449   6.920   -10.785 1.00 75.11  ? 223 GLU A OE2 1 
ATOM   1495 N N   . LEU A 1 230 ? 5.698   0.795   -11.096 1.00 57.77  ? 224 LEU A N   1 
ATOM   1496 C CA  . LEU A 1 230 ? 6.427   -0.277  -10.483 1.00 59.30  ? 224 LEU A CA  1 
ATOM   1497 C C   . LEU A 1 230 ? 7.730   0.283   -9.931  1.00 58.21  ? 224 LEU A C   1 
ATOM   1498 O O   . LEU A 1 230 ? 8.524   0.785   -10.682 1.00 54.97  ? 224 LEU A O   1 
ATOM   1499 C CB  . LEU A 1 230 ? 6.749   -1.315  -11.547 1.00 61.42  ? 224 LEU A CB  1 
ATOM   1500 C CG  . LEU A 1 230 ? 7.485   -2.588  -11.088 1.00 65.57  ? 224 LEU A CG  1 
ATOM   1501 C CD1 . LEU A 1 230 ? 6.796   -3.221  -9.906  1.00 54.51  ? 224 LEU A CD1 1 
ATOM   1502 C CD2 . LEU A 1 230 ? 7.555   -3.573  -12.250 1.00 63.30  ? 224 LEU A CD2 1 
ATOM   1503 N N   . LEU A 1 231 ? 7.932   0.202   -8.623  1.00 58.35  ? 225 LEU A N   1 
ATOM   1504 C CA  . LEU A 1 231 ? 9.136   0.701   -7.966  1.00 57.11  ? 225 LEU A CA  1 
ATOM   1505 C C   . LEU A 1 231 ? 9.860   -0.484  -7.270  1.00 56.84  ? 225 LEU A C   1 
ATOM   1506 O O   . LEU A 1 231 ? 9.324   -1.122  -6.367  1.00 54.67  ? 225 LEU A O   1 
ATOM   1507 C CB  . LEU A 1 231 ? 8.768   1.780   -6.937  1.00 58.28  ? 225 LEU A CB  1 
ATOM   1508 C CG  . LEU A 1 231 ? 8.151   3.119   -7.448  1.00 59.49  ? 225 LEU A CG  1 
ATOM   1509 C CD1 . LEU A 1 231 ? 6.638   3.047   -7.528  1.00 73.21  ? 225 LEU A CD1 1 
ATOM   1510 C CD2 . LEU A 1 231 ? 8.506   4.292   -6.557  1.00 58.81  ? 225 LEU A CD2 1 
ATOM   1511 N N   . GLU A 1 232 ? 11.058  -0.772  -7.763  1.00 56.10  ? 226 GLU A N   1 
ATOM   1512 C CA  . GLU A 1 232 ? 11.982  -1.735  -7.222  1.00 56.76  ? 226 GLU A CA  1 
ATOM   1513 C C   . GLU A 1 232 ? 12.765  -1.140  -6.072  1.00 56.49  ? 226 GLU A C   1 
ATOM   1514 O O   . GLU A 1 232 ? 12.790  0.066   -5.917  1.00 56.13  ? 226 GLU A O   1 
ATOM   1515 C CB  . GLU A 1 232 ? 12.975  -2.136  -8.305  1.00 55.48  ? 226 GLU A CB  1 
ATOM   1516 C CG  . GLU A 1 232 ? 12.331  -2.841  -9.521  1.00 55.05  ? 226 GLU A CG  1 
ATOM   1517 C CD  . GLU A 1 232 ? 11.782  -4.298  -9.215  1.00 56.25  ? 226 GLU A CD  1 
ATOM   1518 O OE1 . GLU A 1 232 ? 12.048  -4.951  -8.156  1.00 54.96  ? 226 GLU A OE1 1 
ATOM   1519 O OE2 . GLU A 1 232 ? 11.059  -4.788  -10.073 1.00 54.53  ? 226 GLU A OE2 1 
ATOM   1520 N N   . ASN A 1 233 ? 13.446  -1.983  -5.292  1.00 56.85  ? 227 ASN A N   1 
ATOM   1521 C CA  . ASN A 1 233 ? 14.227  -1.493  -4.117  1.00 55.87  ? 227 ASN A CA  1 
ATOM   1522 C C   . ASN A 1 233 ? 15.060  -0.233  -4.399  1.00 54.46  ? 227 ASN A C   1 
ATOM   1523 O O   . ASN A 1 233 ? 15.056  0.711   -3.611  1.00 53.81  ? 227 ASN A O   1 
ATOM   1524 C CB  . ASN A 1 233 ? 15.122  -2.605  -3.557  1.00 56.30  ? 227 ASN A CB  1 
ATOM   1525 C CG  . ASN A 1 233 ? 15.480  -2.400  -2.115  1.00 55.17  ? 227 ASN A CG  1 
ATOM   1526 O OD1 . ASN A 1 233 ? 14.655  -2.609  -1.226  1.00 58.46  ? 227 ASN A OD1 1 
ATOM   1527 N ND2 . ASN A 1 233 ? 16.730  -2.002  -1.863  1.00 54.47  ? 227 ASN A ND2 1 
ATOM   1528 N N   . LYS A 1 234 ? 15.764  -0.218  -5.525  1.00 54.85  ? 228 LYS A N   1 
ATOM   1529 C CA  . LYS A 1 234 ? 16.659  0.889   -5.850  1.00 57.51  ? 228 LYS A CA  1 
ATOM   1530 C C   . LYS A 1 234 ? 15.901  2.235   -5.914  1.00 56.45  ? 228 LYS A C   1 
ATOM   1531 O O   . LYS A 1 234 ? 16.320  3.251   -5.319  1.00 53.97  ? 228 LYS A O   1 
ATOM   1532 C CB  . LYS A 1 234 ? 17.341  0.618   -7.183  1.00 55.18  ? 228 LYS A CB  1 
ATOM   1533 C CG  . LYS A 1 234 ? 18.326  1.686   -7.554  1.00 61.66  ? 228 LYS A CG  1 
ATOM   1534 C CD  . LYS A 1 234 ? 19.035  1.366   -8.846  1.00 62.40  ? 228 LYS A CD  1 
ATOM   1535 C CE  . LYS A 1 234 ? 20.214  2.345   -9.052  1.00 65.84  ? 228 LYS A CE  1 
ATOM   1536 N NZ  . LYS A 1 234 ? 20.818  2.198   -10.408 1.00 70.58  ? 228 LYS A NZ  1 
ATOM   1537 N N   . ALA A 1 235 ? 14.778  2.201   -6.631  1.00 53.92  ? 229 ALA A N   1 
ATOM   1538 C CA  . ALA A 1 235 ? 13.908  3.344   -6.798  1.00 55.68  ? 229 ALA A CA  1 
ATOM   1539 C C   . ALA A 1 235 ? 13.270  3.793   -5.481  1.00 56.83  ? 229 ALA A C   1 
ATOM   1540 O O   . ALA A 1 235 ? 13.213  5.001   -5.179  1.00 61.77  ? 229 ALA A O   1 
ATOM   1541 C CB  . ALA A 1 235 ? 12.831  3.012   -7.827  1.00 53.28  ? 229 ALA A CB  1 
ATOM   1542 N N   . ILE A 1 236 ? 12.790  2.832   -4.696  1.00 57.08  ? 230 ILE A N   1 
ATOM   1543 C CA  . ILE A 1 236 ? 12.303  3.116   -3.322  1.00 56.51  ? 230 ILE A CA  1 
ATOM   1544 C C   . ILE A 1 236 ? 13.430  3.800   -2.494  1.00 57.74  ? 230 ILE A C   1 
ATOM   1545 O O   . ILE A 1 236 ? 13.168  4.772   -1.772  1.00 55.54  ? 230 ILE A O   1 
ATOM   1546 C CB  . ILE A 1 236 ? 11.727  1.832   -2.655  1.00 57.97  ? 230 ILE A CB  1 
ATOM   1547 C CG1 . ILE A 1 236 ? 10.549  1.275   -3.461  1.00 57.81  ? 230 ILE A CG1 1 
ATOM   1548 C CG2 . ILE A 1 236 ? 11.257  2.034   -1.212  1.00 54.00  ? 230 ILE A CG2 1 
ATOM   1549 C CD1 . ILE A 1 236 ? 10.048  0.007   -2.926  1.00 54.01  ? 230 ILE A CD1 1 
ATOM   1550 N N   . LEU A 1 237 ? 14.679  3.330   -2.598  1.00 58.12  ? 231 LEU A N   1 
ATOM   1551 C CA  . LEU A 1 237 ? 15.760  3.967   -1.798  1.00 58.46  ? 231 LEU A CA  1 
ATOM   1552 C C   . LEU A 1 237 ? 15.936  5.424   -2.166  1.00 58.68  ? 231 LEU A C   1 
ATOM   1553 O O   . LEU A 1 237 ? 16.093  6.270   -1.285  1.00 57.69  ? 231 LEU A O   1 
ATOM   1554 C CB  . LEU A 1 237 ? 17.115  3.255   -1.942  1.00 59.49  ? 231 LEU A CB  1 
ATOM   1555 C CG  . LEU A 1 237 ? 17.201  1.899   -1.238  1.00 52.85  ? 231 LEU A CG  1 
ATOM   1556 C CD1 . LEU A 1 237 ? 18.342  1.109   -1.841  1.00 55.90  ? 231 LEU A CD1 1 
ATOM   1557 C CD2 . LEU A 1 237 ? 17.366  2.058   0.239   1.00 52.90  ? 231 LEU A CD2 1 
ATOM   1558 N N   . HIS A 1 238 ? 15.941  5.696   -3.477  1.00 62.01  ? 232 HIS A N   1 
ATOM   1559 C CA  . HIS A 1 238 ? 16.072  7.060   -4.010  1.00 60.77  ? 232 HIS A CA  1 
ATOM   1560 C C   . HIS A 1 238 ? 14.919  7.928   -3.583  1.00 58.85  ? 232 HIS A C   1 
ATOM   1561 O O   . HIS A 1 238 ? 15.137  8.947   -2.993  1.00 59.72  ? 232 HIS A O   1 
ATOM   1562 C CB  . HIS A 1 238 ? 16.150  7.030   -5.545  1.00 66.65  ? 232 HIS A CB  1 
ATOM   1563 C CG  . HIS A 1 238 ? 16.443  8.367   -6.155  1.00 72.43  ? 232 HIS A CG  1 
ATOM   1564 N ND1 . HIS A 1 238 ? 15.458  9.166   -6.701  1.00 79.60  ? 232 HIS A ND1 1 
ATOM   1565 C CD2 . HIS A 1 238 ? 17.596  9.070   -6.247  1.00 77.56  ? 232 HIS A CD2 1 
ATOM   1566 C CE1 . HIS A 1 238 ? 15.998  10.296  -7.121  1.00 81.43  ? 232 HIS A CE1 1 
ATOM   1567 N NE2 . HIS A 1 238 ? 17.292  10.265  -6.853  1.00 76.32  ? 232 HIS A NE2 1 
ATOM   1568 N N   . LEU A 1 239 ? 13.680  7.501   -3.829  1.00 60.49  ? 233 LEU A N   1 
ATOM   1569 C CA  . LEU A 1 239 ? 12.507  8.346   -3.571  1.00 59.69  ? 233 LEU A CA  1 
ATOM   1570 C C   . LEU A 1 239 ? 12.206  8.542   -2.086  1.00 60.69  ? 233 LEU A C   1 
ATOM   1571 O O   . LEU A 1 239 ? 11.649  9.571   -1.678  1.00 59.18  ? 233 LEU A O   1 
ATOM   1572 C CB  . LEU A 1 239 ? 11.271  7.749   -4.263  1.00 63.01  ? 233 LEU A CB  1 
ATOM   1573 C CG  . LEU A 1 239 ? 10.003  8.613   -4.357  1.00 61.48  ? 233 LEU A CG  1 
ATOM   1574 C CD1 . LEU A 1 239 ? 10.310  10.035  -4.877  1.00 60.52  ? 233 LEU A CD1 1 
ATOM   1575 C CD2 . LEU A 1 239 ? 8.995   7.905   -5.232  1.00 58.56  ? 233 LEU A CD2 1 
ATOM   1576 N N   . GLY A 1 240 ? 12.532  7.543   -1.275  1.00 61.33  ? 234 GLY A N   1 
ATOM   1577 C CA  . GLY A 1 240 ? 12.301  7.624   0.155   1.00 62.04  ? 234 GLY A CA  1 
ATOM   1578 C C   . GLY A 1 240 ? 13.433  8.219   0.991   1.00 62.46  ? 234 GLY A C   1 
ATOM   1579 O O   . GLY A 1 240 ? 13.295  8.286   2.218   1.00 64.43  ? 234 GLY A O   1 
ATOM   1580 N N   . LYS A 1 241 ? 14.550  8.631   0.389   1.00 62.73  ? 235 LYS A N   1 
ATOM   1581 C CA  . LYS A 1 241 ? 15.620  9.315   1.160   1.00 68.64  ? 235 LYS A CA  1 
ATOM   1582 C C   . LYS A 1 241 ? 15.038  10.431  2.010   1.00 70.47  ? 235 LYS A C   1 
ATOM   1583 O O   . LYS A 1 241 ? 14.191  11.170  1.534   1.00 70.57  ? 235 LYS A O   1 
ATOM   1584 C CB  . LYS A 1 241 ? 16.671  9.947   0.248   1.00 71.12  ? 235 LYS A CB  1 
ATOM   1585 C CG  . LYS A 1 241 ? 17.694  8.980   -0.343  1.00 81.47  ? 235 LYS A CG  1 
ATOM   1586 C CD  . LYS A 1 241 ? 18.791  9.713   -1.149  1.00 77.00  ? 235 LYS A CD  1 
ATOM   1587 C CE  . LYS A 1 241 ? 18.270  10.260  -2.487  1.00 84.30  ? 235 LYS A CE  1 
ATOM   1588 N NZ  . LYS A 1 241 ? 19.273  11.209  -3.093  1.00 89.39  ? 235 LYS A NZ  1 
ATOM   1589 N N   . ASP A 1 242 ? 15.495  10.550  3.260   1.00 75.68  ? 236 ASP A N   1 
ATOM   1590 C CA  . ASP A 1 242 ? 15.034  11.610  4.177   1.00 77.62  ? 236 ASP A CA  1 
ATOM   1591 C C   . ASP A 1 242 ? 15.793  12.926  3.946   1.00 77.81  ? 236 ASP A C   1 
ATOM   1592 O O   . ASP A 1 242 ? 15.264  13.847  3.329   1.00 77.83  ? 236 ASP A O   1 
ATOM   1593 C CB  . ASP A 1 242 ? 15.202  11.173  5.639   1.00 77.90  ? 236 ASP A CB  1 
ATOM   1594 C CG  . ASP A 1 242 ? 14.573  12.162  6.630   1.00 79.59  ? 236 ASP A CG  1 
ATOM   1595 O OD1 . ASP A 1 242 ? 13.533  12.788  6.286   1.00 85.63  ? 236 ASP A OD1 1 
ATOM   1596 O OD2 . ASP A 1 242 ? 15.113  12.298  7.756   1.00 79.31  ? 236 ASP A OD2 1 
HETATM 1597 C C1  . EDO B 2 .   ? 14.527  -9.254  -9.011  1.00 75.09  ? 1   EDO A C1  1 
HETATM 1598 O O1  . EDO B 2 .   ? 14.739  -10.527 -9.670  1.00 68.48  ? 1   EDO A O1  1 
HETATM 1599 C C2  . EDO B 2 .   ? 15.072  -8.092  -9.848  1.00 75.21  ? 1   EDO A C2  1 
HETATM 1600 O O2  . EDO B 2 .   ? 14.132  -7.633  -10.842 1.00 81.59  ? 1   EDO A O2  1 
HETATM 1601 O O   . HOH C 3 .   ? 13.173  -4.809  -5.825  1.00 37.90  ? 243 HOH A O   1 
HETATM 1602 O O   . HOH C 3 .   ? 9.425   -21.621 -11.543 1.00 45.25  ? 244 HOH A O   1 
HETATM 1603 O O   . HOH C 3 .   ? -4.905  -1.588  -11.564 1.00 54.93  ? 245 HOH A O   1 
HETATM 1604 O O   . HOH C 3 .   ? 11.692  -7.423  -8.442  1.00 43.47  ? 246 HOH A O   1 
HETATM 1605 O O   . HOH C 3 .   ? -5.536  15.594  0.945   1.00 51.70  ? 247 HOH A O   1 
HETATM 1606 O O   . HOH C 3 .   ? 4.629   -12.094 -12.482 1.00 42.45  ? 248 HOH A O   1 
HETATM 1607 O O   . HOH C 3 .   ? 0.998   18.940  -7.014  1.00 47.32  ? 249 HOH A O   1 
HETATM 1608 O O   . HOH C 3 .   ? 16.226  -2.789  -7.344  1.00 46.54  ? 250 HOH A O   1 
HETATM 1609 O O   . HOH C 3 .   ? -9.772  3.608   -9.988  1.00 44.51  ? 251 HOH A O   1 
HETATM 1610 O O   . HOH C 3 .   ? 4.213   -20.482 -10.062 1.00 46.09  ? 252 HOH A O   1 
HETATM 1611 O O   . HOH C 3 .   ? 2.142   6.094   -3.971  1.00 48.54  ? 253 HOH A O   1 
HETATM 1612 O O   . HOH C 3 .   ? 9.923   -7.067  1.582   1.00 51.00  ? 254 HOH A O   1 
HETATM 1613 O O   . HOH C 3 .   ? 10.964  -16.666 -9.251  1.00 49.52  ? 255 HOH A O   1 
HETATM 1614 O O   . HOH C 3 .   ? 8.578   -19.123 -0.764  1.00 52.79  ? 256 HOH A O   1 
HETATM 1615 O O   . HOH C 3 .   ? 2.267   -3.864  7.215   1.00 50.73  ? 257 HOH A O   1 
HETATM 1616 O O   . HOH C 3 .   ? 0.735   17.004  -5.038  1.00 45.87  ? 258 HOH A O   1 
HETATM 1617 O O   . HOH C 3 .   ? -5.734  -4.789  8.368   1.00 45.43  ? 259 HOH A O   1 
HETATM 1618 O O   . HOH C 3 .   ? 4.303   -7.121  9.996   1.00 61.72  ? 260 HOH A O   1 
HETATM 1619 O O   . HOH C 3 .   ? -6.184  -7.291  9.271   1.00 42.08  ? 261 HOH A O   1 
HETATM 1620 O O   . HOH C 3 .   ? 5.650   -15.895 -16.435 1.00 59.03  ? 262 HOH A O   1 
HETATM 1621 O O   . HOH C 3 .   ? 11.786  -13.845 -9.051  1.00 44.39  ? 263 HOH A O   1 
HETATM 1622 O O   . HOH C 3 .   ? -6.228  17.028  3.355   1.00 55.52  ? 264 HOH A O   1 
HETATM 1623 O O   . HOH C 3 .   ? 7.397   -6.523  1.396   1.00 54.97  ? 265 HOH A O   1 
HETATM 1624 O O   . HOH C 3 .   ? 7.900   -22.421 -1.549  1.00 53.47  ? 266 HOH A O   1 
HETATM 1625 O O   . HOH C 3 .   ? 18.811  4.273   -4.992  1.00 49.04  ? 267 HOH A O   1 
HETATM 1626 O O   . HOH C 3 .   ? 3.130   -10.231 -11.973 1.00 61.02  ? 268 HOH A O   1 
HETATM 1627 O O   . HOH C 3 .   ? 11.377  -10.516 -1.511  1.00 61.12  ? 269 HOH A O   1 
HETATM 1628 O O   . HOH C 3 .   ? 1.492   -6.382  -12.745 1.00 65.32  ? 270 HOH A O   1 
HETATM 1629 O O   . HOH C 3 .   ? 5.373   -5.061  6.668   1.00 51.32  ? 271 HOH A O   1 
HETATM 1630 O O   . HOH C 3 .   ? -8.185  -9.156  -11.126 1.00 59.27  ? 272 HOH A O   1 
HETATM 1631 O O   . HOH C 3 .   ? 12.842  1.379   9.342   1.00 58.18  ? 273 HOH A O   1 
HETATM 1632 O O   . HOH C 3 .   ? -5.204  -1.638  8.774   1.00 50.42  ? 274 HOH A O   1 
HETATM 1633 O O   . HOH C 3 .   ? 14.022  7.838   4.635   1.00 59.30  ? 275 HOH A O   1 
HETATM 1634 O O   . HOH C 3 .   ? -3.984  20.618  -5.059  1.00 73.24  ? 276 HOH A O   1 
HETATM 1635 O O   . HOH C 3 .   ? 0.863   -18.160 -10.863 1.00 55.09  ? 277 HOH A O   1 
HETATM 1636 O O   . HOH C 3 .   ? -12.849 3.552   -2.179  1.00 55.21  ? 278 HOH A O   1 
HETATM 1637 O O   . HOH C 3 .   ? -11.180 7.284   4.623   1.00 55.03  ? 279 HOH A O   1 
HETATM 1638 O O   . HOH C 3 .   ? 17.655  5.915   1.195   1.00 57.01  ? 280 HOH A O   1 
HETATM 1639 O O   . HOH C 3 .   ? 2.091   -8.490  -4.752  1.00 63.85  ? 281 HOH A O   1 
HETATM 1640 O O   . HOH C 3 .   ? 2.866   17.280  4.832   1.00 57.60  ? 282 HOH A O   1 
HETATM 1641 O O   . HOH C 3 .   ? 19.480  5.923   -3.050  1.00 51.20  ? 283 HOH A O   1 
HETATM 1642 O O   . HOH C 3 .   ? 5.300   12.911  1.372   1.00 54.47  ? 284 HOH A O   1 
HETATM 1643 O O   . HOH C 3 .   ? 11.871  -19.100 -9.175  1.00 54.06  ? 285 HOH A O   1 
HETATM 1644 O O   . HOH C 3 .   ? -0.227  -6.447  0.429   1.00 45.47  ? 286 HOH A O   1 
HETATM 1645 O O   . HOH C 3 .   ? 19.185  5.390   -7.294  1.00 56.56  ? 287 HOH A O   1 
HETATM 1646 O O   . HOH C 3 .   ? -13.773 3.906   13.989  1.00 67.93  ? 288 HOH A O   1 
HETATM 1647 O O   . HOH C 3 .   ? 12.043  -8.521  5.460   1.00 55.51  ? 289 HOH A O   1 
HETATM 1648 O O   . HOH C 3 .   ? -16.404 -1.663  12.523  1.00 57.79  ? 290 HOH A O   1 
HETATM 1649 O O   . HOH C 3 .   ? 17.257  4.629   3.191   1.00 56.50  ? 291 HOH A O   1 
# 
loop_
_pdbx_poly_seq_scheme.asym_id 
_pdbx_poly_seq_scheme.entity_id 
_pdbx_poly_seq_scheme.seq_id 
_pdbx_poly_seq_scheme.mon_id 
_pdbx_poly_seq_scheme.ndb_seq_num 
_pdbx_poly_seq_scheme.pdb_seq_num 
_pdbx_poly_seq_scheme.auth_seq_num 
_pdbx_poly_seq_scheme.pdb_mon_id 
_pdbx_poly_seq_scheme.auth_mon_id 
_pdbx_poly_seq_scheme.pdb_strand_id 
_pdbx_poly_seq_scheme.pdb_ins_code 
_pdbx_poly_seq_scheme.hetero 
A 1 1   MET 1   -11 ?   ?   ?   A . n 
A 1 2   GLY 2   -10 ?   ?   ?   A . n 
A 1 3   SER 3   -9  ?   ?   ?   A . n 
A 1 4   ASP 4   -8  ?   ?   ?   A . n 
A 1 5   LYS 5   -7  ?   ?   ?   A . n 
A 1 6   ILE 6   -6  ?   ?   ?   A . n 
A 1 7   HIS 7   -5  -5  HIS HIS A . n 
A 1 8   HIS 8   -4  -4  HIS HIS A . n 
A 1 9   HIS 9   -3  -3  HIS HIS A . n 
A 1 10  HIS 10  -2  -2  HIS HIS A . n 
A 1 11  HIS 11  -1  -1  HIS HIS A . n 
A 1 12  HIS 12  0   0   HIS HIS A . n 
A 1 13  LEU 13  7   7   LEU LEU A . n 
A 1 14  PRO 14  8   8   PRO PRO A . n 
A 1 15  LYS 15  9   9   LYS LYS A . n 
A 1 16  LEU 16  10  10  LEU LEU A . n 
A 1 17  ARG 17  11  11  ARG ARG A . n 
A 1 18  GLU 18  12  12  GLU GLU A . n 
A 1 19  ASP 19  13  13  ASP ASP A . n 
A 1 20  PHE 20  14  14  PHE PHE A . n 
A 1 21  LYS 21  15  15  LYS LYS A . n 
A 1 22  MET 22  16  16  MET MET A . n 
A 1 23  GLN 23  17  17  GLN GLN A . n 
A 1 24  ASN 24  18  18  ASN ASN A . n 
A 1 25  LYS 25  19  19  LYS LYS A . n 
A 1 26  SER 26  20  20  SER SER A . n 
A 1 27  VAL 27  21  21  VAL VAL A . n 
A 1 28  PHE 28  22  22  PHE PHE A . n 
A 1 29  ILE 29  23  23  ILE ILE A . n 
A 1 30  LEU 30  24  24  LEU LEU A . n 
A 1 31  GLY 31  25  25  GLY GLY A . n 
A 1 32  ALA 32  26  26  ALA ALA A . n 
A 1 33  SER 33  27  27  SER SER A . n 
A 1 34  GLY 34  28  28  GLY GLY A . n 
A 1 35  GLU 35  29  29  GLU GLU A . n 
A 1 36  THR 36  30  30  THR THR A . n 
A 1 37  GLY 37  31  31  GLY GLY A . n 
A 1 38  LYS 38  32  32  LYS LYS A . n 
A 1 39  VAL 39  33  33  VAL VAL A . n 
A 1 40  LEU 40  34  34  LEU LEU A . n 
A 1 41  LEU 41  35  35  LEU LEU A . n 
A 1 42  LYS 42  36  36  LYS LYS A . n 
A 1 43  GLU 43  37  37  GLU GLU A . n 
A 1 44  ILE 44  38  38  ILE ILE A . n 
A 1 45  LEU 45  39  39  LEU LEU A . n 
A 1 46  GLY 46  40  40  GLY GLY A . n 
A 1 47  GLN 47  41  41  GLN GLN A . n 
A 1 48  ASN 48  42  42  ASN ASN A . n 
A 1 49  LEU 49  43  43  LEU LEU A . n 
A 1 50  PHE 50  44  44  PHE PHE A . n 
A 1 51  SER 51  45  45  SER SER A . n 
A 1 52  LYS 52  46  46  LYS LYS A . n 
A 1 53  VAL 53  47  47  VAL VAL A . n 
A 1 54  THR 54  48  48  THR THR A . n 
A 1 55  LEU 55  49  49  LEU LEU A . n 
A 1 56  ILE 56  50  50  ILE ILE A . n 
A 1 57  GLY 57  51  51  GLY GLY A . n 
A 1 58  ARG 58  52  52  ARG ARG A . n 
A 1 59  ARG 59  53  53  ARG ARG A . n 
A 1 60  LYS 60  54  54  LYS LYS A . n 
A 1 61  LEU 61  55  55  LEU LEU A . n 
A 1 62  THR 62  56  56  THR THR A . n 
A 1 63  PHE 63  57  57  PHE PHE A . n 
A 1 64  GLU 64  58  ?   ?   ?   A . n 
A 1 65  GLU 65  59  ?   ?   ?   A . n 
A 1 66  GLU 66  60  ?   ?   ?   A . n 
A 1 67  ALA 67  61  ?   ?   ?   A . n 
A 1 68  TYR 68  62  62  TYR TYR A . n 
A 1 69  LYS 69  63  63  LYS LYS A . n 
A 1 70  ASN 70  64  64  ASN ASN A . n 
A 1 71  VAL 71  65  65  VAL VAL A . n 
A 1 72  ASN 72  66  66  ASN ASN A . n 
A 1 73  GLN 73  67  67  GLN GLN A . n 
A 1 74  GLU 74  68  68  GLU GLU A . n 
A 1 75  VAL 75  69  69  VAL VAL A . n 
A 1 76  VAL 76  70  70  VAL VAL A . n 
A 1 77  ASP 77  71  71  ASP ASP A . n 
A 1 78  PHE 78  72  72  PHE PHE A . n 
A 1 79  GLU 79  73  73  GLU GLU A . n 
A 1 80  LYS 80  74  74  LYS LYS A . n 
A 1 81  LEU 81  75  75  LEU LEU A . n 
A 1 82  ASP 82  76  76  ASP ASP A . n 
A 1 83  VAL 83  77  77  VAL VAL A . n 
A 1 84  TYR 84  78  78  TYR TYR A . n 
A 1 85  ALA 85  79  79  ALA ALA A . n 
A 1 86  SER 86  80  80  SER SER A . n 
A 1 87  ALA 87  81  81  ALA ALA A . n 
A 1 88  PHE 88  82  82  PHE PHE A . n 
A 1 89  GLN 89  83  83  GLN GLN A . n 
A 1 90  GLY 90  84  84  GLY GLY A . n 
A 1 91  HIS 91  85  85  HIS HIS A . n 
A 1 92  ASP 92  86  86  ASP ASP A . n 
A 1 93  VAL 93  87  87  VAL VAL A . n 
A 1 94  GLY 94  88  88  GLY GLY A . n 
A 1 95  PHE 95  89  89  PHE PHE A . n 
A 1 96  CYS 96  90  90  CYS CYS A . n 
A 1 97  CYS 97  91  91  CYS CYS A . n 
A 1 98  LEU 98  92  92  LEU LEU A . n 
A 1 99  GLY 99  93  93  GLY GLY A . n 
A 1 100 THR 100 94  94  THR THR A . n 
A 1 101 THR 101 95  ?   ?   ?   A . n 
A 1 102 ARG 102 96  ?   ?   ?   A . n 
A 1 103 SER 103 97  ?   ?   ?   A . n 
A 1 104 LYS 104 98  98  LYS LYS A . n 
A 1 105 ALA 105 99  99  ALA ALA A . n 
A 1 106 GLY 106 100 100 GLY GLY A . n 
A 1 107 ALA 107 101 101 ALA ALA A . n 
A 1 108 GLU 108 102 102 GLU GLU A . n 
A 1 109 GLY 109 103 103 GLY GLY A . n 
A 1 110 PHE 110 104 104 PHE PHE A . n 
A 1 111 VAL 111 105 105 VAL VAL A . n 
A 1 112 ARG 112 106 106 ARG ARG A . n 
A 1 113 VAL 113 107 107 VAL VAL A . n 
A 1 114 ASP 114 108 108 ASP ASP A . n 
A 1 115 ARG 115 109 109 ARG ARG A . n 
A 1 116 ASP 116 110 110 ASP ASP A . n 
A 1 117 TYR 117 111 111 TYR TYR A . n 
A 1 118 VAL 118 112 112 VAL VAL A . n 
A 1 119 LEU 119 113 113 LEU LEU A . n 
A 1 120 LYS 120 114 114 LYS LYS A . n 
A 1 121 SER 121 115 115 SER SER A . n 
A 1 122 ALA 122 116 116 ALA ALA A . n 
A 1 123 GLU 123 117 117 GLU GLU A . n 
A 1 124 LEU 124 118 118 LEU LEU A . n 
A 1 125 ALA 125 119 119 ALA ALA A . n 
A 1 126 LYS 126 120 120 LYS LYS A . n 
A 1 127 ALA 127 121 121 ALA ALA A . n 
A 1 128 GLY 128 122 122 GLY GLY A . n 
A 1 129 GLY 129 123 123 GLY GLY A . n 
A 1 130 CYS 130 124 124 CYS CYS A . n 
A 1 131 LYS 131 125 125 LYS LYS A . n 
A 1 132 HIS 132 126 126 HIS HIS A . n 
A 1 133 PHE 133 127 127 PHE PHE A . n 
A 1 134 ASN 134 128 128 ASN ASN A . n 
A 1 135 LEU 135 129 129 LEU LEU A . n 
A 1 136 LEU 136 130 130 LEU LEU A . n 
A 1 137 SER 137 131 131 SER SER A . n 
A 1 138 SER 138 132 132 SER SER A . n 
A 1 139 ARG 139 133 133 ARG ARG A . n 
A 1 140 GLY 140 134 134 GLY GLY A . n 
A 1 141 ALA 141 135 135 ALA ALA A . n 
A 1 142 ASP 142 136 136 ASP ASP A . n 
A 1 143 LYS 143 137 137 LYS LYS A . n 
A 1 144 SER 144 138 138 SER SER A . n 
A 1 145 SER 145 139 139 SER SER A . n 
A 1 146 SER 146 140 140 SER SER A . n 
A 1 147 PHE 147 141 141 PHE PHE A . n 
A 1 148 LEU 148 142 142 LEU LEU A . n 
A 1 149 TYR 149 143 143 TYR TYR A . n 
A 1 150 LEU 150 144 144 LEU LEU A . n 
A 1 151 GLN 151 145 145 GLN GLN A . n 
A 1 152 VAL 152 146 146 VAL VAL A . n 
A 1 153 LYS 153 147 147 LYS LYS A . n 
A 1 154 GLY 154 148 148 GLY GLY A . n 
A 1 155 GLU 155 149 149 GLU GLU A . n 
A 1 156 VAL 156 150 150 VAL VAL A . n 
A 1 157 GLU 157 151 151 GLU GLU A . n 
A 1 158 ALA 158 152 152 ALA ALA A . n 
A 1 159 LYS 159 153 153 LYS LYS A . n 
A 1 160 VAL 160 154 154 VAL VAL A . n 
A 1 161 GLU 161 155 155 GLU GLU A . n 
A 1 162 GLU 162 156 156 GLU GLU A . n 
A 1 163 LEU 163 157 157 LEU LEU A . n 
A 1 164 LYS 164 158 158 LYS LYS A . n 
A 1 165 PHE 165 159 159 PHE PHE A . n 
A 1 166 ASP 166 160 160 ASP ASP A . n 
A 1 167 ARG 167 161 161 ARG ARG A . n 
A 1 168 LEU 168 162 162 LEU LEU A . n 
A 1 169 SER 169 163 163 SER SER A . n 
A 1 170 VAL 170 164 164 VAL VAL A . n 
A 1 171 PHE 171 165 165 PHE PHE A . n 
A 1 172 ARG 172 166 166 ARG ARG A . n 
A 1 173 PRO 173 167 167 PRO PRO A . n 
A 1 174 GLY 174 168 168 GLY GLY A . n 
A 1 175 VAL 175 169 169 VAL VAL A . n 
A 1 176 LEU 176 170 170 LEU LEU A . n 
A 1 177 LEU 177 171 171 LEU LEU A . n 
A 1 178 CYS 178 172 172 CYS CYS A . n 
A 1 179 ASP 179 173 ?   ?   ?   A . n 
A 1 180 ARG 180 174 ?   ?   ?   A . n 
A 1 181 GLN 181 175 ?   ?   ?   A . n 
A 1 182 GLU 182 176 ?   ?   ?   A . n 
A 1 183 SER 183 177 ?   ?   ?   A . n 
A 1 184 ARG 184 178 ?   ?   ?   A . n 
A 1 185 PRO 185 179 ?   ?   ?   A . n 
A 1 186 GLY 186 180 ?   ?   ?   A . n 
A 1 187 GLU 187 181 ?   ?   ?   A . n 
A 1 188 TRP 188 182 ?   ?   ?   A . n 
A 1 189 LEU 189 183 ?   ?   ?   A . n 
A 1 190 ALA 190 184 ?   ?   ?   A . n 
A 1 191 ARG 191 185 ?   ?   ?   A . n 
A 1 192 LYS 192 186 ?   ?   ?   A . n 
A 1 193 PHE 193 187 ?   ?   ?   A . n 
A 1 194 PHE 194 188 ?   ?   ?   A . n 
A 1 195 GLY 195 189 ?   ?   ?   A . n 
A 1 196 SER 196 190 ?   ?   ?   A . n 
A 1 197 LEU 197 191 ?   ?   ?   A . n 
A 1 198 PRO 198 192 ?   ?   ?   A . n 
A 1 199 ASP 199 193 193 ASP ASP A . n 
A 1 200 SER 200 194 194 SER SER A . n 
A 1 201 TRP 201 195 195 TRP TRP A . n 
A 1 202 ALA 202 196 196 ALA ALA A . n 
A 1 203 SER 203 197 197 SER SER A . n 
A 1 204 GLY 204 198 198 GLY GLY A . n 
A 1 205 TYR 205 199 199 TYR TYR A . n 
A 1 206 ALA 206 200 200 ALA ALA A . n 
A 1 207 VAL 207 201 201 VAL VAL A . n 
A 1 208 PRO 208 202 202 PRO PRO A . n 
A 1 209 VAL 209 203 203 VAL VAL A . n 
A 1 210 VAL 210 204 204 VAL VAL A . n 
A 1 211 THR 211 205 205 THR THR A . n 
A 1 212 VAL 212 206 206 VAL VAL A . n 
A 1 213 VAL 213 207 207 VAL VAL A . n 
A 1 214 ARG 214 208 208 ARG ARG A . n 
A 1 215 ALA 215 209 209 ALA ALA A . n 
A 1 216 MET 216 210 210 MET MET A . n 
A 1 217 LEU 217 211 211 LEU LEU A . n 
A 1 218 ASN 218 212 212 ASN ASN A . n 
A 1 219 ASN 219 213 213 ASN ASN A . n 
A 1 220 LEU 220 214 214 LEU LEU A . n 
A 1 221 VAL 221 215 215 VAL VAL A . n 
A 1 222 SER 222 216 216 SER SER A . n 
A 1 223 PRO 223 217 217 PRO PRO A . n 
A 1 224 SER 224 218 218 SER SER A . n 
A 1 225 SER 225 219 219 SER SER A . n 
A 1 226 GLY 226 220 220 GLY GLY A . n 
A 1 227 GLN 227 221 221 GLN GLN A . n 
A 1 228 MET 228 222 222 MET MET A . n 
A 1 229 GLU 229 223 223 GLU GLU A . n 
A 1 230 LEU 230 224 224 LEU LEU A . n 
A 1 231 LEU 231 225 225 LEU LEU A . n 
A 1 232 GLU 232 226 226 GLU GLU A . n 
A 1 233 ASN 233 227 227 ASN ASN A . n 
A 1 234 LYS 234 228 228 LYS LYS A . n 
A 1 235 ALA 235 229 229 ALA ALA A . n 
A 1 236 ILE 236 230 230 ILE ILE A . n 
A 1 237 LEU 237 231 231 LEU LEU A . n 
A 1 238 HIS 238 232 232 HIS HIS A . n 
A 1 239 LEU 239 233 233 LEU LEU A . n 
A 1 240 GLY 240 234 234 GLY GLY A . n 
A 1 241 LYS 241 235 235 LYS LYS A . n 
A 1 242 ASP 242 236 236 ASP ASP A . n 
A 1 243 ARG 243 237 ?   ?   ?   A . n 
A 1 244 ASP 244 238 ?   ?   ?   A . n 
A 1 245 VAL 245 239 ?   ?   ?   A . n 
A 1 246 PRO 246 240 ?   ?   ?   A . n 
A 1 247 LYS 247 241 ?   ?   ?   A . n 
A 1 248 LEU 248 242 ?   ?   ?   A . n 
# 
_pdbx_SG_project.project_name          'PSI, Protein Structure Initiative' 
_pdbx_SG_project.full_name_of_center   'Joint Center for Structural Genomics' 
_pdbx_SG_project.id                    1 
_pdbx_SG_project.initial_of_center     JCSG 
# 
loop_
_pdbx_nonpoly_scheme.asym_id 
_pdbx_nonpoly_scheme.entity_id 
_pdbx_nonpoly_scheme.mon_id 
_pdbx_nonpoly_scheme.ndb_seq_num 
_pdbx_nonpoly_scheme.pdb_seq_num 
_pdbx_nonpoly_scheme.auth_seq_num 
_pdbx_nonpoly_scheme.pdb_mon_id 
_pdbx_nonpoly_scheme.auth_mon_id 
_pdbx_nonpoly_scheme.pdb_strand_id 
_pdbx_nonpoly_scheme.pdb_ins_code 
B 2 EDO 1  1   1  EDO EDO A . 
C 3 HOH 1  243 2  HOH HOH A . 
C 3 HOH 2  244 3  HOH HOH A . 
C 3 HOH 3  245 4  HOH HOH A . 
C 3 HOH 4  246 5  HOH HOH A . 
C 3 HOH 5  247 6  HOH HOH A . 
C 3 HOH 6  248 7  HOH HOH A . 
C 3 HOH 7  249 8  HOH HOH A . 
C 3 HOH 8  250 9  HOH HOH A . 
C 3 HOH 9  251 10 HOH HOH A . 
C 3 HOH 10 252 11 HOH HOH A . 
C 3 HOH 11 253 12 HOH HOH A . 
C 3 HOH 12 254 13 HOH HOH A . 
C 3 HOH 13 255 14 HOH HOH A . 
C 3 HOH 14 256 15 HOH HOH A . 
C 3 HOH 15 257 16 HOH HOH A . 
C 3 HOH 16 258 17 HOH HOH A . 
C 3 HOH 17 259 18 HOH HOH A . 
C 3 HOH 18 260 19 HOH HOH A . 
C 3 HOH 19 261 20 HOH HOH A . 
C 3 HOH 20 262 21 HOH HOH A . 
C 3 HOH 21 263 22 HOH HOH A . 
C 3 HOH 22 264 23 HOH HOH A . 
C 3 HOH 23 265 24 HOH HOH A . 
C 3 HOH 24 266 25 HOH HOH A . 
C 3 HOH 25 267 26 HOH HOH A . 
C 3 HOH 26 268 27 HOH HOH A . 
C 3 HOH 27 269 28 HOH HOH A . 
C 3 HOH 28 270 29 HOH HOH A . 
C 3 HOH 29 271 30 HOH HOH A . 
C 3 HOH 30 272 31 HOH HOH A . 
C 3 HOH 31 273 32 HOH HOH A . 
C 3 HOH 32 274 33 HOH HOH A . 
C 3 HOH 33 275 34 HOH HOH A . 
C 3 HOH 34 276 35 HOH HOH A . 
C 3 HOH 35 277 36 HOH HOH A . 
C 3 HOH 36 278 37 HOH HOH A . 
C 3 HOH 37 279 38 HOH HOH A . 
C 3 HOH 38 280 39 HOH HOH A . 
C 3 HOH 39 281 40 HOH HOH A . 
C 3 HOH 40 282 41 HOH HOH A . 
C 3 HOH 41 283 42 HOH HOH A . 
C 3 HOH 42 284 43 HOH HOH A . 
C 3 HOH 43 285 44 HOH HOH A . 
C 3 HOH 44 286 45 HOH HOH A . 
C 3 HOH 45 287 46 HOH HOH A . 
C 3 HOH 46 288 47 HOH HOH A . 
C 3 HOH 47 289 48 HOH HOH A . 
C 3 HOH 48 290 49 HOH HOH A . 
C 3 HOH 49 291 50 HOH HOH A . 
# 
_pdbx_struct_assembly.id                   1 
_pdbx_struct_assembly.details              author_defined_assembly 
_pdbx_struct_assembly.method_details       ? 
_pdbx_struct_assembly.oligomeric_details   monomeric 
_pdbx_struct_assembly.oligomeric_count     1 
# 
_pdbx_struct_assembly_gen.assembly_id       1 
_pdbx_struct_assembly_gen.oper_expression   1 
_pdbx_struct_assembly_gen.asym_id_list      A,B,C 
# 
_pdbx_struct_oper_list.id                   1 
_pdbx_struct_oper_list.type                 'identity operation' 
_pdbx_struct_oper_list.name                 1_555 
_pdbx_struct_oper_list.symmetry_operation   x,y,z 
_pdbx_struct_oper_list.matrix[1][1]         1.0000000000 
_pdbx_struct_oper_list.matrix[1][2]         0.0000000000 
_pdbx_struct_oper_list.matrix[1][3]         0.0000000000 
_pdbx_struct_oper_list.vector[1]            0.0000000000 
_pdbx_struct_oper_list.matrix[2][1]         0.0000000000 
_pdbx_struct_oper_list.matrix[2][2]         1.0000000000 
_pdbx_struct_oper_list.matrix[2][3]         0.0000000000 
_pdbx_struct_oper_list.vector[2]            0.0000000000 
_pdbx_struct_oper_list.matrix[3][1]         0.0000000000 
_pdbx_struct_oper_list.matrix[3][2]         0.0000000000 
_pdbx_struct_oper_list.matrix[3][3]         1.0000000000 
_pdbx_struct_oper_list.vector[3]            0.0000000000 
# 
loop_
_pdbx_audit_revision_history.ordinal 
_pdbx_audit_revision_history.data_content_type 
_pdbx_audit_revision_history.major_revision 
_pdbx_audit_revision_history.minor_revision 
_pdbx_audit_revision_history.revision_date 
1 'Structure model' 1 0 2006-02-28 
2 'Structure model' 1 1 2008-05-01 
3 'Structure model' 1 2 2011-07-13 
4 'Structure model' 1 3 2017-10-25 
5 'Structure model' 1 4 2023-01-25 
6 'Structure model' 1 5 2023-09-20 
# 
_pdbx_audit_revision_details.ordinal             1 
_pdbx_audit_revision_details.revision_ordinal    1 
_pdbx_audit_revision_details.data_content_type   'Structure model' 
_pdbx_audit_revision_details.provider            repository 
_pdbx_audit_revision_details.type                'Initial release' 
_pdbx_audit_revision_details.description         ? 
_pdbx_audit_revision_details.details             ? 
# 
loop_
_pdbx_audit_revision_group.ordinal 
_pdbx_audit_revision_group.revision_ordinal 
_pdbx_audit_revision_group.data_content_type 
_pdbx_audit_revision_group.group 
1 2 'Structure model' 'Version format compliance'  
2 3 'Structure model' Advisory                     
3 3 'Structure model' 'Version format compliance'  
4 4 'Structure model' 'Author supporting evidence' 
5 5 'Structure model' 'Database references'        
6 5 'Structure model' 'Derived calculations'       
7 6 'Structure model' 'Data collection'            
8 6 'Structure model' 'Refinement description'     
# 
loop_
_pdbx_audit_revision_category.ordinal 
_pdbx_audit_revision_category.revision_ordinal 
_pdbx_audit_revision_category.data_content_type 
_pdbx_audit_revision_category.category 
1 4 'Structure model' pdbx_struct_assembly_auth_evidence 
2 5 'Structure model' database_2                         
3 5 'Structure model' struct_ref_seq_dif                 
4 5 'Structure model' struct_site                        
5 6 'Structure model' chem_comp_atom                     
6 6 'Structure model' chem_comp_bond                     
7 6 'Structure model' pdbx_initial_refinement_model      
# 
loop_
_pdbx_audit_revision_item.ordinal 
_pdbx_audit_revision_item.revision_ordinal 
_pdbx_audit_revision_item.data_content_type 
_pdbx_audit_revision_item.item 
1 5 'Structure model' '_database_2.pdbx_DOI'                
2 5 'Structure model' '_database_2.pdbx_database_accession' 
3 5 'Structure model' '_struct_ref_seq_dif.details'         
4 5 'Structure model' '_struct_site.pdbx_auth_asym_id'      
5 5 'Structure model' '_struct_site.pdbx_auth_comp_id'      
6 5 'Structure model' '_struct_site.pdbx_auth_seq_id'       
# 
_pdbx_refine_tls.id               1 
_pdbx_refine_tls.details          ? 
_pdbx_refine_tls.method           refined 
_pdbx_refine_tls.origin_x         0.2191 
_pdbx_refine_tls.origin_y         -0.1719 
_pdbx_refine_tls.origin_z         0.1832 
_pdbx_refine_tls.T[1][1]          -0.1183 
_pdbx_refine_tls.T[2][2]          -0.1557 
_pdbx_refine_tls.T[3][3]          -0.1129 
_pdbx_refine_tls.T[1][2]          0.0121 
_pdbx_refine_tls.T[1][3]          -0.0349 
_pdbx_refine_tls.T[2][3]          0.0292 
_pdbx_refine_tls.L[1][1]          2.9115 
_pdbx_refine_tls.L[2][2]          3.0320 
_pdbx_refine_tls.L[3][3]          1.6674 
_pdbx_refine_tls.L[1][2]          -0.7983 
_pdbx_refine_tls.L[1][3]          -0.4760 
_pdbx_refine_tls.L[2][3]          0.2864 
_pdbx_refine_tls.S[1][1]          -0.0525 
_pdbx_refine_tls.S[2][2]          0.1172 
_pdbx_refine_tls.S[3][3]          -0.0647 
_pdbx_refine_tls.S[1][2]          -0.0027 
_pdbx_refine_tls.S[1][3]          -0.1096 
_pdbx_refine_tls.S[2][3]          0.4347 
_pdbx_refine_tls.S[2][1]          0.0576 
_pdbx_refine_tls.S[3][1]          -0.2422 
_pdbx_refine_tls.S[3][2]          -0.1351 
_pdbx_refine_tls.pdbx_refine_id   'X-RAY DIFFRACTION' 
# 
_pdbx_refine_tls_group.id                  1 
_pdbx_refine_tls_group.refine_tls_id       1 
_pdbx_refine_tls_group.beg_label_asym_id   A 
_pdbx_refine_tls_group.beg_label_seq_id    7 
_pdbx_refine_tls_group.end_label_asym_id   A 
_pdbx_refine_tls_group.end_label_seq_id    242 
_pdbx_refine_tls_group.selection           ALL 
_pdbx_refine_tls_group.beg_auth_asym_id    A 
_pdbx_refine_tls_group.beg_auth_seq_id     -5 
_pdbx_refine_tls_group.end_auth_asym_id    A 
_pdbx_refine_tls_group.end_auth_seq_id     236 
_pdbx_refine_tls_group.pdbx_refine_id      'X-RAY DIFFRACTION' 
_pdbx_refine_tls_group.selection_details   ? 
# 
_phasing.method   MR 
# 
loop_
_software.name 
_software.version 
_software.date 
_software.type 
_software.contact_author 
_software.contact_author_email 
_software.classification 
_software.location 
_software.language 
_software.citation_id 
_software.pdbx_ordinal 
REFMAC      5.2.0005  ?               ?       'Murshudov, G.N.' ccp4@dl.ac.uk            refinement        
http://www.ccp4.ac.uk/main.html            Fortran ? 1 
SCALA       .         ?               ?       'Phil Evans'      pre@mrc-lmb.cam.ac.uk    'data scaling'    
http://www.ccp4.ac.uk/dist/html/INDEX.html Fortran ? 2 
PDB_EXTRACT 1.601     'Jan. 30, 2005' package PDB               sw-help@rcsb.rutgers.edu 'data extraction' 
http://pdb.rutgers.edu/software/           C++     ? 3 
MOSFLM      .         ?               ?       ?                 ?                        'data reduction'  ? ?       ? 4 
CCP4        '(SCALA)' ?               ?       ?                 ?                        'data scaling'    ? ?       ? 5 
MOLREP      'V. 1'    ?               ?       ?                 ?                        phasing           ? ?       ? 6 
# 
loop_
_pdbx_database_remark.id 
_pdbx_database_remark.text 
999 
;SEQUENCE
FOR PROTEIN CONSTRUCT DESIGN, THE FIRST SIX RESIDUES 
AT THE N-TERMINUS WAS REMOVED. A 6-HISTINE TAG 
(MGSDKIHHHHHH) WAS ADDED AT THE N-TERMINUS FOR 
PURIFICATION PURPOSE.
;
300 
;BIOMOLECULE: 1
THIS ENTRY CONTAINS THE CRYSTALLOGRAPHIC ASYMMETRIC UNIT
WHICH CONSISTS OF 1 CHAIN(S). SEE REMARK 350 FOR
INFORMATION ON GENERATING THE BIOLOGICAL MOLECULE(S).
SIZE EXCLUSION CHROMATOGRAPHY WITH STATIC LIGHT
SCATTERING SUPPORTS THE ASSIGNMENT OF A MONOMER AS
A BIOLOGICALLY SIGNIFICANT OLIGIMERIZATION STATE.
;
# 
loop_
_pdbx_validate_torsion.id 
_pdbx_validate_torsion.PDB_model_num 
_pdbx_validate_torsion.auth_comp_id 
_pdbx_validate_torsion.auth_asym_id 
_pdbx_validate_torsion.auth_seq_id 
_pdbx_validate_torsion.PDB_ins_code 
_pdbx_validate_torsion.label_alt_id 
_pdbx_validate_torsion.phi 
_pdbx_validate_torsion.psi 
1 1 HIS A -2  ? ? -90.83  -93.74  
2 1 ASN A 64  ? ? -147.29 46.23   
3 1 ARG A 109 ? ? -102.63 -65.19  
4 1 SER A 131 ? ? -99.87  -146.69 
5 1 ASP A 136 ? ? -170.94 109.77  
6 1 ARG A 166 ? ? -119.21 68.37   
# 
loop_
_pdbx_unobs_or_zero_occ_atoms.id 
_pdbx_unobs_or_zero_occ_atoms.PDB_model_num 
_pdbx_unobs_or_zero_occ_atoms.polymer_flag 
_pdbx_unobs_or_zero_occ_atoms.occupancy_flag 
_pdbx_unobs_or_zero_occ_atoms.auth_asym_id 
_pdbx_unobs_or_zero_occ_atoms.auth_comp_id 
_pdbx_unobs_or_zero_occ_atoms.auth_seq_id 
_pdbx_unobs_or_zero_occ_atoms.PDB_ins_code 
_pdbx_unobs_or_zero_occ_atoms.auth_atom_id 
_pdbx_unobs_or_zero_occ_atoms.label_alt_id 
_pdbx_unobs_or_zero_occ_atoms.label_asym_id 
_pdbx_unobs_or_zero_occ_atoms.label_comp_id 
_pdbx_unobs_or_zero_occ_atoms.label_seq_id 
_pdbx_unobs_or_zero_occ_atoms.label_atom_id 
1  1 Y 1 A HIS -5  ? CB  ? A HIS 7   CB  
2  1 Y 1 A HIS -5  ? CG  ? A HIS 7   CG  
3  1 Y 1 A HIS -5  ? ND1 ? A HIS 7   ND1 
4  1 Y 1 A HIS -5  ? CD2 ? A HIS 7   CD2 
5  1 Y 1 A HIS -5  ? CE1 ? A HIS 7   CE1 
6  1 Y 1 A HIS -5  ? NE2 ? A HIS 7   NE2 
7  1 Y 1 A HIS -2  ? CG  ? A HIS 10  CG  
8  1 Y 1 A HIS -2  ? ND1 ? A HIS 10  ND1 
9  1 Y 1 A HIS -2  ? CD2 ? A HIS 10  CD2 
10 1 Y 1 A HIS -2  ? CE1 ? A HIS 10  CE1 
11 1 Y 1 A HIS -2  ? NE2 ? A HIS 10  NE2 
12 1 Y 1 A HIS -1  ? CG  ? A HIS 11  CG  
13 1 Y 1 A HIS -1  ? ND1 ? A HIS 11  ND1 
14 1 Y 1 A HIS -1  ? CD2 ? A HIS 11  CD2 
15 1 Y 1 A HIS -1  ? CE1 ? A HIS 11  CE1 
16 1 Y 1 A HIS -1  ? NE2 ? A HIS 11  NE2 
17 1 Y 1 A LYS 36  ? NZ  ? A LYS 42  NZ  
18 1 Y 1 A LYS 46  ? CD  ? A LYS 52  CD  
19 1 Y 1 A LYS 46  ? CE  ? A LYS 52  CE  
20 1 Y 1 A LYS 46  ? NZ  ? A LYS 52  NZ  
21 1 Y 1 A LYS 63  ? CB  ? A LYS 69  CB  
22 1 Y 1 A LYS 63  ? CG  ? A LYS 69  CG  
23 1 Y 1 A LYS 63  ? CD  ? A LYS 69  CD  
24 1 Y 1 A LYS 63  ? CE  ? A LYS 69  CE  
25 1 Y 1 A LYS 63  ? NZ  ? A LYS 69  NZ  
26 1 Y 1 A LYS 74  ? CE  ? A LYS 80  CE  
27 1 Y 1 A LYS 74  ? NZ  ? A LYS 80  NZ  
28 1 Y 1 A LYS 98  ? CG  ? A LYS 104 CG  
29 1 Y 1 A LYS 98  ? CD  ? A LYS 104 CD  
30 1 Y 1 A LYS 98  ? CE  ? A LYS 104 CE  
31 1 Y 1 A LYS 98  ? NZ  ? A LYS 104 NZ  
32 1 Y 1 A GLU 102 ? CD  ? A GLU 108 CD  
33 1 Y 1 A GLU 102 ? OE1 ? A GLU 108 OE1 
34 1 Y 1 A GLU 102 ? OE2 ? A GLU 108 OE2 
35 1 Y 1 A LYS 125 ? CD  ? A LYS 131 CD  
36 1 Y 1 A LYS 125 ? CE  ? A LYS 131 CE  
37 1 Y 1 A LYS 125 ? NZ  ? A LYS 131 NZ  
38 1 Y 1 A LYS 153 ? CE  ? A LYS 159 CE  
39 1 Y 1 A LYS 153 ? NZ  ? A LYS 159 NZ  
40 1 Y 1 A LYS 158 ? CD  ? A LYS 164 CD  
41 1 Y 1 A LYS 158 ? CE  ? A LYS 164 CE  
42 1 Y 1 A LYS 158 ? NZ  ? A LYS 164 NZ  
# 
loop_
_pdbx_unobs_or_zero_occ_residues.id 
_pdbx_unobs_or_zero_occ_residues.PDB_model_num 
_pdbx_unobs_or_zero_occ_residues.polymer_flag 
_pdbx_unobs_or_zero_occ_residues.occupancy_flag 
_pdbx_unobs_or_zero_occ_residues.auth_asym_id 
_pdbx_unobs_or_zero_occ_residues.auth_comp_id 
_pdbx_unobs_or_zero_occ_residues.auth_seq_id 
_pdbx_unobs_or_zero_occ_residues.PDB_ins_code 
_pdbx_unobs_or_zero_occ_residues.label_asym_id 
_pdbx_unobs_or_zero_occ_residues.label_comp_id 
_pdbx_unobs_or_zero_occ_residues.label_seq_id 
1  1 Y 1 A MET -11 ? A MET 1   
2  1 Y 1 A GLY -10 ? A GLY 2   
3  1 Y 1 A SER -9  ? A SER 3   
4  1 Y 1 A ASP -8  ? A ASP 4   
5  1 Y 1 A LYS -7  ? A LYS 5   
6  1 Y 1 A ILE -6  ? A ILE 6   
7  1 Y 1 A GLU 58  ? A GLU 64  
8  1 Y 1 A GLU 59  ? A GLU 65  
9  1 Y 1 A GLU 60  ? A GLU 66  
10 1 Y 1 A ALA 61  ? A ALA 67  
11 1 Y 1 A THR 95  ? A THR 101 
12 1 Y 1 A ARG 96  ? A ARG 102 
13 1 Y 1 A SER 97  ? A SER 103 
14 1 Y 1 A ASP 173 ? A ASP 179 
15 1 Y 1 A ARG 174 ? A ARG 180 
16 1 Y 1 A GLN 175 ? A GLN 181 
17 1 Y 1 A GLU 176 ? A GLU 182 
18 1 Y 1 A SER 177 ? A SER 183 
19 1 Y 1 A ARG 178 ? A ARG 184 
20 1 Y 1 A PRO 179 ? A PRO 185 
21 1 Y 1 A GLY 180 ? A GLY 186 
22 1 Y 1 A GLU 181 ? A GLU 187 
23 1 Y 1 A TRP 182 ? A TRP 188 
24 1 Y 1 A LEU 183 ? A LEU 189 
25 1 Y 1 A ALA 184 ? A ALA 190 
26 1 Y 1 A ARG 185 ? A ARG 191 
27 1 Y 1 A LYS 186 ? A LYS 192 
28 1 Y 1 A PHE 187 ? A PHE 193 
29 1 Y 1 A PHE 188 ? A PHE 194 
30 1 Y 1 A GLY 189 ? A GLY 195 
31 1 Y 1 A SER 190 ? A SER 196 
32 1 Y 1 A LEU 191 ? A LEU 197 
33 1 Y 1 A PRO 192 ? A PRO 198 
34 1 Y 1 A ARG 237 ? A ARG 243 
35 1 Y 1 A ASP 238 ? A ASP 244 
36 1 Y 1 A VAL 239 ? A VAL 245 
37 1 Y 1 A PRO 240 ? A PRO 246 
38 1 Y 1 A LYS 241 ? A LYS 247 
39 1 Y 1 A LEU 242 ? A LEU 248 
# 
loop_
_chem_comp_atom.comp_id 
_chem_comp_atom.atom_id 
_chem_comp_atom.type_symbol 
_chem_comp_atom.pdbx_aromatic_flag 
_chem_comp_atom.pdbx_stereo_config 
_chem_comp_atom.pdbx_ordinal 
ALA N    N N N 1   
ALA CA   C N S 2   
ALA C    C N N 3   
ALA O    O N N 4   
ALA CB   C N N 5   
ALA OXT  O N N 6   
ALA H    H N N 7   
ALA H2   H N N 8   
ALA HA   H N N 9   
ALA HB1  H N N 10  
ALA HB2  H N N 11  
ALA HB3  H N N 12  
ALA HXT  H N N 13  
ARG N    N N N 14  
ARG CA   C N S 15  
ARG C    C N N 16  
ARG O    O N N 17  
ARG CB   C N N 18  
ARG CG   C N N 19  
ARG CD   C N N 20  
ARG NE   N N N 21  
ARG CZ   C N N 22  
ARG NH1  N N N 23  
ARG NH2  N N N 24  
ARG OXT  O N N 25  
ARG H    H N N 26  
ARG H2   H N N 27  
ARG HA   H N N 28  
ARG HB2  H N N 29  
ARG HB3  H N N 30  
ARG HG2  H N N 31  
ARG HG3  H N N 32  
ARG HD2  H N N 33  
ARG HD3  H N N 34  
ARG HE   H N N 35  
ARG HH11 H N N 36  
ARG HH12 H N N 37  
ARG HH21 H N N 38  
ARG HH22 H N N 39  
ARG HXT  H N N 40  
ASN N    N N N 41  
ASN CA   C N S 42  
ASN C    C N N 43  
ASN O    O N N 44  
ASN CB   C N N 45  
ASN CG   C N N 46  
ASN OD1  O N N 47  
ASN ND2  N N N 48  
ASN OXT  O N N 49  
ASN H    H N N 50  
ASN H2   H N N 51  
ASN HA   H N N 52  
ASN HB2  H N N 53  
ASN HB3  H N N 54  
ASN HD21 H N N 55  
ASN HD22 H N N 56  
ASN HXT  H N N 57  
ASP N    N N N 58  
ASP CA   C N S 59  
ASP C    C N N 60  
ASP O    O N N 61  
ASP CB   C N N 62  
ASP CG   C N N 63  
ASP OD1  O N N 64  
ASP OD2  O N N 65  
ASP OXT  O N N 66  
ASP H    H N N 67  
ASP H2   H N N 68  
ASP HA   H N N 69  
ASP HB2  H N N 70  
ASP HB3  H N N 71  
ASP HD2  H N N 72  
ASP HXT  H N N 73  
CYS N    N N N 74  
CYS CA   C N R 75  
CYS C    C N N 76  
CYS O    O N N 77  
CYS CB   C N N 78  
CYS SG   S N N 79  
CYS OXT  O N N 80  
CYS H    H N N 81  
CYS H2   H N N 82  
CYS HA   H N N 83  
CYS HB2  H N N 84  
CYS HB3  H N N 85  
CYS HG   H N N 86  
CYS HXT  H N N 87  
EDO C1   C N N 88  
EDO O1   O N N 89  
EDO C2   C N N 90  
EDO O2   O N N 91  
EDO H11  H N N 92  
EDO H12  H N N 93  
EDO HO1  H N N 94  
EDO H21  H N N 95  
EDO H22  H N N 96  
EDO HO2  H N N 97  
GLN N    N N N 98  
GLN CA   C N S 99  
GLN C    C N N 100 
GLN O    O N N 101 
GLN CB   C N N 102 
GLN CG   C N N 103 
GLN CD   C N N 104 
GLN OE1  O N N 105 
GLN NE2  N N N 106 
GLN OXT  O N N 107 
GLN H    H N N 108 
GLN H2   H N N 109 
GLN HA   H N N 110 
GLN HB2  H N N 111 
GLN HB3  H N N 112 
GLN HG2  H N N 113 
GLN HG3  H N N 114 
GLN HE21 H N N 115 
GLN HE22 H N N 116 
GLN HXT  H N N 117 
GLU N    N N N 118 
GLU CA   C N S 119 
GLU C    C N N 120 
GLU O    O N N 121 
GLU CB   C N N 122 
GLU CG   C N N 123 
GLU CD   C N N 124 
GLU OE1  O N N 125 
GLU OE2  O N N 126 
GLU OXT  O N N 127 
GLU H    H N N 128 
GLU H2   H N N 129 
GLU HA   H N N 130 
GLU HB2  H N N 131 
GLU HB3  H N N 132 
GLU HG2  H N N 133 
GLU HG3  H N N 134 
GLU HE2  H N N 135 
GLU HXT  H N N 136 
GLY N    N N N 137 
GLY CA   C N N 138 
GLY C    C N N 139 
GLY O    O N N 140 
GLY OXT  O N N 141 
GLY H    H N N 142 
GLY H2   H N N 143 
GLY HA2  H N N 144 
GLY HA3  H N N 145 
GLY HXT  H N N 146 
HIS N    N N N 147 
HIS CA   C N S 148 
HIS C    C N N 149 
HIS O    O N N 150 
HIS CB   C N N 151 
HIS CG   C Y N 152 
HIS ND1  N Y N 153 
HIS CD2  C Y N 154 
HIS CE1  C Y N 155 
HIS NE2  N Y N 156 
HIS OXT  O N N 157 
HIS H    H N N 158 
HIS H2   H N N 159 
HIS HA   H N N 160 
HIS HB2  H N N 161 
HIS HB3  H N N 162 
HIS HD1  H N N 163 
HIS HD2  H N N 164 
HIS HE1  H N N 165 
HIS HE2  H N N 166 
HIS HXT  H N N 167 
HOH O    O N N 168 
HOH H1   H N N 169 
HOH H2   H N N 170 
ILE N    N N N 171 
ILE CA   C N S 172 
ILE C    C N N 173 
ILE O    O N N 174 
ILE CB   C N S 175 
ILE CG1  C N N 176 
ILE CG2  C N N 177 
ILE CD1  C N N 178 
ILE OXT  O N N 179 
ILE H    H N N 180 
ILE H2   H N N 181 
ILE HA   H N N 182 
ILE HB   H N N 183 
ILE HG12 H N N 184 
ILE HG13 H N N 185 
ILE HG21 H N N 186 
ILE HG22 H N N 187 
ILE HG23 H N N 188 
ILE HD11 H N N 189 
ILE HD12 H N N 190 
ILE HD13 H N N 191 
ILE HXT  H N N 192 
LEU N    N N N 193 
LEU CA   C N S 194 
LEU C    C N N 195 
LEU O    O N N 196 
LEU CB   C N N 197 
LEU CG   C N N 198 
LEU CD1  C N N 199 
LEU CD2  C N N 200 
LEU OXT  O N N 201 
LEU H    H N N 202 
LEU H2   H N N 203 
LEU HA   H N N 204 
LEU HB2  H N N 205 
LEU HB3  H N N 206 
LEU HG   H N N 207 
LEU HD11 H N N 208 
LEU HD12 H N N 209 
LEU HD13 H N N 210 
LEU HD21 H N N 211 
LEU HD22 H N N 212 
LEU HD23 H N N 213 
LEU HXT  H N N 214 
LYS N    N N N 215 
LYS CA   C N S 216 
LYS C    C N N 217 
LYS O    O N N 218 
LYS CB   C N N 219 
LYS CG   C N N 220 
LYS CD   C N N 221 
LYS CE   C N N 222 
LYS NZ   N N N 223 
LYS OXT  O N N 224 
LYS H    H N N 225 
LYS H2   H N N 226 
LYS HA   H N N 227 
LYS HB2  H N N 228 
LYS HB3  H N N 229 
LYS HG2  H N N 230 
LYS HG3  H N N 231 
LYS HD2  H N N 232 
LYS HD3  H N N 233 
LYS HE2  H N N 234 
LYS HE3  H N N 235 
LYS HZ1  H N N 236 
LYS HZ2  H N N 237 
LYS HZ3  H N N 238 
LYS HXT  H N N 239 
MET N    N N N 240 
MET CA   C N S 241 
MET C    C N N 242 
MET O    O N N 243 
MET CB   C N N 244 
MET CG   C N N 245 
MET SD   S N N 246 
MET CE   C N N 247 
MET OXT  O N N 248 
MET H    H N N 249 
MET H2   H N N 250 
MET HA   H N N 251 
MET HB2  H N N 252 
MET HB3  H N N 253 
MET HG2  H N N 254 
MET HG3  H N N 255 
MET HE1  H N N 256 
MET HE2  H N N 257 
MET HE3  H N N 258 
MET HXT  H N N 259 
PHE N    N N N 260 
PHE CA   C N S 261 
PHE C    C N N 262 
PHE O    O N N 263 
PHE CB   C N N 264 
PHE CG   C Y N 265 
PHE CD1  C Y N 266 
PHE CD2  C Y N 267 
PHE CE1  C Y N 268 
PHE CE2  C Y N 269 
PHE CZ   C Y N 270 
PHE OXT  O N N 271 
PHE H    H N N 272 
PHE H2   H N N 273 
PHE HA   H N N 274 
PHE HB2  H N N 275 
PHE HB3  H N N 276 
PHE HD1  H N N 277 
PHE HD2  H N N 278 
PHE HE1  H N N 279 
PHE HE2  H N N 280 
PHE HZ   H N N 281 
PHE HXT  H N N 282 
PRO N    N N N 283 
PRO CA   C N S 284 
PRO C    C N N 285 
PRO O    O N N 286 
PRO CB   C N N 287 
PRO CG   C N N 288 
PRO CD   C N N 289 
PRO OXT  O N N 290 
PRO H    H N N 291 
PRO HA   H N N 292 
PRO HB2  H N N 293 
PRO HB3  H N N 294 
PRO HG2  H N N 295 
PRO HG3  H N N 296 
PRO HD2  H N N 297 
PRO HD3  H N N 298 
PRO HXT  H N N 299 
SER N    N N N 300 
SER CA   C N S 301 
SER C    C N N 302 
SER O    O N N 303 
SER CB   C N N 304 
SER OG   O N N 305 
SER OXT  O N N 306 
SER H    H N N 307 
SER H2   H N N 308 
SER HA   H N N 309 
SER HB2  H N N 310 
SER HB3  H N N 311 
SER HG   H N N 312 
SER HXT  H N N 313 
THR N    N N N 314 
THR CA   C N S 315 
THR C    C N N 316 
THR O    O N N 317 
THR CB   C N R 318 
THR OG1  O N N 319 
THR CG2  C N N 320 
THR OXT  O N N 321 
THR H    H N N 322 
THR H2   H N N 323 
THR HA   H N N 324 
THR HB   H N N 325 
THR HG1  H N N 326 
THR HG21 H N N 327 
THR HG22 H N N 328 
THR HG23 H N N 329 
THR HXT  H N N 330 
TRP N    N N N 331 
TRP CA   C N S 332 
TRP C    C N N 333 
TRP O    O N N 334 
TRP CB   C N N 335 
TRP CG   C Y N 336 
TRP CD1  C Y N 337 
TRP CD2  C Y N 338 
TRP NE1  N Y N 339 
TRP CE2  C Y N 340 
TRP CE3  C Y N 341 
TRP CZ2  C Y N 342 
TRP CZ3  C Y N 343 
TRP CH2  C Y N 344 
TRP OXT  O N N 345 
TRP H    H N N 346 
TRP H2   H N N 347 
TRP HA   H N N 348 
TRP HB2  H N N 349 
TRP HB3  H N N 350 
TRP HD1  H N N 351 
TRP HE1  H N N 352 
TRP HE3  H N N 353 
TRP HZ2  H N N 354 
TRP HZ3  H N N 355 
TRP HH2  H N N 356 
TRP HXT  H N N 357 
TYR N    N N N 358 
TYR CA   C N S 359 
TYR C    C N N 360 
TYR O    O N N 361 
TYR CB   C N N 362 
TYR CG   C Y N 363 
TYR CD1  C Y N 364 
TYR CD2  C Y N 365 
TYR CE1  C Y N 366 
TYR CE2  C Y N 367 
TYR CZ   C Y N 368 
TYR OH   O N N 369 
TYR OXT  O N N 370 
TYR H    H N N 371 
TYR H2   H N N 372 
TYR HA   H N N 373 
TYR HB2  H N N 374 
TYR HB3  H N N 375 
TYR HD1  H N N 376 
TYR HD2  H N N 377 
TYR HE1  H N N 378 
TYR HE2  H N N 379 
TYR HH   H N N 380 
TYR HXT  H N N 381 
VAL N    N N N 382 
VAL CA   C N S 383 
VAL C    C N N 384 
VAL O    O N N 385 
VAL CB   C N N 386 
VAL CG1  C N N 387 
VAL CG2  C N N 388 
VAL OXT  O N N 389 
VAL H    H N N 390 
VAL H2   H N N 391 
VAL HA   H N N 392 
VAL HB   H N N 393 
VAL HG11 H N N 394 
VAL HG12 H N N 395 
VAL HG13 H N N 396 
VAL HG21 H N N 397 
VAL HG22 H N N 398 
VAL HG23 H N N 399 
VAL HXT  H N N 400 
# 
loop_
_chem_comp_bond.comp_id 
_chem_comp_bond.atom_id_1 
_chem_comp_bond.atom_id_2 
_chem_comp_bond.value_order 
_chem_comp_bond.pdbx_aromatic_flag 
_chem_comp_bond.pdbx_stereo_config 
_chem_comp_bond.pdbx_ordinal 
ALA N   CA   sing N N 1   
ALA N   H    sing N N 2   
ALA N   H2   sing N N 3   
ALA CA  C    sing N N 4   
ALA CA  CB   sing N N 5   
ALA CA  HA   sing N N 6   
ALA C   O    doub N N 7   
ALA C   OXT  sing N N 8   
ALA CB  HB1  sing N N 9   
ALA CB  HB2  sing N N 10  
ALA CB  HB3  sing N N 11  
ALA OXT HXT  sing N N 12  
ARG N   CA   sing N N 13  
ARG N   H    sing N N 14  
ARG N   H2   sing N N 15  
ARG CA  C    sing N N 16  
ARG CA  CB   sing N N 17  
ARG CA  HA   sing N N 18  
ARG C   O    doub N N 19  
ARG C   OXT  sing N N 20  
ARG CB  CG   sing N N 21  
ARG CB  HB2  sing N N 22  
ARG CB  HB3  sing N N 23  
ARG CG  CD   sing N N 24  
ARG CG  HG2  sing N N 25  
ARG CG  HG3  sing N N 26  
ARG CD  NE   sing N N 27  
ARG CD  HD2  sing N N 28  
ARG CD  HD3  sing N N 29  
ARG NE  CZ   sing N N 30  
ARG NE  HE   sing N N 31  
ARG CZ  NH1  sing N N 32  
ARG CZ  NH2  doub N N 33  
ARG NH1 HH11 sing N N 34  
ARG NH1 HH12 sing N N 35  
ARG NH2 HH21 sing N N 36  
ARG NH2 HH22 sing N N 37  
ARG OXT HXT  sing N N 38  
ASN N   CA   sing N N 39  
ASN N   H    sing N N 40  
ASN N   H2   sing N N 41  
ASN CA  C    sing N N 42  
ASN CA  CB   sing N N 43  
ASN CA  HA   sing N N 44  
ASN C   O    doub N N 45  
ASN C   OXT  sing N N 46  
ASN CB  CG   sing N N 47  
ASN CB  HB2  sing N N 48  
ASN CB  HB3  sing N N 49  
ASN CG  OD1  doub N N 50  
ASN CG  ND2  sing N N 51  
ASN ND2 HD21 sing N N 52  
ASN ND2 HD22 sing N N 53  
ASN OXT HXT  sing N N 54  
ASP N   CA   sing N N 55  
ASP N   H    sing N N 56  
ASP N   H2   sing N N 57  
ASP CA  C    sing N N 58  
ASP CA  CB   sing N N 59  
ASP CA  HA   sing N N 60  
ASP C   O    doub N N 61  
ASP C   OXT  sing N N 62  
ASP CB  CG   sing N N 63  
ASP CB  HB2  sing N N 64  
ASP CB  HB3  sing N N 65  
ASP CG  OD1  doub N N 66  
ASP CG  OD2  sing N N 67  
ASP OD2 HD2  sing N N 68  
ASP OXT HXT  sing N N 69  
CYS N   CA   sing N N 70  
CYS N   H    sing N N 71  
CYS N   H2   sing N N 72  
CYS CA  C    sing N N 73  
CYS CA  CB   sing N N 74  
CYS CA  HA   sing N N 75  
CYS C   O    doub N N 76  
CYS C   OXT  sing N N 77  
CYS CB  SG   sing N N 78  
CYS CB  HB2  sing N N 79  
CYS CB  HB3  sing N N 80  
CYS SG  HG   sing N N 81  
CYS OXT HXT  sing N N 82  
EDO C1  O1   sing N N 83  
EDO C1  C2   sing N N 84  
EDO C1  H11  sing N N 85  
EDO C1  H12  sing N N 86  
EDO O1  HO1  sing N N 87  
EDO C2  O2   sing N N 88  
EDO C2  H21  sing N N 89  
EDO C2  H22  sing N N 90  
EDO O2  HO2  sing N N 91  
GLN N   CA   sing N N 92  
GLN N   H    sing N N 93  
GLN N   H2   sing N N 94  
GLN CA  C    sing N N 95  
GLN CA  CB   sing N N 96  
GLN CA  HA   sing N N 97  
GLN C   O    doub N N 98  
GLN C   OXT  sing N N 99  
GLN CB  CG   sing N N 100 
GLN CB  HB2  sing N N 101 
GLN CB  HB3  sing N N 102 
GLN CG  CD   sing N N 103 
GLN CG  HG2  sing N N 104 
GLN CG  HG3  sing N N 105 
GLN CD  OE1  doub N N 106 
GLN CD  NE2  sing N N 107 
GLN NE2 HE21 sing N N 108 
GLN NE2 HE22 sing N N 109 
GLN OXT HXT  sing N N 110 
GLU N   CA   sing N N 111 
GLU N   H    sing N N 112 
GLU N   H2   sing N N 113 
GLU CA  C    sing N N 114 
GLU CA  CB   sing N N 115 
GLU CA  HA   sing N N 116 
GLU C   O    doub N N 117 
GLU C   OXT  sing N N 118 
GLU CB  CG   sing N N 119 
GLU CB  HB2  sing N N 120 
GLU CB  HB3  sing N N 121 
GLU CG  CD   sing N N 122 
GLU CG  HG2  sing N N 123 
GLU CG  HG3  sing N N 124 
GLU CD  OE1  doub N N 125 
GLU CD  OE2  sing N N 126 
GLU OE2 HE2  sing N N 127 
GLU OXT HXT  sing N N 128 
GLY N   CA   sing N N 129 
GLY N   H    sing N N 130 
GLY N   H2   sing N N 131 
GLY CA  C    sing N N 132 
GLY CA  HA2  sing N N 133 
GLY CA  HA3  sing N N 134 
GLY C   O    doub N N 135 
GLY C   OXT  sing N N 136 
GLY OXT HXT  sing N N 137 
HIS N   CA   sing N N 138 
HIS N   H    sing N N 139 
HIS N   H2   sing N N 140 
HIS CA  C    sing N N 141 
HIS CA  CB   sing N N 142 
HIS CA  HA   sing N N 143 
HIS C   O    doub N N 144 
HIS C   OXT  sing N N 145 
HIS CB  CG   sing N N 146 
HIS CB  HB2  sing N N 147 
HIS CB  HB3  sing N N 148 
HIS CG  ND1  sing Y N 149 
HIS CG  CD2  doub Y N 150 
HIS ND1 CE1  doub Y N 151 
HIS ND1 HD1  sing N N 152 
HIS CD2 NE2  sing Y N 153 
HIS CD2 HD2  sing N N 154 
HIS CE1 NE2  sing Y N 155 
HIS CE1 HE1  sing N N 156 
HIS NE2 HE2  sing N N 157 
HIS OXT HXT  sing N N 158 
HOH O   H1   sing N N 159 
HOH O   H2   sing N N 160 
ILE N   CA   sing N N 161 
ILE N   H    sing N N 162 
ILE N   H2   sing N N 163 
ILE CA  C    sing N N 164 
ILE CA  CB   sing N N 165 
ILE CA  HA   sing N N 166 
ILE C   O    doub N N 167 
ILE C   OXT  sing N N 168 
ILE CB  CG1  sing N N 169 
ILE CB  CG2  sing N N 170 
ILE CB  HB   sing N N 171 
ILE CG1 CD1  sing N N 172 
ILE CG1 HG12 sing N N 173 
ILE CG1 HG13 sing N N 174 
ILE CG2 HG21 sing N N 175 
ILE CG2 HG22 sing N N 176 
ILE CG2 HG23 sing N N 177 
ILE CD1 HD11 sing N N 178 
ILE CD1 HD12 sing N N 179 
ILE CD1 HD13 sing N N 180 
ILE OXT HXT  sing N N 181 
LEU N   CA   sing N N 182 
LEU N   H    sing N N 183 
LEU N   H2   sing N N 184 
LEU CA  C    sing N N 185 
LEU CA  CB   sing N N 186 
LEU CA  HA   sing N N 187 
LEU C   O    doub N N 188 
LEU C   OXT  sing N N 189 
LEU CB  CG   sing N N 190 
LEU CB  HB2  sing N N 191 
LEU CB  HB3  sing N N 192 
LEU CG  CD1  sing N N 193 
LEU CG  CD2  sing N N 194 
LEU CG  HG   sing N N 195 
LEU CD1 HD11 sing N N 196 
LEU CD1 HD12 sing N N 197 
LEU CD1 HD13 sing N N 198 
LEU CD2 HD21 sing N N 199 
LEU CD2 HD22 sing N N 200 
LEU CD2 HD23 sing N N 201 
LEU OXT HXT  sing N N 202 
LYS N   CA   sing N N 203 
LYS N   H    sing N N 204 
LYS N   H2   sing N N 205 
LYS CA  C    sing N N 206 
LYS CA  CB   sing N N 207 
LYS CA  HA   sing N N 208 
LYS C   O    doub N N 209 
LYS C   OXT  sing N N 210 
LYS CB  CG   sing N N 211 
LYS CB  HB2  sing N N 212 
LYS CB  HB3  sing N N 213 
LYS CG  CD   sing N N 214 
LYS CG  HG2  sing N N 215 
LYS CG  HG3  sing N N 216 
LYS CD  CE   sing N N 217 
LYS CD  HD2  sing N N 218 
LYS CD  HD3  sing N N 219 
LYS CE  NZ   sing N N 220 
LYS CE  HE2  sing N N 221 
LYS CE  HE3  sing N N 222 
LYS NZ  HZ1  sing N N 223 
LYS NZ  HZ2  sing N N 224 
LYS NZ  HZ3  sing N N 225 
LYS OXT HXT  sing N N 226 
MET N   CA   sing N N 227 
MET N   H    sing N N 228 
MET N   H2   sing N N 229 
MET CA  C    sing N N 230 
MET CA  CB   sing N N 231 
MET CA  HA   sing N N 232 
MET C   O    doub N N 233 
MET C   OXT  sing N N 234 
MET CB  CG   sing N N 235 
MET CB  HB2  sing N N 236 
MET CB  HB3  sing N N 237 
MET CG  SD   sing N N 238 
MET CG  HG2  sing N N 239 
MET CG  HG3  sing N N 240 
MET SD  CE   sing N N 241 
MET CE  HE1  sing N N 242 
MET CE  HE2  sing N N 243 
MET CE  HE3  sing N N 244 
MET OXT HXT  sing N N 245 
PHE N   CA   sing N N 246 
PHE N   H    sing N N 247 
PHE N   H2   sing N N 248 
PHE CA  C    sing N N 249 
PHE CA  CB   sing N N 250 
PHE CA  HA   sing N N 251 
PHE C   O    doub N N 252 
PHE C   OXT  sing N N 253 
PHE CB  CG   sing N N 254 
PHE CB  HB2  sing N N 255 
PHE CB  HB3  sing N N 256 
PHE CG  CD1  doub Y N 257 
PHE CG  CD2  sing Y N 258 
PHE CD1 CE1  sing Y N 259 
PHE CD1 HD1  sing N N 260 
PHE CD2 CE2  doub Y N 261 
PHE CD2 HD2  sing N N 262 
PHE CE1 CZ   doub Y N 263 
PHE CE1 HE1  sing N N 264 
PHE CE2 CZ   sing Y N 265 
PHE CE2 HE2  sing N N 266 
PHE CZ  HZ   sing N N 267 
PHE OXT HXT  sing N N 268 
PRO N   CA   sing N N 269 
PRO N   CD   sing N N 270 
PRO N   H    sing N N 271 
PRO CA  C    sing N N 272 
PRO CA  CB   sing N N 273 
PRO CA  HA   sing N N 274 
PRO C   O    doub N N 275 
PRO C   OXT  sing N N 276 
PRO CB  CG   sing N N 277 
PRO CB  HB2  sing N N 278 
PRO CB  HB3  sing N N 279 
PRO CG  CD   sing N N 280 
PRO CG  HG2  sing N N 281 
PRO CG  HG3  sing N N 282 
PRO CD  HD2  sing N N 283 
PRO CD  HD3  sing N N 284 
PRO OXT HXT  sing N N 285 
SER N   CA   sing N N 286 
SER N   H    sing N N 287 
SER N   H2   sing N N 288 
SER CA  C    sing N N 289 
SER CA  CB   sing N N 290 
SER CA  HA   sing N N 291 
SER C   O    doub N N 292 
SER C   OXT  sing N N 293 
SER CB  OG   sing N N 294 
SER CB  HB2  sing N N 295 
SER CB  HB3  sing N N 296 
SER OG  HG   sing N N 297 
SER OXT HXT  sing N N 298 
THR N   CA   sing N N 299 
THR N   H    sing N N 300 
THR N   H2   sing N N 301 
THR CA  C    sing N N 302 
THR CA  CB   sing N N 303 
THR CA  HA   sing N N 304 
THR C   O    doub N N 305 
THR C   OXT  sing N N 306 
THR CB  OG1  sing N N 307 
THR CB  CG2  sing N N 308 
THR CB  HB   sing N N 309 
THR OG1 HG1  sing N N 310 
THR CG2 HG21 sing N N 311 
THR CG2 HG22 sing N N 312 
THR CG2 HG23 sing N N 313 
THR OXT HXT  sing N N 314 
TRP N   CA   sing N N 315 
TRP N   H    sing N N 316 
TRP N   H2   sing N N 317 
TRP CA  C    sing N N 318 
TRP CA  CB   sing N N 319 
TRP CA  HA   sing N N 320 
TRP C   O    doub N N 321 
TRP C   OXT  sing N N 322 
TRP CB  CG   sing N N 323 
TRP CB  HB2  sing N N 324 
TRP CB  HB3  sing N N 325 
TRP CG  CD1  doub Y N 326 
TRP CG  CD2  sing Y N 327 
TRP CD1 NE1  sing Y N 328 
TRP CD1 HD1  sing N N 329 
TRP CD2 CE2  doub Y N 330 
TRP CD2 CE3  sing Y N 331 
TRP NE1 CE2  sing Y N 332 
TRP NE1 HE1  sing N N 333 
TRP CE2 CZ2  sing Y N 334 
TRP CE3 CZ3  doub Y N 335 
TRP CE3 HE3  sing N N 336 
TRP CZ2 CH2  doub Y N 337 
TRP CZ2 HZ2  sing N N 338 
TRP CZ3 CH2  sing Y N 339 
TRP CZ3 HZ3  sing N N 340 
TRP CH2 HH2  sing N N 341 
TRP OXT HXT  sing N N 342 
TYR N   CA   sing N N 343 
TYR N   H    sing N N 344 
TYR N   H2   sing N N 345 
TYR CA  C    sing N N 346 
TYR CA  CB   sing N N 347 
TYR CA  HA   sing N N 348 
TYR C   O    doub N N 349 
TYR C   OXT  sing N N 350 
TYR CB  CG   sing N N 351 
TYR CB  HB2  sing N N 352 
TYR CB  HB3  sing N N 353 
TYR CG  CD1  doub Y N 354 
TYR CG  CD2  sing Y N 355 
TYR CD1 CE1  sing Y N 356 
TYR CD1 HD1  sing N N 357 
TYR CD2 CE2  doub Y N 358 
TYR CD2 HD2  sing N N 359 
TYR CE1 CZ   doub Y N 360 
TYR CE1 HE1  sing N N 361 
TYR CE2 CZ   sing Y N 362 
TYR CE2 HE2  sing N N 363 
TYR CZ  OH   sing N N 364 
TYR OH  HH   sing N N 365 
TYR OXT HXT  sing N N 366 
VAL N   CA   sing N N 367 
VAL N   H    sing N N 368 
VAL N   H2   sing N N 369 
VAL CA  C    sing N N 370 
VAL CA  CB   sing N N 371 
VAL CA  HA   sing N N 372 
VAL C   O    doub N N 373 
VAL C   OXT  sing N N 374 
VAL CB  CG1  sing N N 375 
VAL CB  CG2  sing N N 376 
VAL CB  HB   sing N N 377 
VAL CG1 HG11 sing N N 378 
VAL CG1 HG12 sing N N 379 
VAL CG1 HG13 sing N N 380 
VAL CG2 HG21 sing N N 381 
VAL CG2 HG22 sing N N 382 
VAL CG2 HG23 sing N N 383 
VAL OXT HXT  sing N N 384 
# 
loop_
_pdbx_entity_nonpoly.entity_id 
_pdbx_entity_nonpoly.name 
_pdbx_entity_nonpoly.comp_id 
2 1,2-ETHANEDIOL EDO 
3 water          HOH 
# 
_pdbx_initial_refinement_model.id               1 
_pdbx_initial_refinement_model.entity_id_list   ? 
_pdbx_initial_refinement_model.type             'experimental model' 
_pdbx_initial_refinement_model.source_name      PDB 
_pdbx_initial_refinement_model.accession_code   2BKA 
_pdbx_initial_refinement_model.details          'pdb entry 2BKA' 
# 
loop_
_pdbx_struct_assembly_auth_evidence.id 
_pdbx_struct_assembly_auth_evidence.assembly_id 
_pdbx_struct_assembly_auth_evidence.experimental_support 
_pdbx_struct_assembly_auth_evidence.details 
1 1 'gel filtration'   ? 
2 1 'light scattering' ? 
# 
